data_8GB2
#
_entry.id   8GB2
#
_cell.length_a   202.574
_cell.length_b   81.884
_cell.length_c   154.026
_cell.angle_alpha   90.00
_cell.angle_beta   118.52
_cell.angle_gamma   90.00
#
_symmetry.space_group_name_H-M   'C 1 2 1'
#
loop_
_entity.id
_entity.type
_entity.pdbx_description
1 polymer 'Deoxynucleoside triphosphate triphosphohydrolase SAMHD1'
2 non-polymer 'FE (III) ION'
3 water water
#
_entity_poly.entity_id   1
_entity_poly.type   'polypeptide(L)'
_entity_poly.pdbx_seq_one_letter_code
;SMDTMKVINDPIHGHIELHPLLVRIIDTPQFQRLRYIKQLGGGYYVFPGASHNRFEHSLGVGYLAGCLVHALGEKQPELQ
ISERDVLCVQIAGLCHDLGHGPFSHMFDGRFIPLARPEVKWTHEQGSVMMFEHLINSNGIKPVMEQYGLIPEEDICFIKE
QIVGPLESPVEDSLWPYKGRPENKSFLYEIVSNKRNGIDVDKWDYFARDCHHLGIQNNFDYKRFIKFARVCEVDNELRIC
ARDKEVGNLYDMFHTRNSLHRRAYQHKVGNIIDTMITDAFLKADDYIEITGAGGKKYRISTAIDDMEAYTKLTDNIFLEI
LYSTDPKLKDAREILKQIEYRNLFKYVGETQPTGQIKIKREDYESLPKEVASAKPKVLLDVKLKAEDFIVDVINMDYGMQ
EKNPIDHVSFYCKTAPNRAIRITKNQVSQLLPEKFAEQLIRVYCKKVDRKSLYAARQYFVQWCADRNFTKPQDGDVIAPL
ITPQKKEWNDSTSVQNPTRLREASKSRVQLFKDDPM
;
_entity_poly.pdbx_strand_id   D,A,B,C
#
# COMPACT_ATOMS: atom_id res chain seq x y z
N THR A 4 32.49 -17.19 4.82
CA THR A 4 31.39 -17.20 5.76
C THR A 4 30.18 -16.37 5.32
N MET A 5 30.38 -15.39 4.44
CA MET A 5 29.29 -14.58 3.92
C MET A 5 28.28 -14.29 5.01
N LYS A 6 28.49 -13.26 5.82
CA LYS A 6 27.54 -13.04 6.89
C LYS A 6 26.24 -12.53 6.34
N VAL A 7 25.12 -12.99 6.87
CA VAL A 7 23.84 -12.52 6.41
C VAL A 7 23.21 -11.65 7.50
N ILE A 8 22.70 -10.50 7.10
CA ILE A 8 22.07 -9.58 8.03
C ILE A 8 20.63 -9.38 7.60
N ASN A 9 19.72 -9.29 8.54
CA ASN A 9 18.34 -9.08 8.15
C ASN A 9 18.03 -7.59 8.26
N ASP A 10 17.81 -6.95 7.14
CA ASP A 10 17.51 -5.54 7.03
C ASP A 10 16.01 -5.39 6.80
N PRO A 11 15.42 -4.27 7.25
CA PRO A 11 13.96 -4.12 7.10
C PRO A 11 13.54 -3.73 5.72
N ILE A 12 14.44 -3.22 4.88
CA ILE A 12 14.11 -2.75 3.54
C ILE A 12 14.51 -3.77 2.49
N HIS A 13 15.73 -4.26 2.58
CA HIS A 13 16.31 -5.21 1.65
C HIS A 13 16.21 -6.68 2.08
N GLY A 14 15.63 -6.97 3.24
CA GLY A 14 15.56 -8.37 3.64
C GLY A 14 16.95 -8.89 3.96
N HIS A 15 17.20 -10.16 3.62
CA HIS A 15 18.50 -10.76 3.89
C HIS A 15 19.55 -10.11 3.01
N ILE A 16 20.65 -9.72 3.62
CA ILE A 16 21.73 -9.03 2.97
C ILE A 16 23.03 -9.76 3.20
N GLU A 17 23.55 -10.42 2.15
CA GLU A 17 24.81 -11.15 2.24
C GLU A 17 25.99 -10.19 2.17
N LEU A 18 26.95 -10.40 3.06
CA LEU A 18 28.11 -9.53 3.16
C LEU A 18 29.39 -10.31 3.07
N HIS A 19 30.17 -9.99 2.04
CA HIS A 19 31.45 -10.58 1.81
C HIS A 19 32.36 -10.32 3.01
N PRO A 20 33.36 -11.17 3.21
CA PRO A 20 34.24 -10.98 4.38
C PRO A 20 34.97 -9.66 4.42
N LEU A 21 35.47 -9.17 3.29
CA LEU A 21 36.15 -7.87 3.30
C LEU A 21 35.18 -6.80 3.81
N LEU A 22 33.93 -6.86 3.36
CA LEU A 22 32.95 -5.88 3.79
C LEU A 22 32.78 -5.96 5.30
N VAL A 23 32.86 -7.16 5.86
CA VAL A 23 32.72 -7.28 7.29
C VAL A 23 33.94 -6.70 7.99
N ARG A 24 35.15 -7.13 7.61
CA ARG A 24 36.34 -6.58 8.25
C ARG A 24 36.26 -5.08 8.31
N ILE A 25 35.70 -4.44 7.29
CA ILE A 25 35.56 -2.99 7.35
C ILE A 25 34.49 -2.60 8.38
N ILE A 26 33.26 -3.09 8.21
CA ILE A 26 32.17 -2.76 9.13
C ILE A 26 32.55 -2.94 10.60
N ASP A 27 33.23 -4.02 10.94
CA ASP A 27 33.55 -4.28 12.34
C ASP A 27 34.79 -3.53 12.76
N THR A 28 34.70 -2.22 12.71
CA THR A 28 35.77 -1.34 13.14
C THR A 28 35.17 -0.17 13.92
N PRO A 29 35.96 0.45 14.80
CA PRO A 29 35.43 1.62 15.50
C PRO A 29 35.02 2.69 14.50
N GLN A 30 35.91 2.97 13.57
CA GLN A 30 35.67 3.98 12.56
C GLN A 30 34.34 3.80 11.84
N PHE A 31 33.94 2.56 11.59
CA PHE A 31 32.71 2.35 10.86
C PHE A 31 31.48 2.28 11.73
N GLN A 32 31.62 1.68 12.93
CA GLN A 32 30.50 1.56 13.86
C GLN A 32 30.05 2.92 14.37
N ARG A 33 30.89 3.94 14.17
CA ARG A 33 30.56 5.29 14.54
C ARG A 33 29.21 5.73 14.03
N LEU A 34 28.79 5.25 12.87
CA LEU A 34 27.51 5.68 12.30
C LEU A 34 26.30 5.15 13.07
N ARG A 35 26.51 4.15 13.95
CA ARG A 35 25.42 3.61 14.75
C ARG A 35 24.91 4.65 15.74
N TYR A 36 25.66 5.75 15.88
CA TYR A 36 25.34 6.82 16.79
C TYR A 36 25.19 8.17 16.09
N ILE A 37 24.73 8.19 14.84
CA ILE A 37 24.50 9.42 14.08
C ILE A 37 23.16 9.25 13.40
N LYS A 38 22.12 9.88 13.91
CA LYS A 38 20.82 9.75 13.29
C LYS A 38 20.81 10.28 11.86
N GLN A 39 20.17 9.50 10.97
CA GLN A 39 20.10 9.82 9.55
C GLN A 39 19.40 11.13 9.29
N LEU A 40 18.14 11.23 9.71
CA LEU A 40 17.38 12.45 9.53
C LEU A 40 17.72 13.52 10.60
N GLY A 41 18.71 13.27 11.46
CA GLY A 41 19.12 14.25 12.47
C GLY A 41 18.01 14.68 13.40
N GLY A 42 17.69 15.99 13.38
CA GLY A 42 16.63 16.54 14.21
C GLY A 42 15.24 16.09 13.83
N GLY A 43 15.06 15.37 12.71
CA GLY A 43 13.74 14.91 12.29
C GLY A 43 13.09 13.97 13.26
N TYR A 44 13.89 13.33 14.12
CA TYR A 44 13.33 12.44 15.13
C TYR A 44 12.50 13.24 16.15
N TYR A 45 12.79 14.53 16.33
CA TYR A 45 11.97 15.28 17.29
C TYR A 45 10.68 15.73 16.67
N VAL A 46 10.35 15.21 15.50
CA VAL A 46 9.11 15.53 14.78
C VAL A 46 8.46 14.25 14.24
N PHE A 47 9.28 13.25 13.95
CA PHE A 47 8.78 11.97 13.45
C PHE A 47 9.25 10.86 14.38
N PRO A 48 8.42 10.41 15.34
CA PRO A 48 8.87 9.34 16.23
C PRO A 48 9.46 8.21 15.53
N GLY A 49 9.05 7.94 14.29
CA GLY A 49 9.59 6.78 13.59
C GLY A 49 11.03 6.94 13.11
N ALA A 50 11.55 8.14 13.09
CA ALA A 50 12.88 8.40 12.56
C ALA A 50 14.04 8.11 13.49
N SER A 51 14.02 6.95 14.11
CA SER A 51 15.15 6.59 14.97
C SER A 51 16.32 6.00 14.18
N HIS A 52 16.21 5.85 12.84
CA HIS A 52 17.29 5.21 12.09
C HIS A 52 18.57 6.03 12.06
N ASN A 53 19.69 5.31 12.06
CA ASN A 53 21.02 5.92 12.03
C ASN A 53 21.71 5.61 10.71
N ARG A 54 22.83 6.29 10.47
CA ARG A 54 23.57 6.16 9.23
C ARG A 54 24.19 4.80 9.02
N PHE A 55 24.26 3.97 10.05
CA PHE A 55 24.84 2.63 9.91
C PHE A 55 23.97 1.75 9.02
N GLU A 56 22.70 1.57 9.40
CA GLU A 56 21.82 0.77 8.56
C GLU A 56 21.81 1.31 7.11
N HIS A 57 21.89 2.62 6.92
CA HIS A 57 21.92 3.20 5.58
C HIS A 57 23.13 2.74 4.80
N SER A 58 24.30 2.93 5.40
CA SER A 58 25.54 2.59 4.73
C SER A 58 25.51 1.13 4.29
N LEU A 59 24.94 0.26 5.12
CA LEU A 59 24.83 -1.14 4.72
C LEU A 59 23.90 -1.28 3.53
N GLY A 60 22.73 -0.65 3.59
CA GLY A 60 21.78 -0.72 2.48
C GLY A 60 22.41 -0.26 1.18
N VAL A 61 23.23 0.80 1.24
CA VAL A 61 23.86 1.31 0.02
C VAL A 61 24.88 0.31 -0.49
N GLY A 62 25.64 -0.31 0.40
CA GLY A 62 26.58 -1.32 -0.09
C GLY A 62 25.85 -2.47 -0.77
N TYR A 63 24.73 -2.91 -0.16
CA TYR A 63 23.96 -4.02 -0.73
C TYR A 63 23.42 -3.65 -2.12
N LEU A 64 22.85 -2.45 -2.26
CA LEU A 64 22.31 -2.09 -3.58
C LEU A 64 23.42 -1.86 -4.60
N ALA A 65 24.51 -1.18 -4.21
CA ALA A 65 25.58 -0.94 -5.16
C ALA A 65 26.07 -2.25 -5.76
N GLY A 66 26.24 -3.26 -4.91
CA GLY A 66 26.68 -4.54 -5.41
C GLY A 66 25.61 -5.17 -6.30
N CYS A 67 24.35 -5.11 -5.89
CA CYS A 67 23.28 -5.67 -6.69
C CYS A 67 23.34 -5.08 -8.08
N LEU A 68 23.57 -3.78 -8.17
CA LEU A 68 23.61 -3.12 -9.47
C LEU A 68 24.81 -3.59 -10.31
N VAL A 69 26.05 -3.52 -9.76
CA VAL A 69 27.18 -3.95 -10.59
C VAL A 69 27.06 -5.40 -11.01
N HIS A 70 26.68 -6.27 -10.07
CA HIS A 70 26.59 -7.69 -10.39
C HIS A 70 25.54 -7.94 -11.46
N ALA A 71 24.39 -7.26 -11.37
CA ALA A 71 23.38 -7.47 -12.40
C ALA A 71 23.88 -6.99 -13.75
N LEU A 72 24.54 -5.83 -13.76
CA LEU A 72 25.07 -5.32 -15.02
C LEU A 72 26.05 -6.34 -15.61
N GLY A 73 27.07 -6.69 -14.84
CA GLY A 73 28.06 -7.63 -15.33
C GLY A 73 27.51 -8.96 -15.77
N GLU A 74 26.39 -9.38 -15.19
CA GLU A 74 25.84 -10.67 -15.59
C GLU A 74 25.11 -10.54 -16.92
N LYS A 75 24.40 -9.42 -17.13
CA LYS A 75 23.68 -9.24 -18.38
C LYS A 75 24.55 -8.79 -19.57
N GLN A 76 25.70 -8.14 -19.32
CA GLN A 76 26.58 -7.64 -20.37
C GLN A 76 28.00 -8.05 -20.03
N PRO A 77 28.40 -9.27 -20.41
CA PRO A 77 29.77 -9.74 -20.16
C PRO A 77 30.81 -8.94 -20.86
N GLU A 78 30.41 -8.31 -21.96
CA GLU A 78 31.32 -7.48 -22.73
C GLU A 78 31.95 -6.42 -21.85
N LEU A 79 31.16 -5.82 -20.95
CA LEU A 79 31.61 -4.73 -20.08
C LEU A 79 32.87 -5.04 -19.26
N GLN A 80 33.19 -6.31 -19.06
CA GLN A 80 34.38 -6.72 -18.31
C GLN A 80 34.30 -6.36 -16.83
N ILE A 81 33.09 -6.28 -16.28
CA ILE A 81 32.93 -6.01 -14.87
C ILE A 81 33.46 -7.23 -14.13
N SER A 82 34.48 -7.03 -13.29
CA SER A 82 35.12 -8.10 -12.53
C SER A 82 34.56 -8.16 -11.13
N GLU A 83 34.85 -9.26 -10.44
CA GLU A 83 34.43 -9.33 -9.06
C GLU A 83 35.21 -8.31 -8.23
N ARG A 84 36.42 -7.94 -8.68
CA ARG A 84 37.19 -6.91 -7.98
C ARG A 84 36.42 -5.62 -8.04
N ASP A 85 35.84 -5.36 -9.21
CA ASP A 85 35.04 -4.16 -9.39
C ASP A 85 33.83 -4.22 -8.51
N VAL A 86 33.18 -5.38 -8.44
CA VAL A 86 31.99 -5.51 -7.60
C VAL A 86 32.33 -5.16 -6.16
N LEU A 87 33.38 -5.78 -5.62
CA LEU A 87 33.78 -5.52 -4.25
C LEU A 87 34.16 -4.06 -4.02
N CYS A 88 34.85 -3.47 -5.00
CA CYS A 88 35.26 -2.07 -4.89
C CYS A 88 34.05 -1.14 -4.83
N VAL A 89 33.08 -1.38 -5.69
CA VAL A 89 31.90 -0.53 -5.68
C VAL A 89 31.14 -0.74 -4.39
N GLN A 90 31.16 -1.96 -3.86
CA GLN A 90 30.45 -2.25 -2.62
C GLN A 90 31.09 -1.49 -1.46
N ILE A 91 32.41 -1.57 -1.33
CA ILE A 91 33.07 -0.84 -0.24
C ILE A 91 32.79 0.67 -0.37
N ALA A 92 32.86 1.23 -1.57
CA ALA A 92 32.58 2.65 -1.69
C ALA A 92 31.16 2.95 -1.24
N GLY A 93 30.21 2.19 -1.70
CA GLY A 93 28.89 2.51 -1.26
C GLY A 93 28.70 2.27 0.20
N LEU A 94 29.58 1.51 0.80
CA LEU A 94 29.49 1.18 2.22
C LEU A 94 30.06 2.27 3.09
N CYS A 95 30.92 3.11 2.53
CA CYS A 95 31.57 4.20 3.21
C CYS A 95 31.22 5.57 2.64
N HIS A 96 30.15 5.75 1.85
CA HIS A 96 29.88 7.10 1.34
C HIS A 96 29.68 8.07 2.51
N ASP A 97 28.91 7.66 3.53
CA ASP A 97 28.53 8.45 4.71
C ASP A 97 29.47 8.25 5.93
N LEU A 98 30.63 7.67 5.74
CA LEU A 98 31.55 7.48 6.84
C LEU A 98 32.06 8.79 7.43
N GLY A 99 31.88 9.90 6.75
CA GLY A 99 32.33 11.21 7.17
C GLY A 99 31.25 12.08 7.73
N HIS A 100 30.02 11.61 7.79
CA HIS A 100 28.93 12.40 8.37
C HIS A 100 29.17 12.64 9.86
N GLY A 101 28.81 13.84 10.33
CA GLY A 101 28.98 14.21 11.73
C GLY A 101 27.71 14.10 12.55
N PRO A 102 27.72 14.64 13.78
CA PRO A 102 26.51 14.54 14.63
C PRO A 102 25.30 15.11 13.90
N PHE A 103 24.21 14.37 13.95
CA PHE A 103 22.96 14.82 13.35
C PHE A 103 23.05 15.02 11.85
N SER A 104 24.00 14.37 11.23
CA SER A 104 24.15 14.40 9.78
C SER A 104 24.26 15.76 9.09
N HIS A 105 23.24 16.15 8.37
CA HIS A 105 23.38 17.37 7.62
C HIS A 105 23.54 18.60 8.50
N MET A 106 22.86 18.62 9.64
CA MET A 106 23.05 19.77 10.52
C MET A 106 24.53 20.13 10.66
N PHE A 107 25.36 19.09 10.77
CA PHE A 107 26.77 19.31 11.02
C PHE A 107 27.51 19.93 9.86
N ASP A 108 27.30 19.44 8.64
CA ASP A 108 28.10 20.00 7.56
C ASP A 108 27.45 21.20 6.94
N GLY A 109 26.10 21.26 6.98
CA GLY A 109 25.37 22.35 6.37
C GLY A 109 25.07 23.58 7.17
N ARG A 110 25.20 23.53 8.49
CA ARG A 110 24.93 24.67 9.33
C ARG A 110 25.93 24.82 10.46
N PHE A 111 26.43 23.73 11.03
CA PHE A 111 27.31 23.92 12.17
C PHE A 111 28.68 24.41 11.76
N ILE A 112 29.42 23.63 10.98
CA ILE A 112 30.77 24.03 10.59
C ILE A 112 30.75 25.38 9.87
N PRO A 113 29.67 25.66 9.12
CA PRO A 113 29.61 26.97 8.47
C PRO A 113 29.51 28.12 9.46
N LEU A 114 28.74 27.97 10.53
CA LEU A 114 28.62 29.06 11.50
C LEU A 114 29.79 29.08 12.49
N ALA A 115 30.43 27.94 12.72
CA ALA A 115 31.54 27.81 13.65
C ALA A 115 32.89 28.23 13.03
N ARG A 116 33.27 27.65 11.88
CA ARG A 116 34.51 28.00 11.19
C ARG A 116 34.08 28.39 9.77
N PRO A 117 33.62 29.62 9.57
CA PRO A 117 33.13 30.01 8.23
C PRO A 117 34.20 30.03 7.18
N GLU A 118 35.46 30.08 7.55
CA GLU A 118 36.55 30.13 6.59
C GLU A 118 36.86 28.76 6.04
N VAL A 119 36.54 27.72 6.82
CA VAL A 119 36.81 26.33 6.48
C VAL A 119 35.79 25.82 5.48
N LYS A 120 36.24 24.81 4.73
CA LYS A 120 35.44 24.12 3.72
C LYS A 120 35.42 22.65 4.15
N TRP A 121 34.31 22.21 4.73
CA TRP A 121 34.15 20.85 5.17
C TRP A 121 32.96 20.24 4.44
N THR A 122 33.02 18.95 4.17
CA THR A 122 31.92 18.25 3.50
C THR A 122 31.85 16.85 4.08
N HIS A 123 30.64 16.32 4.18
CA HIS A 123 30.61 14.97 4.72
C HIS A 123 31.38 14.05 3.81
N GLU A 124 31.51 14.40 2.54
CA GLU A 124 32.22 13.56 1.61
C GLU A 124 33.73 13.63 1.83
N GLN A 125 34.28 14.83 1.99
CA GLN A 125 35.69 14.89 2.29
C GLN A 125 35.94 14.05 3.53
N GLY A 126 35.06 14.21 4.53
CA GLY A 126 35.18 13.48 5.78
C GLY A 126 35.14 11.99 5.56
N SER A 127 34.32 11.54 4.61
CA SER A 127 34.23 10.13 4.30
C SER A 127 35.54 9.61 3.75
N VAL A 128 36.15 10.32 2.83
CA VAL A 128 37.40 9.80 2.32
C VAL A 128 38.42 9.74 3.44
N MET A 129 38.50 10.81 4.24
CA MET A 129 39.46 10.86 5.34
C MET A 129 39.26 9.73 6.34
N MET A 130 38.00 9.45 6.68
CA MET A 130 37.75 8.37 7.62
C MET A 130 38.09 7.05 6.96
N PHE A 131 37.86 6.89 5.65
CA PHE A 131 38.23 5.65 4.98
C PHE A 131 39.73 5.41 5.12
N GLU A 132 40.53 6.45 4.86
CA GLU A 132 41.97 6.30 5.01
C GLU A 132 42.29 5.89 6.43
N HIS A 133 41.61 6.51 7.38
CA HIS A 133 41.84 6.20 8.78
C HIS A 133 41.45 4.77 9.10
N LEU A 134 40.32 4.31 8.57
CA LEU A 134 39.85 2.98 8.83
C LEU A 134 40.86 1.96 8.31
N ILE A 135 41.24 2.08 7.04
CA ILE A 135 42.14 1.11 6.45
C ILE A 135 43.56 1.23 6.97
N ASN A 136 43.90 2.32 7.63
CA ASN A 136 45.25 2.46 8.18
C ASN A 136 45.28 2.02 9.64
N SER A 137 44.17 2.15 10.35
CA SER A 137 44.06 1.77 11.76
C SER A 137 43.59 0.35 11.99
N ASN A 138 43.05 -0.32 10.96
CA ASN A 138 42.59 -1.69 11.10
C ASN A 138 43.23 -2.62 10.08
N GLY A 139 44.41 -2.27 9.57
CA GLY A 139 45.12 -3.04 8.58
C GLY A 139 44.32 -3.67 7.45
N ILE A 140 43.33 -2.96 6.93
CA ILE A 140 42.51 -3.51 5.86
C ILE A 140 43.27 -3.64 4.57
N LYS A 141 44.41 -3.00 4.43
CA LYS A 141 45.12 -3.10 3.16
C LYS A 141 45.44 -4.56 2.82
N PRO A 142 46.12 -5.32 3.70
CA PRO A 142 46.42 -6.72 3.37
C PRO A 142 45.18 -7.57 3.15
N VAL A 143 44.07 -7.28 3.85
CA VAL A 143 42.85 -8.04 3.62
C VAL A 143 42.37 -7.80 2.20
N MET A 144 42.45 -6.56 1.73
CA MET A 144 42.05 -6.26 0.37
C MET A 144 42.84 -7.15 -0.59
N GLU A 145 44.17 -7.15 -0.45
CA GLU A 145 44.95 -7.98 -1.36
C GLU A 145 44.49 -9.43 -1.29
N GLN A 146 44.28 -9.94 -0.08
CA GLN A 146 43.84 -11.33 0.08
C GLN A 146 42.57 -11.61 -0.70
N TYR A 147 41.69 -10.63 -0.89
CA TYR A 147 40.46 -10.89 -1.65
C TYR A 147 40.52 -10.41 -3.12
N GLY A 148 41.71 -10.22 -3.67
CA GLY A 148 41.87 -9.82 -5.03
C GLY A 148 42.10 -8.35 -5.28
N LEU A 149 41.51 -7.47 -4.49
CA LEU A 149 41.68 -6.04 -4.71
C LEU A 149 43.15 -5.67 -4.77
N ILE A 150 43.43 -4.59 -5.49
CA ILE A 150 44.78 -4.04 -5.66
C ILE A 150 44.73 -2.78 -4.80
N PRO A 151 45.26 -2.82 -3.55
CA PRO A 151 45.17 -1.67 -2.64
C PRO A 151 45.31 -0.28 -3.23
N GLU A 152 46.45 0.05 -3.83
CA GLU A 152 46.63 1.39 -4.37
C GLU A 152 45.52 1.82 -5.32
N GLU A 153 45.48 1.17 -6.46
CA GLU A 153 44.49 1.47 -7.47
C GLU A 153 43.07 1.47 -6.93
N ASP A 154 42.71 0.40 -6.22
CA ASP A 154 41.34 0.25 -5.72
C ASP A 154 40.97 1.25 -4.64
N ILE A 155 41.89 1.58 -3.73
CA ILE A 155 41.54 2.60 -2.75
C ILE A 155 41.21 3.88 -3.49
N CYS A 156 42.03 4.22 -4.50
CA CYS A 156 41.74 5.38 -5.32
C CYS A 156 40.32 5.30 -5.86
N PHE A 157 40.02 4.19 -6.56
CA PHE A 157 38.70 3.97 -7.17
C PHE A 157 37.57 4.20 -6.17
N ILE A 158 37.68 3.64 -4.98
CA ILE A 158 36.65 3.79 -3.96
C ILE A 158 36.48 5.28 -3.57
N LYS A 159 37.58 5.91 -3.17
CA LYS A 159 37.52 7.32 -2.78
C LYS A 159 36.95 8.18 -3.89
N GLU A 160 37.35 7.94 -5.13
CA GLU A 160 36.86 8.70 -6.28
C GLU A 160 35.37 8.46 -6.47
N GLN A 161 34.88 7.31 -6.01
CA GLN A 161 33.47 7.04 -6.12
C GLN A 161 32.71 7.84 -5.09
N ILE A 162 33.37 8.14 -3.98
CA ILE A 162 32.73 8.85 -2.87
C ILE A 162 32.82 10.37 -2.99
N VAL A 163 33.96 10.89 -3.44
CA VAL A 163 34.15 12.33 -3.48
C VAL A 163 34.35 12.90 -4.88
N GLY A 164 34.64 12.11 -5.90
CA GLY A 164 34.83 12.62 -7.24
C GLY A 164 36.29 12.66 -7.64
N PRO A 165 36.60 13.11 -8.89
CA PRO A 165 38.02 13.18 -9.29
C PRO A 165 38.79 13.86 -8.17
N LEU A 166 39.76 13.15 -7.62
CA LEU A 166 40.55 13.67 -6.50
C LEU A 166 41.50 14.78 -6.94
N GLU A 167 42.26 14.54 -8.01
CA GLU A 167 43.22 15.53 -8.48
C GLU A 167 42.60 16.69 -9.24
N SER A 168 41.35 16.56 -9.69
CA SER A 168 40.64 17.63 -10.42
C SER A 168 41.51 18.66 -11.15
N ASP A 172 35.72 19.08 -22.66
CA ASP A 172 36.69 20.16 -22.83
C ASP A 172 38.09 19.67 -22.48
N SER A 173 38.16 18.45 -21.96
CA SER A 173 39.43 17.84 -21.57
C SER A 173 39.34 16.33 -21.83
N LEU A 174 39.81 15.52 -20.89
CA LEU A 174 39.79 14.08 -21.06
C LEU A 174 39.22 13.35 -19.85
N TRP A 175 39.67 12.13 -19.61
CA TRP A 175 39.16 11.33 -18.51
C TRP A 175 39.85 11.76 -17.21
N PRO A 176 39.09 12.26 -16.23
CA PRO A 176 39.73 12.73 -14.99
C PRO A 176 40.01 11.72 -13.89
N TYR A 177 39.30 10.60 -13.87
CA TYR A 177 39.52 9.63 -12.81
C TYR A 177 40.84 8.91 -13.02
N LYS A 178 41.28 8.22 -11.97
CA LYS A 178 42.52 7.46 -12.06
C LYS A 178 42.41 6.11 -11.33
N GLY A 179 41.24 5.75 -10.82
CA GLY A 179 41.07 4.47 -10.15
C GLY A 179 40.66 3.37 -11.11
N ARG A 180 40.01 3.76 -12.19
CA ARG A 180 39.55 2.84 -13.22
C ARG A 180 39.64 3.59 -14.55
N PRO A 181 39.73 2.87 -15.66
CA PRO A 181 39.81 3.51 -16.97
C PRO A 181 38.48 4.06 -17.42
N GLU A 182 38.43 4.63 -18.62
CA GLU A 182 37.17 5.16 -19.13
C GLU A 182 36.19 4.06 -19.59
N ASN A 183 36.71 2.89 -19.99
CA ASN A 183 35.83 1.82 -20.47
C ASN A 183 34.93 1.30 -19.38
N LYS A 184 35.13 1.78 -18.14
CA LYS A 184 34.35 1.41 -16.96
C LYS A 184 33.73 2.65 -16.31
N SER A 185 33.55 3.74 -17.07
CA SER A 185 32.96 4.94 -16.51
C SER A 185 31.64 4.68 -15.80
N PHE A 186 30.80 3.82 -16.35
CA PHE A 186 29.50 3.55 -15.72
C PHE A 186 29.65 3.20 -14.25
N LEU A 187 30.74 2.54 -13.86
CA LEU A 187 30.90 2.18 -12.46
C LEU A 187 30.88 3.40 -11.55
N TYR A 188 31.39 4.53 -12.01
CA TYR A 188 31.40 5.74 -11.22
C TYR A 188 30.05 6.40 -11.13
N GLU A 189 28.96 5.74 -11.53
CA GLU A 189 27.66 6.36 -11.49
C GLU A 189 26.70 5.57 -10.64
N ILE A 190 27.19 4.63 -9.84
CA ILE A 190 26.31 3.79 -9.06
C ILE A 190 26.08 4.34 -7.68
N VAL A 191 27.16 4.65 -6.95
CA VAL A 191 27.05 5.14 -5.58
C VAL A 191 26.67 6.61 -5.53
N SER A 192 27.31 7.48 -6.32
CA SER A 192 26.94 8.88 -6.29
C SER A 192 26.96 9.44 -7.69
N ASN A 193 25.82 10.01 -8.12
CA ASN A 193 25.63 10.59 -9.46
C ASN A 193 24.53 11.65 -9.40
N LYS A 194 24.93 12.93 -9.33
CA LYS A 194 23.92 14.01 -9.30
C LYS A 194 23.52 14.47 -10.69
N ARG A 195 24.27 14.09 -11.72
CA ARG A 195 23.95 14.42 -13.11
C ARG A 195 22.52 13.95 -13.34
N ASN A 196 22.32 12.63 -13.46
CA ASN A 196 20.97 12.10 -13.63
C ASN A 196 20.18 12.15 -12.31
N GLY A 197 20.84 12.42 -11.18
CA GLY A 197 20.22 12.49 -9.85
C GLY A 197 19.72 11.17 -9.33
N ILE A 198 20.25 10.07 -9.84
CA ILE A 198 19.83 8.73 -9.46
C ILE A 198 21.00 7.86 -9.07
N ASP A 199 21.27 7.77 -7.77
CA ASP A 199 22.31 6.89 -7.28
C ASP A 199 21.60 5.72 -6.59
N VAL A 200 22.40 4.78 -6.11
CA VAL A 200 21.83 3.71 -5.32
C VAL A 200 21.66 4.26 -3.92
N ASP A 201 22.49 5.24 -3.55
CA ASP A 201 22.35 5.84 -2.23
C ASP A 201 20.94 6.39 -2.10
N LYS A 202 20.54 7.25 -3.03
CA LYS A 202 19.19 7.81 -2.99
C LYS A 202 18.14 6.72 -2.91
N TRP A 203 18.37 5.57 -3.55
CA TRP A 203 17.40 4.50 -3.52
C TRP A 203 17.22 4.03 -2.10
N ASP A 204 18.34 3.76 -1.43
CA ASP A 204 18.21 3.28 -0.07
C ASP A 204 17.63 4.34 0.82
N TYR A 205 18.16 5.57 0.77
CA TYR A 205 17.64 6.59 1.69
C TYR A 205 16.17 6.90 1.40
N PHE A 206 15.72 6.84 0.16
CA PHE A 206 14.31 7.11 -0.09
C PHE A 206 13.47 6.01 0.56
N ALA A 207 13.83 4.74 0.28
CA ALA A 207 13.10 3.61 0.81
C ALA A 207 13.06 3.62 2.33
N ARG A 208 14.23 3.69 2.95
CA ARG A 208 14.33 3.67 4.40
C ARG A 208 13.70 4.92 5.05
N ASP A 209 14.02 6.13 4.59
CA ASP A 209 13.39 7.27 5.23
C ASP A 209 11.88 7.15 5.09
N CYS A 210 11.40 6.47 4.05
CA CYS A 210 9.96 6.31 3.87
C CYS A 210 9.37 5.28 4.82
N HIS A 211 10.11 4.21 4.99
CA HIS A 211 9.69 3.09 5.84
C HIS A 211 9.53 3.56 7.28
N HIS A 212 10.54 4.28 7.78
CA HIS A 212 10.57 4.77 9.15
C HIS A 212 9.73 6.02 9.39
N LEU A 213 9.71 6.96 8.45
CA LEU A 213 8.95 8.18 8.65
C LEU A 213 7.45 7.97 8.53
N GLY A 214 7.01 7.03 7.73
CA GLY A 214 5.60 6.84 7.55
C GLY A 214 5.07 7.34 6.24
N ILE A 215 5.93 7.74 5.36
CA ILE A 215 5.58 8.21 4.04
C ILE A 215 5.55 7.02 3.09
N GLN A 216 4.67 7.07 2.09
CA GLN A 216 4.53 5.99 1.13
C GLN A 216 5.58 6.08 0.01
N ASN A 217 6.26 4.97 -0.22
CA ASN A 217 7.29 4.82 -1.22
C ASN A 217 6.64 4.18 -2.44
N ASN A 218 6.73 4.86 -3.58
CA ASN A 218 6.09 4.37 -4.78
C ASN A 218 7.00 3.68 -5.77
N PHE A 219 8.32 3.81 -5.66
CA PHE A 219 9.16 3.15 -6.66
C PHE A 219 9.65 1.80 -6.16
N ASP A 220 10.25 1.06 -7.10
CA ASP A 220 10.73 -0.29 -6.84
C ASP A 220 12.14 -0.47 -7.35
N TYR A 221 13.10 -0.10 -6.53
CA TYR A 221 14.50 -0.22 -6.92
C TYR A 221 14.80 -1.56 -7.60
N LYS A 222 14.15 -2.63 -7.13
CA LYS A 222 14.37 -3.95 -7.71
C LYS A 222 14.07 -3.96 -9.21
N ARG A 223 13.00 -3.30 -9.62
CA ARG A 223 12.66 -3.26 -11.04
C ARG A 223 13.79 -2.63 -11.83
N PHE A 224 14.22 -1.43 -11.44
CA PHE A 224 15.34 -0.83 -12.16
C PHE A 224 16.49 -1.80 -12.28
N ILE A 225 17.01 -2.23 -11.12
CA ILE A 225 18.16 -3.15 -11.14
C ILE A 225 17.96 -4.26 -12.14
N LYS A 226 16.74 -4.72 -12.32
CA LYS A 226 16.54 -5.79 -13.28
C LYS A 226 16.57 -5.29 -14.72
N PHE A 227 15.90 -4.17 -15.02
CA PHE A 227 15.84 -3.65 -16.37
C PHE A 227 16.92 -2.63 -16.68
N ALA A 228 18.00 -2.59 -15.92
CA ALA A 228 19.08 -1.64 -16.18
C ALA A 228 20.04 -2.24 -17.19
N ARG A 229 20.77 -1.38 -17.89
CA ARG A 229 21.74 -1.85 -18.88
C ARG A 229 22.69 -0.73 -19.24
N VAL A 230 23.96 -1.02 -19.43
CA VAL A 230 24.88 0.04 -19.83
C VAL A 230 24.63 0.32 -21.30
N CYS A 231 24.57 1.59 -21.67
CA CYS A 231 24.33 1.92 -23.08
C CYS A 231 25.11 3.17 -23.44
N GLU A 232 25.37 3.30 -24.74
CA GLU A 232 26.13 4.42 -25.29
C GLU A 232 25.27 5.68 -25.39
N VAL A 233 25.73 6.76 -24.75
CA VAL A 233 25.08 8.08 -24.75
C VAL A 233 26.18 9.11 -25.02
N ASP A 234 26.03 9.88 -26.10
CA ASP A 234 27.04 10.88 -26.48
C ASP A 234 28.42 10.21 -26.43
N ASN A 235 28.48 8.96 -26.94
CA ASN A 235 29.70 8.15 -26.97
C ASN A 235 30.35 8.01 -25.59
N GLU A 236 29.55 7.57 -24.64
CA GLU A 236 30.05 7.36 -23.29
C GLU A 236 29.19 6.25 -22.70
N LEU A 237 29.82 5.36 -21.94
CA LEU A 237 29.08 4.26 -21.31
C LEU A 237 28.30 4.83 -20.14
N ARG A 238 26.98 4.65 -20.16
CA ARG A 238 26.18 5.20 -19.08
C ARG A 238 25.14 4.19 -18.61
N ILE A 239 24.81 4.26 -17.33
CA ILE A 239 23.80 3.37 -16.81
C ILE A 239 22.46 3.86 -17.34
N CYS A 240 21.94 3.14 -18.32
CA CYS A 240 20.66 3.43 -18.94
C CYS A 240 19.62 2.44 -18.43
N ALA A 241 18.37 2.72 -18.74
CA ALA A 241 17.31 1.82 -18.35
C ALA A 241 16.25 1.77 -19.43
N ARG A 242 15.62 0.61 -19.55
CA ARG A 242 14.55 0.36 -20.50
C ARG A 242 13.58 1.54 -20.56
N ASP A 243 12.90 1.71 -21.69
CA ASP A 243 11.96 2.81 -21.80
C ASP A 243 10.70 2.61 -20.97
N LYS A 244 10.45 1.39 -20.52
CA LYS A 244 9.23 1.07 -19.76
C LYS A 244 9.30 1.53 -18.33
N GLU A 245 10.51 1.72 -17.80
CA GLU A 245 10.72 2.18 -16.43
C GLU A 245 10.41 3.64 -16.24
N VAL A 246 10.06 4.39 -17.29
CA VAL A 246 9.77 5.81 -17.11
C VAL A 246 8.76 5.97 -15.98
N GLY A 247 7.70 5.17 -16.03
CA GLY A 247 6.70 5.23 -14.99
C GLY A 247 7.37 5.14 -13.64
N ASN A 248 8.07 4.04 -13.37
CA ASN A 248 8.76 3.88 -12.09
C ASN A 248 9.57 5.11 -11.75
N LEU A 249 10.32 5.63 -12.70
CA LEU A 249 11.14 6.82 -12.44
C LEU A 249 10.26 7.98 -11.97
N TYR A 250 9.18 8.27 -12.69
CA TYR A 250 8.33 9.36 -12.22
C TYR A 250 7.90 9.10 -10.79
N ASP A 251 7.47 7.87 -10.49
CA ASP A 251 7.09 7.56 -9.11
C ASP A 251 8.23 7.87 -8.14
N MET A 252 9.44 7.48 -8.50
CA MET A 252 10.58 7.79 -7.65
C MET A 252 10.68 9.30 -7.43
N PHE A 253 10.60 10.10 -8.49
CA PHE A 253 10.70 11.53 -8.27
C PHE A 253 9.57 11.99 -7.37
N HIS A 254 8.35 11.48 -7.58
CA HIS A 254 7.28 11.86 -6.66
C HIS A 254 7.74 11.60 -5.25
N THR A 255 8.23 10.39 -5.00
CA THR A 255 8.74 10.02 -3.70
C THR A 255 9.72 11.08 -3.20
N ARG A 256 10.79 11.34 -3.96
CA ARG A 256 11.78 12.34 -3.54
C ARG A 256 11.07 13.65 -3.13
N ASN A 257 10.17 14.14 -3.98
CA ASN A 257 9.48 15.36 -3.64
C ASN A 257 8.75 15.24 -2.32
N SER A 258 7.93 14.19 -2.14
CA SER A 258 7.24 14.06 -0.86
C SER A 258 8.21 14.07 0.33
N LEU A 259 9.28 13.30 0.27
CA LEU A 259 10.18 13.30 1.41
C LEU A 259 10.69 14.70 1.69
N HIS A 260 10.99 15.47 0.65
CA HIS A 260 11.52 16.80 0.90
C HIS A 260 10.45 17.73 1.51
N ARG A 261 9.23 17.66 1.01
CA ARG A 261 8.22 18.59 1.48
C ARG A 261 7.70 18.26 2.85
N ARG A 262 7.44 16.99 3.11
CA ARG A 262 6.87 16.61 4.38
C ARG A 262 7.91 16.42 5.47
N ALA A 263 9.14 16.08 5.09
CA ALA A 263 10.15 15.78 6.09
C ALA A 263 11.41 16.62 6.07
N TYR A 264 12.24 16.54 5.04
CA TYR A 264 13.51 17.25 5.05
C TYR A 264 13.36 18.76 5.23
N GLN A 265 12.25 19.32 4.77
CA GLN A 265 12.01 20.76 4.86
C GLN A 265 10.90 21.09 5.85
N HIS A 266 10.82 20.31 6.92
CA HIS A 266 9.80 20.49 7.95
C HIS A 266 10.09 21.74 8.76
N LYS A 267 9.08 22.61 8.88
CA LYS A 267 9.26 23.86 9.60
C LYS A 267 9.82 23.63 11.00
N VAL A 268 9.18 22.77 11.79
CA VAL A 268 9.66 22.53 13.15
C VAL A 268 10.93 21.69 13.16
N GLY A 269 11.02 20.67 12.35
CA GLY A 269 12.23 19.86 12.36
C GLY A 269 13.46 20.69 12.08
N ASN A 270 13.32 21.63 11.13
CA ASN A 270 14.43 22.52 10.81
C ASN A 270 14.68 23.51 11.95
N ILE A 271 13.64 23.95 12.64
CA ILE A 271 13.88 24.85 13.78
C ILE A 271 14.69 24.10 14.87
N ILE A 272 14.26 22.85 15.19
CA ILE A 272 14.99 22.06 16.17
C ILE A 272 16.42 21.86 15.67
N ASP A 273 16.63 21.85 14.36
CA ASP A 273 18.01 21.75 13.89
C ASP A 273 18.81 23.00 14.26
N THR A 274 18.26 24.17 13.97
CA THR A 274 18.99 25.43 14.27
C THR A 274 19.21 25.59 15.78
N MET A 275 18.30 24.98 16.58
CA MET A 275 18.38 25.04 18.02
C MET A 275 19.56 24.23 18.51
N ILE A 276 19.62 22.96 18.06
CA ILE A 276 20.73 22.08 18.43
C ILE A 276 22.04 22.72 17.99
N THR A 277 22.03 23.33 16.81
CA THR A 277 23.24 23.97 16.31
C THR A 277 23.64 25.09 17.22
N ASP A 278 22.64 25.84 17.72
CA ASP A 278 22.95 26.93 18.65
C ASP A 278 23.64 26.39 19.90
N ALA A 279 23.04 25.35 20.51
CA ALA A 279 23.63 24.74 21.70
C ALA A 279 25.05 24.28 21.43
N PHE A 280 25.30 23.74 20.25
CA PHE A 280 26.65 23.29 19.93
C PHE A 280 27.60 24.46 19.89
N LEU A 281 27.18 25.52 19.22
CA LEU A 281 28.03 26.68 19.13
C LEU A 281 28.35 27.21 20.51
N LYS A 282 27.32 27.27 21.38
CA LYS A 282 27.51 27.77 22.74
C LYS A 282 28.38 26.86 23.57
N ALA A 283 28.46 25.60 23.21
CA ALA A 283 29.29 24.64 23.91
C ALA A 283 30.65 24.39 23.27
N ASP A 284 30.88 24.94 22.06
CA ASP A 284 32.10 24.64 21.33
C ASP A 284 33.37 25.12 22.04
N ASP A 285 33.26 26.13 22.87
CA ASP A 285 34.48 26.53 23.55
C ASP A 285 34.75 25.72 24.81
N TYR A 286 33.93 24.71 25.12
CA TYR A 286 34.12 23.99 26.36
C TYR A 286 34.22 22.48 26.24
N ILE A 287 33.51 21.88 25.32
CA ILE A 287 33.60 20.43 25.15
C ILE A 287 34.99 20.06 24.63
N GLU A 288 35.53 18.95 25.13
CA GLU A 288 36.85 18.49 24.70
C GLU A 288 36.77 17.09 24.12
N ILE A 289 37.18 16.93 22.88
CA ILE A 289 37.20 15.64 22.24
C ILE A 289 38.66 15.26 22.10
N THR A 290 39.05 14.22 22.79
CA THR A 290 40.44 13.81 22.77
C THR A 290 40.77 13.10 21.47
N GLY A 291 41.85 13.54 20.81
CA GLY A 291 42.30 12.96 19.57
C GLY A 291 43.66 12.30 19.67
N ALA A 292 44.43 12.40 18.59
CA ALA A 292 45.74 11.77 18.54
C ALA A 292 46.74 12.43 19.47
N GLY A 293 47.52 11.61 20.17
CA GLY A 293 48.49 12.14 21.08
C GLY A 293 47.89 12.95 22.18
N GLY A 294 46.59 12.74 22.44
CA GLY A 294 45.90 13.46 23.47
C GLY A 294 45.48 14.86 23.10
N LYS A 295 45.90 15.37 21.94
CA LYS A 295 45.51 16.71 21.53
C LYS A 295 44.01 16.85 21.76
N LYS A 296 43.62 17.92 22.40
CA LYS A 296 42.22 18.15 22.73
C LYS A 296 41.59 18.97 21.61
N TYR A 297 40.75 18.33 20.80
CA TYR A 297 40.04 18.99 19.72
C TYR A 297 38.66 19.39 20.24
N ARG A 298 38.00 20.26 19.53
CA ARG A 298 36.67 20.73 19.90
C ARG A 298 35.67 20.23 18.87
N ILE A 299 34.39 20.39 19.16
CA ILE A 299 33.41 19.93 18.20
C ILE A 299 33.76 20.46 16.83
N SER A 300 33.95 21.76 16.74
CA SER A 300 34.23 22.41 15.46
C SER A 300 35.59 21.99 14.89
N THR A 301 36.59 21.78 15.72
CA THR A 301 37.90 21.42 15.21
C THR A 301 38.17 19.92 15.10
N ALA A 302 37.32 19.08 15.69
CA ALA A 302 37.55 17.63 15.66
C ALA A 302 37.68 17.08 14.25
N ILE A 303 37.09 17.73 13.25
CA ILE A 303 37.19 17.29 11.86
C ILE A 303 38.61 17.42 11.32
N ASP A 304 39.55 17.85 12.14
CA ASP A 304 40.91 18.00 11.68
C ASP A 304 41.78 16.85 12.12
N ASP A 305 41.26 15.98 12.96
CA ASP A 305 41.99 14.82 13.46
C ASP A 305 40.97 13.68 13.44
N MET A 306 41.09 12.81 12.44
CA MET A 306 40.11 11.75 12.33
C MET A 306 40.03 10.90 13.58
N GLU A 307 41.09 10.84 14.39
CA GLU A 307 41.03 10.02 15.60
C GLU A 307 39.97 10.55 16.59
N ALA A 308 39.69 11.85 16.54
CA ALA A 308 38.66 12.41 17.40
C ALA A 308 37.31 12.39 16.71
N TYR A 309 37.26 12.75 15.42
CA TYR A 309 36.00 12.70 14.66
C TYR A 309 35.37 11.31 14.82
N THR A 310 36.18 10.29 15.12
CA THR A 310 35.65 8.96 15.36
C THR A 310 34.73 8.98 16.57
N LYS A 311 35.07 9.79 17.57
CA LYS A 311 34.31 9.90 18.82
C LYS A 311 33.34 11.07 18.83
N LEU A 312 33.23 11.79 17.73
CA LEU A 312 32.25 12.86 17.64
C LEU A 312 30.98 12.26 17.01
N THR A 313 29.95 12.04 17.82
CA THR A 313 28.68 11.47 17.33
C THR A 313 27.52 12.25 17.95
N ASP A 314 26.29 11.73 17.80
CA ASP A 314 25.16 12.41 18.41
C ASP A 314 25.31 12.49 19.92
N ASN A 315 26.22 11.68 20.50
CA ASN A 315 26.46 11.66 21.93
C ASN A 315 26.65 13.04 22.53
N ILE A 316 27.40 13.89 21.85
CA ILE A 316 27.67 15.26 22.23
C ILE A 316 26.36 15.86 22.75
N PHE A 317 25.26 15.74 22.00
CA PHE A 317 23.99 16.30 22.47
C PHE A 317 23.71 15.93 23.93
N LEU A 318 23.70 14.65 24.24
CA LEU A 318 23.42 14.21 25.62
C LEU A 318 24.53 14.66 26.57
N GLU A 319 25.79 14.63 26.11
CA GLU A 319 26.88 15.10 26.95
C GLU A 319 26.53 16.51 27.42
N ILE A 320 26.00 17.32 26.51
CA ILE A 320 25.61 18.67 26.85
C ILE A 320 24.43 18.64 27.83
N LEU A 321 23.40 17.90 27.51
CA LEU A 321 22.22 17.88 28.35
C LEU A 321 22.48 17.42 29.76
N TYR A 322 23.43 16.50 29.96
CA TYR A 322 23.73 15.94 31.26
C TYR A 322 24.94 16.59 31.95
N SER A 323 25.43 17.71 31.44
CA SER A 323 26.60 18.36 32.02
C SER A 323 26.26 19.11 33.29
N THR A 324 27.30 19.30 34.14
CA THR A 324 27.23 20.06 35.38
C THR A 324 28.11 21.29 35.33
N ASP A 325 29.08 21.32 34.41
CA ASP A 325 29.96 22.44 34.20
C ASP A 325 29.16 23.72 34.05
N PRO A 326 29.38 24.73 34.87
CA PRO A 326 28.62 25.98 34.67
C PRO A 326 28.93 26.59 33.32
N LYS A 327 30.13 26.35 32.78
CA LYS A 327 30.47 26.93 31.48
C LYS A 327 29.59 26.42 30.34
N LEU A 328 28.78 25.40 30.58
CA LEU A 328 27.91 24.84 29.57
C LEU A 328 26.44 25.06 29.89
N LYS A 329 26.13 25.97 30.83
CA LYS A 329 24.73 26.20 31.18
C LYS A 329 23.96 26.73 29.97
N ASP A 330 24.45 27.81 29.35
CA ASP A 330 23.77 28.41 28.21
C ASP A 330 23.33 27.33 27.23
N ALA A 331 24.33 26.61 26.69
CA ALA A 331 24.09 25.51 25.74
C ALA A 331 23.10 24.51 26.30
N ARG A 332 23.35 24.00 27.50
CA ARG A 332 22.46 23.01 28.12
C ARG A 332 21.01 23.48 28.15
N GLU A 333 20.77 24.77 28.42
CA GLU A 333 19.38 25.22 28.52
C GLU A 333 18.70 25.23 27.18
N ILE A 334 19.45 25.46 26.08
CA ILE A 334 18.85 25.37 24.75
C ILE A 334 18.28 23.96 24.59
N LEU A 335 19.06 22.94 24.95
CA LEU A 335 18.54 21.59 24.83
C LEU A 335 17.36 21.40 25.77
N LYS A 336 17.46 21.89 26.99
CA LYS A 336 16.32 21.78 27.88
C LYS A 336 15.08 22.38 27.22
N GLN A 337 15.25 23.47 26.47
CA GLN A 337 14.13 24.09 25.77
C GLN A 337 13.45 23.08 24.87
N ILE A 338 14.24 22.46 24.00
CA ILE A 338 13.75 21.48 23.07
C ILE A 338 12.86 20.53 23.86
N GLU A 339 13.39 19.95 24.95
CA GLU A 339 12.59 18.95 25.67
C GLU A 339 11.23 19.49 26.04
N TYR A 340 11.19 20.63 26.72
CA TYR A 340 9.95 21.25 27.16
C TYR A 340 9.10 21.75 26.00
N ARG A 341 9.68 21.81 24.82
CA ARG A 341 9.01 22.28 23.62
C ARG A 341 8.78 23.78 23.64
N ASN A 342 9.82 24.53 23.99
CA ASN A 342 9.79 26.01 24.05
C ASN A 342 10.82 26.30 22.98
N LEU A 343 10.43 26.14 21.72
CA LEU A 343 11.29 26.29 20.56
C LEU A 343 11.31 27.72 20.03
N PHE A 344 12.24 27.94 19.11
CA PHE A 344 12.33 29.22 18.45
C PHE A 344 11.02 29.45 17.73
N LYS A 345 10.63 30.70 17.55
CA LYS A 345 9.36 31.03 16.91
C LYS A 345 9.57 31.43 15.45
N TYR A 346 8.89 30.72 14.56
CA TYR A 346 9.00 30.96 13.12
C TYR A 346 8.50 32.37 12.76
N VAL A 347 9.34 33.13 12.05
CA VAL A 347 9.03 34.48 11.64
C VAL A 347 8.56 34.54 10.20
N GLY A 348 9.32 33.94 9.28
CA GLY A 348 8.93 34.00 7.88
C GLY A 348 9.82 33.17 6.98
N GLU A 349 9.48 33.21 5.69
CA GLU A 349 10.19 32.47 4.63
C GLU A 349 10.26 33.24 3.32
N THR A 350 11.48 33.38 2.80
CA THR A 350 11.79 34.11 1.57
C THR A 350 12.71 33.27 0.72
N GLN A 351 13.01 33.80 -0.47
CA GLN A 351 13.85 33.12 -1.46
C GLN A 351 14.77 34.10 -2.16
N PRO A 352 15.98 33.66 -2.52
CA PRO A 352 16.88 34.54 -3.26
C PRO A 352 16.28 34.82 -4.63
N THR A 353 16.80 35.86 -5.28
CA THR A 353 16.34 36.28 -6.59
C THR A 353 17.28 35.76 -7.66
N GLY A 354 16.73 35.49 -8.84
CA GLY A 354 17.55 34.98 -9.90
C GLY A 354 18.12 33.64 -9.47
N GLN A 355 19.34 33.36 -9.88
CA GLN A 355 20.02 32.13 -9.51
C GLN A 355 20.95 32.34 -8.33
N ILE A 356 20.81 33.48 -7.64
CA ILE A 356 21.64 33.75 -6.47
C ILE A 356 21.41 32.66 -5.45
N LYS A 357 22.45 32.34 -4.72
CA LYS A 357 22.37 31.31 -3.69
C LYS A 357 23.30 31.75 -2.59
N ILE A 358 22.78 31.82 -1.36
CA ILE A 358 23.63 32.25 -0.28
C ILE A 358 24.62 31.14 -0.03
N LYS A 359 25.84 31.52 0.27
CA LYS A 359 26.96 30.62 0.51
C LYS A 359 27.13 30.36 2.01
N ARG A 360 27.76 29.23 2.31
CA ARG A 360 28.01 28.85 3.69
C ARG A 360 28.96 29.82 4.38
N GLU A 361 29.99 30.27 3.65
CA GLU A 361 30.94 31.21 4.25
C GLU A 361 30.22 32.47 4.74
N ASP A 362 29.08 32.82 4.14
CA ASP A 362 28.32 34.00 4.55
C ASP A 362 27.11 33.65 5.41
N TYR A 363 27.13 32.52 6.08
CA TYR A 363 25.97 32.17 6.90
C TYR A 363 25.91 33.06 8.14
N GLU A 364 27.03 33.14 8.86
CA GLU A 364 27.16 33.94 10.08
C GLU A 364 26.73 35.40 9.90
N SER A 365 26.89 35.96 8.71
CA SER A 365 26.51 37.33 8.45
C SER A 365 25.00 37.53 8.35
N LEU A 366 24.26 36.55 7.85
CA LEU A 366 22.83 36.75 7.66
C LEU A 366 22.10 37.29 8.89
N PRO A 367 22.25 36.74 10.09
CA PRO A 367 21.52 37.28 11.24
C PRO A 367 21.75 38.77 11.45
N LYS A 368 23.02 39.17 11.40
CA LYS A 368 23.37 40.56 11.60
C LYS A 368 22.68 41.45 10.57
N GLU A 369 22.71 41.07 9.30
CA GLU A 369 22.03 41.87 8.30
C GLU A 369 20.57 42.03 8.66
N VAL A 370 19.99 41.02 9.27
CA VAL A 370 18.59 41.13 9.61
C VAL A 370 18.39 42.16 10.69
N ALA A 371 19.26 42.14 11.71
CA ALA A 371 19.16 43.08 12.82
C ALA A 371 19.58 44.48 12.41
N SER A 372 20.47 44.59 11.42
CA SER A 372 20.90 45.90 10.94
C SER A 372 19.93 46.51 9.95
N ALA A 373 18.78 45.89 9.73
CA ALA A 373 17.81 46.45 8.81
C ALA A 373 17.13 47.62 9.52
N LYS A 374 16.50 48.50 8.73
CA LYS A 374 15.81 49.67 9.27
C LYS A 374 14.33 49.60 8.90
N PRO A 375 13.55 48.83 9.65
CA PRO A 375 12.11 48.72 9.35
C PRO A 375 11.51 50.11 9.29
N LYS A 376 10.80 50.39 8.18
CA LYS A 376 10.18 51.69 7.97
C LYS A 376 9.43 52.16 9.23
N VAL A 377 8.39 51.43 9.64
CA VAL A 377 7.68 51.81 10.86
C VAL A 377 8.65 51.60 12.01
N LEU A 378 8.81 52.61 12.86
CA LEU A 378 9.73 52.45 13.98
C LEU A 378 9.11 51.45 14.95
N LEU A 379 9.92 50.50 15.42
CA LEU A 379 9.49 49.46 16.33
C LEU A 379 9.71 49.80 17.79
N ASP A 380 8.80 49.31 18.65
CA ASP A 380 8.96 49.55 20.08
C ASP A 380 10.24 48.88 20.58
N VAL A 381 10.31 47.59 20.41
CA VAL A 381 11.46 46.82 20.83
C VAL A 381 12.44 46.70 19.68
N LYS A 382 13.71 46.69 20.02
CA LYS A 382 14.79 46.55 19.06
C LYS A 382 15.40 45.17 19.29
N LEU A 383 15.50 44.37 18.24
CA LEU A 383 16.12 43.06 18.36
C LEU A 383 17.55 43.18 17.87
N LYS A 384 18.37 42.25 18.35
CA LYS A 384 19.77 42.15 17.98
C LYS A 384 19.95 40.79 17.30
N ALA A 385 21.04 40.64 16.58
CA ALA A 385 21.31 39.39 15.86
C ALA A 385 21.13 38.17 16.77
N GLU A 386 21.92 38.07 17.84
CA GLU A 386 21.83 36.89 18.72
C GLU A 386 20.39 36.42 18.92
N ASP A 387 19.41 37.32 18.74
CA ASP A 387 18.01 36.99 18.88
C ASP A 387 17.43 36.45 17.57
N PHE A 388 18.23 36.41 16.51
CA PHE A 388 17.79 35.98 15.19
C PHE A 388 18.51 34.72 14.72
N ILE A 389 17.75 33.91 13.99
CA ILE A 389 18.25 32.68 13.37
C ILE A 389 17.85 32.75 11.92
N VAL A 390 18.80 32.54 11.01
CA VAL A 390 18.54 32.57 9.56
C VAL A 390 18.96 31.23 8.99
N ASP A 391 17.96 30.43 8.63
CA ASP A 391 18.13 29.08 8.10
C ASP A 391 18.09 29.08 6.58
N VAL A 392 19.10 28.44 5.95
CA VAL A 392 19.20 28.31 4.51
C VAL A 392 18.98 26.85 4.17
N ILE A 393 17.86 26.58 3.52
CA ILE A 393 17.43 25.23 3.13
C ILE A 393 17.66 25.01 1.63
N ASN A 394 18.53 24.07 1.27
CA ASN A 394 18.87 23.78 -0.11
C ASN A 394 18.18 22.51 -0.60
N MET A 395 17.70 22.55 -1.85
CA MET A 395 16.99 21.42 -2.46
C MET A 395 17.53 21.22 -3.86
N ASP A 396 18.01 20.02 -4.16
CA ASP A 396 18.59 19.75 -5.47
C ASP A 396 17.69 19.10 -6.54
N LYS A 402 15.17 22.08 -13.38
CA LYS A 402 15.49 20.92 -14.21
C LYS A 402 14.32 19.94 -14.32
N ASN A 403 13.86 19.69 -15.56
CA ASN A 403 12.78 18.74 -15.82
C ASN A 403 13.25 17.36 -15.33
N PRO A 404 12.32 16.48 -14.89
CA PRO A 404 12.79 15.19 -14.35
C PRO A 404 13.33 14.14 -15.31
N ILE A 405 12.46 13.40 -16.00
CA ILE A 405 12.89 12.30 -16.86
C ILE A 405 13.68 12.66 -18.10
N ASP A 406 13.75 13.93 -18.47
CA ASP A 406 14.49 14.30 -19.68
C ASP A 406 16.00 14.02 -19.53
N HIS A 407 16.55 14.21 -18.34
CA HIS A 407 17.98 14.02 -18.11
C HIS A 407 18.37 12.58 -17.78
N VAL A 408 17.39 11.65 -17.69
CA VAL A 408 17.66 10.24 -17.45
C VAL A 408 17.82 9.59 -18.82
N SER A 409 18.69 8.59 -18.93
CA SER A 409 18.90 7.95 -20.22
C SER A 409 18.09 6.66 -20.32
N PHE A 410 17.64 6.38 -21.54
CA PHE A 410 16.84 5.19 -21.82
C PHE A 410 17.31 4.51 -23.10
N TYR A 411 17.03 3.21 -23.18
CA TYR A 411 17.40 2.40 -24.32
C TYR A 411 16.14 1.71 -24.84
N CYS A 412 16.09 1.48 -26.16
CA CYS A 412 14.99 0.77 -26.82
C CYS A 412 15.26 -0.72 -26.70
N LYS A 413 14.29 -1.48 -26.20
CA LYS A 413 14.47 -2.92 -25.97
C LYS A 413 14.88 -3.70 -27.22
N THR A 414 14.59 -3.21 -28.42
CA THR A 414 14.99 -3.94 -29.63
C THR A 414 16.50 -3.82 -29.86
N ALA A 415 17.08 -2.65 -29.56
CA ALA A 415 18.50 -2.35 -29.70
C ALA A 415 18.94 -1.89 -28.30
N PRO A 416 19.16 -2.83 -27.37
CA PRO A 416 19.51 -2.44 -25.99
C PRO A 416 20.84 -1.71 -25.80
N ASN A 417 21.71 -1.69 -26.81
CA ASN A 417 23.02 -1.05 -26.66
C ASN A 417 23.02 0.46 -26.87
N ARG A 418 22.07 0.98 -27.64
CA ARG A 418 21.95 2.41 -27.94
C ARG A 418 20.87 3.07 -27.10
N ALA A 419 20.87 4.40 -27.12
CA ALA A 419 19.92 5.20 -26.35
C ALA A 419 18.90 5.88 -27.24
N ILE A 420 17.63 5.85 -26.82
CA ILE A 420 16.54 6.48 -27.58
C ILE A 420 16.71 8.00 -27.52
N GLU A 437 15.94 27.24 -5.65
CA GLU A 437 16.63 26.05 -5.16
C GLU A 437 17.03 26.22 -3.70
N GLN A 438 16.79 27.43 -3.16
CA GLN A 438 17.11 27.79 -1.80
C GLN A 438 15.94 28.47 -1.11
N LEU A 439 15.72 28.11 0.13
CA LEU A 439 14.68 28.69 0.99
C LEU A 439 15.39 29.35 2.15
N ILE A 440 15.06 30.60 2.46
CA ILE A 440 15.63 31.30 3.63
C ILE A 440 14.49 31.49 4.62
N ARG A 441 14.69 31.00 5.82
CA ARG A 441 13.67 31.07 6.87
C ARG A 441 14.26 31.79 8.06
N VAL A 442 13.54 32.76 8.60
CA VAL A 442 14.03 33.49 9.76
C VAL A 442 13.16 33.13 10.96
N TYR A 443 13.82 32.71 12.05
CA TYR A 443 13.16 32.39 13.32
C TYR A 443 13.68 33.33 14.41
N CYS A 444 12.85 33.57 15.42
CA CYS A 444 13.23 34.41 16.54
C CYS A 444 13.38 33.58 17.81
N LYS A 445 14.44 33.87 18.58
CA LYS A 445 14.70 33.20 19.85
C LYS A 445 13.79 33.76 20.94
N LYS A 446 13.32 34.99 20.81
CA LYS A 446 12.43 35.61 21.79
C LYS A 446 11.00 35.28 21.40
N VAL A 447 10.13 35.11 22.41
CA VAL A 447 8.75 34.73 22.13
C VAL A 447 7.70 35.77 22.48
N ASP A 448 8.05 36.88 23.15
CA ASP A 448 7.01 37.86 23.47
C ASP A 448 6.37 38.36 22.18
N ARG A 449 5.03 38.41 22.16
CA ARG A 449 4.25 38.89 21.00
C ARG A 449 4.96 40.10 20.38
N LYS A 450 5.47 40.98 21.25
CA LYS A 450 6.21 42.17 20.84
C LYS A 450 7.40 41.83 19.95
N SER A 451 8.41 41.15 20.52
CA SER A 451 9.60 40.81 19.75
C SER A 451 9.27 40.01 18.49
N LEU A 452 8.18 39.25 18.48
CA LEU A 452 7.85 38.50 17.27
C LEU A 452 7.42 39.47 16.17
N TYR A 453 6.61 40.49 16.52
CA TYR A 453 6.20 41.51 15.54
C TYR A 453 7.41 42.31 15.04
N ALA A 454 8.35 42.62 15.93
CA ALA A 454 9.55 43.35 15.52
C ALA A 454 10.41 42.51 14.60
N ALA A 455 10.50 41.21 14.85
CA ALA A 455 11.28 40.35 13.98
C ALA A 455 10.64 40.30 12.61
N ARG A 456 9.31 40.23 12.54
CA ARG A 456 8.69 40.20 11.22
C ARG A 456 9.02 41.48 10.45
N GLN A 457 9.02 42.63 11.13
CA GLN A 457 9.35 43.88 10.42
C GLN A 457 10.80 43.84 9.92
N TYR A 458 11.74 43.56 10.81
CA TYR A 458 13.13 43.50 10.41
C TYR A 458 13.28 42.55 9.22
N PHE A 459 12.51 41.45 9.23
CA PHE A 459 12.63 40.45 8.19
C PHE A 459 12.09 40.93 6.86
N VAL A 460 10.87 41.45 6.82
CA VAL A 460 10.33 41.91 5.54
C VAL A 460 11.25 42.99 4.96
N GLN A 461 11.91 43.73 5.84
CA GLN A 461 12.84 44.73 5.34
C GLN A 461 14.03 44.03 4.72
N TRP A 462 14.75 43.20 5.49
CA TRP A 462 15.92 42.49 4.97
C TRP A 462 15.64 41.90 3.61
N CYS A 463 14.47 41.30 3.46
CA CYS A 463 14.12 40.74 2.15
C CYS A 463 14.14 41.86 1.10
N ALA A 464 13.41 42.92 1.35
CA ALA A 464 13.36 44.00 0.37
C ALA A 464 14.74 44.60 0.09
N ASP A 465 15.49 44.96 1.12
CA ASP A 465 16.79 45.61 0.93
C ASP A 465 17.88 44.64 0.52
N ARG A 466 17.57 43.38 0.32
CA ARG A 466 18.54 42.45 -0.24
C ARG A 466 17.97 41.91 -1.55
N ASN A 467 16.80 42.40 -1.97
CA ASN A 467 16.10 41.95 -3.16
C ASN A 467 15.81 40.44 -3.09
N PHE A 468 14.94 40.10 -2.15
CA PHE A 468 14.46 38.74 -1.94
C PHE A 468 12.94 38.79 -2.08
N THR A 469 12.33 37.63 -2.34
CA THR A 469 10.88 37.54 -2.47
C THR A 469 10.12 38.11 -1.28
N LYS A 470 8.94 38.64 -1.56
CA LYS A 470 8.13 39.26 -0.53
C LYS A 470 7.53 38.26 0.43
N PRO A 471 7.94 38.24 1.69
CA PRO A 471 7.34 37.29 2.64
C PRO A 471 5.83 37.40 2.56
N GLN A 472 5.15 36.27 2.68
CA GLN A 472 3.68 36.29 2.60
C GLN A 472 2.94 36.08 3.93
N THR B 4 -5.10 22.45 21.14
CA THR B 4 -6.35 21.73 21.36
C THR B 4 -6.14 20.22 21.16
N MET B 5 -5.18 19.88 20.31
CA MET B 5 -4.85 18.50 19.99
C MET B 5 -3.37 18.48 19.70
N LYS B 6 -2.92 17.57 18.89
CA LYS B 6 -1.52 17.51 18.50
C LYS B 6 -1.37 16.21 17.75
N VAL B 7 -1.40 16.26 16.46
CA VAL B 7 -1.25 15.08 15.65
C VAL B 7 0.23 14.81 15.45
N ILE B 8 0.60 13.55 15.62
CA ILE B 8 1.94 13.03 15.43
C ILE B 8 1.79 12.00 14.31
N ASN B 9 2.87 11.73 13.58
CA ASN B 9 2.80 10.73 12.53
C ASN B 9 3.77 9.59 12.80
N ASP B 10 3.20 8.43 13.14
CA ASP B 10 3.89 7.19 13.39
C ASP B 10 3.78 6.23 12.20
N PRO B 11 4.91 5.55 11.93
CA PRO B 11 4.94 4.56 10.85
C PRO B 11 4.02 3.41 11.10
N ILE B 12 3.68 3.10 12.34
CA ILE B 12 2.82 1.98 12.66
C ILE B 12 1.36 2.38 12.73
N HIS B 13 1.01 3.20 13.71
CA HIS B 13 -0.38 3.60 13.93
C HIS B 13 -0.88 4.68 13.01
N GLY B 14 0.02 5.43 12.39
CA GLY B 14 -0.44 6.43 11.50
C GLY B 14 -0.49 7.79 12.08
N HIS B 15 -1.69 8.38 12.15
CA HIS B 15 -1.87 9.72 12.69
C HIS B 15 -2.39 9.55 14.10
N ILE B 16 -1.51 9.70 15.06
CA ILE B 16 -1.87 9.62 16.47
C ILE B 16 -2.26 11.02 16.93
N GLU B 17 -3.46 11.18 17.46
CA GLU B 17 -3.90 12.46 18.01
C GLU B 17 -3.61 12.44 19.52
N LEU B 18 -2.99 13.50 20.05
CA LEU B 18 -2.61 13.53 21.44
C LEU B 18 -3.28 14.65 22.22
N HIS B 19 -4.02 14.27 23.27
CA HIS B 19 -4.71 15.22 24.12
C HIS B 19 -3.69 16.10 24.83
N PRO B 20 -4.00 17.39 25.03
CA PRO B 20 -3.04 18.32 25.69
C PRO B 20 -2.40 17.84 26.97
N LEU B 21 -3.14 17.15 27.83
CA LEU B 21 -2.54 16.64 29.05
C LEU B 21 -1.42 15.66 28.73
N LEU B 22 -1.66 14.78 27.73
CA LEU B 22 -0.64 13.83 27.34
C LEU B 22 0.56 14.56 26.80
N VAL B 23 0.31 15.61 26.02
CA VAL B 23 1.41 16.36 25.45
C VAL B 23 2.22 17.01 26.54
N ARG B 24 1.59 17.40 27.67
CA ARG B 24 2.34 18.04 28.74
C ARG B 24 3.22 17.02 29.42
N ILE B 25 2.70 15.79 29.57
CA ILE B 25 3.48 14.71 30.18
C ILE B 25 4.66 14.32 29.31
N ILE B 26 4.44 14.29 27.99
CA ILE B 26 5.47 13.92 27.03
C ILE B 26 6.60 14.92 26.98
N ASP B 27 6.27 16.21 26.97
CA ASP B 27 7.26 17.25 26.83
C ASP B 27 7.85 17.60 28.18
N THR B 28 8.57 16.64 28.72
CA THR B 28 9.22 16.77 30.01
C THR B 28 10.52 15.98 29.93
N PRO B 29 11.49 16.32 30.72
CA PRO B 29 12.78 15.61 30.65
C PRO B 29 12.65 14.16 30.98
N GLN B 30 11.70 13.84 31.84
CA GLN B 30 11.46 12.48 32.30
C GLN B 30 10.95 11.60 31.19
N PHE B 31 9.96 12.09 30.45
CA PHE B 31 9.41 11.29 29.35
C PHE B 31 10.34 11.31 28.14
N GLN B 32 10.99 12.43 27.88
CA GLN B 32 11.91 12.51 26.77
C GLN B 32 13.12 11.63 26.99
N ARG B 33 13.41 11.24 28.23
CA ARG B 33 14.59 10.37 28.37
C ARG B 33 14.41 9.06 27.60
N LEU B 34 13.17 8.67 27.34
CA LEU B 34 12.94 7.45 26.62
C LEU B 34 13.39 7.50 25.17
N ARG B 35 13.76 8.66 24.64
CA ARG B 35 14.25 8.72 23.27
C ARG B 35 15.70 8.22 23.19
N TYR B 36 16.30 7.90 24.33
CA TYR B 36 17.71 7.49 24.42
C TYR B 36 17.92 6.14 25.07
N ILE B 37 16.90 5.28 25.00
CA ILE B 37 16.94 3.90 25.50
C ILE B 37 16.38 2.97 24.41
N LYS B 38 17.28 2.22 23.75
CA LYS B 38 16.88 1.33 22.65
C LYS B 38 15.87 0.34 23.19
N GLN B 39 14.92 -0.04 22.34
CA GLN B 39 13.94 -1.01 22.80
C GLN B 39 14.56 -2.39 22.91
N LEU B 40 15.11 -2.89 21.83
CA LEU B 40 15.71 -4.21 21.88
C LEU B 40 17.13 -4.18 22.47
N GLY B 41 17.56 -3.04 23.00
CA GLY B 41 18.87 -2.93 23.61
C GLY B 41 20.04 -3.53 22.88
N GLY B 42 20.42 -4.76 23.24
CA GLY B 42 21.54 -5.36 22.53
C GLY B 42 21.22 -5.74 21.10
N GLY B 43 19.92 -5.95 20.80
CA GLY B 43 19.52 -6.36 19.47
C GLY B 43 20.10 -5.52 18.34
N TYR B 44 20.10 -4.20 18.47
CA TYR B 44 20.59 -3.29 17.42
C TYR B 44 21.89 -3.83 16.82
N TYR B 45 22.77 -4.39 17.63
CA TYR B 45 24.07 -4.97 17.14
C TYR B 45 23.87 -6.25 16.40
N VAL B 46 22.65 -6.68 16.09
CA VAL B 46 22.42 -7.93 15.39
C VAL B 46 21.41 -7.66 14.28
N PHE B 47 20.46 -6.78 14.57
CA PHE B 47 19.43 -6.39 13.63
C PHE B 47 19.72 -4.91 13.34
N PRO B 48 20.31 -4.59 12.19
CA PRO B 48 20.68 -3.20 11.92
C PRO B 48 19.55 -2.23 11.83
N GLY B 49 18.30 -2.64 11.89
CA GLY B 49 17.25 -1.66 11.84
C GLY B 49 16.50 -1.51 13.14
N ALA B 50 16.99 -2.14 14.21
CA ALA B 50 16.39 -2.13 15.55
C ALA B 50 16.97 -0.99 16.38
N SER B 51 16.92 0.18 15.79
CA SER B 51 17.40 1.40 16.40
C SER B 51 16.31 2.08 17.20
N HIS B 52 15.07 1.55 17.17
CA HIS B 52 13.95 2.19 17.85
C HIS B 52 14.18 2.26 19.36
N ASN B 53 13.63 3.31 19.96
CA ASN B 53 13.76 3.52 21.40
C ASN B 53 12.38 3.41 22.03
N ARG B 54 12.32 3.54 23.37
CA ARG B 54 11.06 3.39 24.10
C ARG B 54 10.10 4.58 23.95
N PHE B 55 10.60 5.72 23.50
CA PHE B 55 9.71 6.86 23.31
C PHE B 55 8.57 6.54 22.34
N GLU B 56 8.91 6.08 21.13
CA GLU B 56 7.90 5.75 20.10
C GLU B 56 6.97 4.62 20.56
N HIS B 57 7.54 3.62 21.21
CA HIS B 57 6.72 2.57 21.78
C HIS B 57 5.68 3.17 22.74
N SER B 58 6.14 4.06 23.63
CA SER B 58 5.27 4.65 24.64
C SER B 58 4.12 5.38 23.99
N LEU B 59 4.43 6.23 23.01
CA LEU B 59 3.36 6.92 22.29
C LEU B 59 2.36 5.90 21.69
N GLY B 60 2.86 4.79 21.11
CA GLY B 60 1.96 3.81 20.51
C GLY B 60 1.07 3.09 21.50
N VAL B 61 1.61 2.80 22.68
CA VAL B 61 0.77 2.15 23.69
C VAL B 61 -0.27 3.15 24.17
N GLY B 62 0.12 4.41 24.28
CA GLY B 62 -0.86 5.40 24.67
C GLY B 62 -2.00 5.44 23.68
N TYR B 63 -1.65 5.50 22.38
CA TYR B 63 -2.64 5.56 21.32
C TYR B 63 -3.53 4.33 21.35
N LEU B 64 -2.94 3.14 21.37
CA LEU B 64 -3.73 1.92 21.32
C LEU B 64 -4.66 1.81 22.52
N ALA B 65 -4.21 2.29 23.69
CA ALA B 65 -5.04 2.23 24.89
C ALA B 65 -6.31 3.06 24.71
N GLY B 66 -6.14 4.27 24.18
CA GLY B 66 -7.29 5.11 23.96
C GLY B 66 -8.21 4.56 22.90
N CYS B 67 -7.62 3.99 21.83
CA CYS B 67 -8.41 3.44 20.74
C CYS B 67 -9.32 2.35 21.26
N LEU B 68 -8.75 1.44 22.04
CA LEU B 68 -9.51 0.33 22.61
C LEU B 68 -10.55 0.76 23.66
N VAL B 69 -10.20 1.63 24.61
CA VAL B 69 -11.24 1.98 25.58
C VAL B 69 -12.34 2.79 24.91
N HIS B 70 -11.96 3.81 24.15
CA HIS B 70 -12.99 4.64 23.53
C HIS B 70 -13.94 3.79 22.70
N ALA B 71 -13.41 2.84 21.92
CA ALA B 71 -14.28 1.98 21.12
C ALA B 71 -15.17 1.11 22.02
N LEU B 72 -14.57 0.49 23.05
CA LEU B 72 -15.38 -0.37 23.92
C LEU B 72 -16.58 0.39 24.44
N GLY B 73 -16.35 1.63 24.87
CA GLY B 73 -17.42 2.43 25.41
C GLY B 73 -18.46 2.85 24.38
N GLU B 74 -18.00 3.18 23.16
CA GLU B 74 -18.95 3.58 22.12
C GLU B 74 -19.94 2.46 21.87
N LYS B 75 -19.45 1.23 21.71
CA LYS B 75 -20.36 0.14 21.44
C LYS B 75 -21.15 -0.29 22.67
N GLN B 76 -20.57 -0.14 23.87
CA GLN B 76 -21.22 -0.55 25.11
C GLN B 76 -21.35 0.57 26.13
N PRO B 77 -22.27 1.52 25.88
CA PRO B 77 -22.47 2.63 26.85
C PRO B 77 -22.81 2.14 28.26
N GLU B 78 -23.48 0.99 28.34
CA GLU B 78 -23.82 0.39 29.62
C GLU B 78 -22.60 0.34 30.54
N LEU B 79 -21.43 0.07 29.98
CA LEU B 79 -20.22 -0.02 30.78
C LEU B 79 -19.93 1.28 31.49
N GLN B 80 -20.37 2.40 30.92
CA GLN B 80 -20.15 3.71 31.52
C GLN B 80 -18.67 4.03 31.61
N ILE B 81 -18.10 4.51 30.51
CA ILE B 81 -16.70 4.88 30.44
C ILE B 81 -16.68 6.36 30.12
N SER B 82 -15.99 7.12 30.94
CA SER B 82 -15.91 8.56 30.78
C SER B 82 -14.64 8.95 30.07
N GLU B 83 -14.57 10.22 29.67
CA GLU B 83 -13.35 10.72 29.04
C GLU B 83 -12.24 10.70 30.08
N ARG B 84 -12.62 10.74 31.38
CA ARG B 84 -11.68 10.67 32.49
C ARG B 84 -10.98 9.32 32.49
N ASP B 85 -11.77 8.25 32.29
CA ASP B 85 -11.21 6.91 32.25
C ASP B 85 -10.28 6.78 31.06
N VAL B 86 -10.68 7.32 29.91
CA VAL B 86 -9.86 7.22 28.72
C VAL B 86 -8.53 7.95 28.92
N LEU B 87 -8.58 9.16 29.51
CA LEU B 87 -7.35 9.91 29.77
C LEU B 87 -6.45 9.22 30.78
N CYS B 88 -7.03 8.53 31.75
CA CYS B 88 -6.21 7.80 32.69
C CYS B 88 -5.56 6.61 32.02
N VAL B 89 -6.35 5.83 31.25
CA VAL B 89 -5.82 4.66 30.55
C VAL B 89 -4.78 5.09 29.52
N GLN B 90 -5.00 6.25 28.91
CA GLN B 90 -4.05 6.78 27.94
C GLN B 90 -2.73 7.08 28.62
N ILE B 91 -2.80 7.74 29.79
CA ILE B 91 -1.61 8.10 30.56
C ILE B 91 -0.91 6.83 31.03
N ALA B 92 -1.68 5.79 31.38
CA ALA B 92 -1.07 4.54 31.78
C ALA B 92 -0.27 3.99 30.61
N GLY B 93 -0.86 4.02 29.40
CA GLY B 93 -0.15 3.54 28.23
C GLY B 93 1.13 4.32 28.00
N LEU B 94 1.04 5.66 28.02
CA LEU B 94 2.23 6.49 27.76
C LEU B 94 3.34 6.22 28.76
N CYS B 95 3.03 6.29 30.05
CA CYS B 95 4.06 6.15 31.09
C CYS B 95 4.40 4.72 31.44
N HIS B 96 3.73 3.76 30.85
CA HIS B 96 4.07 2.36 31.03
C HIS B 96 5.55 2.08 31.23
N ASP B 97 6.42 2.51 30.31
CA ASP B 97 7.82 2.14 30.31
C ASP B 97 8.76 3.15 30.89
N LEU B 98 8.25 4.21 31.45
CA LEU B 98 9.05 5.27 32.03
C LEU B 98 10.24 4.89 32.89
N GLY B 99 10.18 3.69 33.47
CA GLY B 99 11.21 3.17 34.35
C GLY B 99 12.30 2.31 33.79
N HIS B 100 12.27 1.98 32.49
CA HIS B 100 13.31 1.16 31.88
C HIS B 100 14.62 1.84 31.96
N GLY B 101 15.67 1.07 31.86
CA GLY B 101 16.98 1.61 32.02
C GLY B 101 17.82 1.28 30.84
N PRO B 102 19.03 1.72 30.87
CA PRO B 102 19.94 1.51 29.74
C PRO B 102 19.77 0.17 29.05
N PHE B 103 19.48 0.17 27.75
CA PHE B 103 19.33 -1.07 26.96
C PHE B 103 18.19 -1.93 27.48
N SER B 104 17.16 -1.27 27.94
CA SER B 104 15.94 -1.84 28.46
C SER B 104 16.00 -3.05 29.36
N HIS B 105 15.43 -4.18 28.93
CA HIS B 105 15.33 -5.36 29.78
C HIS B 105 16.65 -5.84 30.28
N MET B 106 17.74 -5.31 29.79
CA MET B 106 19.04 -5.73 30.31
C MET B 106 19.28 -5.15 31.69
N PHE B 107 18.83 -3.92 31.87
CA PHE B 107 19.08 -3.20 33.11
C PHE B 107 18.41 -3.85 34.31
N ASP B 108 17.11 -4.16 34.23
CA ASP B 108 16.52 -4.71 35.42
C ASP B 108 16.55 -6.23 35.46
N GLY B 109 16.94 -6.89 34.38
CA GLY B 109 16.95 -8.33 34.41
C GLY B 109 18.29 -8.98 34.60
N ARG B 110 19.35 -8.21 34.51
CA ARG B 110 20.68 -8.76 34.67
C ARG B 110 21.64 -7.87 35.47
N PHE B 111 21.72 -6.57 35.10
CA PHE B 111 22.67 -5.65 35.74
C PHE B 111 22.37 -5.37 37.23
N ILE B 112 21.20 -4.84 37.52
CA ILE B 112 20.87 -4.60 38.90
C ILE B 112 21.01 -5.91 39.68
N PRO B 113 20.46 -7.03 39.15
CA PRO B 113 20.60 -8.32 39.88
C PRO B 113 22.01 -8.82 40.07
N LEU B 114 22.95 -8.38 39.26
CA LEU B 114 24.32 -8.84 39.42
C LEU B 114 25.18 -7.90 40.21
N ALA B 115 24.78 -6.62 40.30
CA ALA B 115 25.50 -5.60 41.05
C ALA B 115 24.98 -5.39 42.47
N ARG B 116 23.70 -5.63 42.66
CA ARG B 116 23.03 -5.44 43.95
C ARG B 116 22.07 -6.62 44.13
N PRO B 117 22.62 -7.82 44.37
CA PRO B 117 21.74 -8.98 44.48
C PRO B 117 20.68 -8.83 45.52
N GLU B 118 20.95 -8.01 46.52
CA GLU B 118 20.03 -7.84 47.64
C GLU B 118 18.77 -7.07 47.27
N VAL B 119 18.90 -6.11 46.34
CA VAL B 119 17.80 -5.24 45.92
C VAL B 119 16.74 -6.00 45.17
N LYS B 120 15.55 -5.39 45.10
CA LYS B 120 14.40 -5.93 44.37
C LYS B 120 13.84 -4.79 43.51
N TRP B 121 14.48 -4.53 42.37
CA TRP B 121 14.07 -3.50 41.40
C TRP B 121 13.49 -4.09 40.11
N THR B 122 12.31 -3.62 39.74
CA THR B 122 11.63 -4.00 38.51
C THR B 122 11.42 -2.73 37.71
N HIS B 123 11.45 -2.81 36.38
CA HIS B 123 11.25 -1.57 35.63
C HIS B 123 9.86 -1.00 35.88
N GLU B 124 8.89 -1.84 36.24
CA GLU B 124 7.54 -1.37 36.48
C GLU B 124 7.50 -0.48 37.75
N GLN B 125 8.21 -0.90 38.80
CA GLN B 125 8.31 -0.06 39.97
C GLN B 125 8.90 1.29 39.59
N GLY B 126 10.05 1.25 38.90
CA GLY B 126 10.66 2.48 38.46
C GLY B 126 9.74 3.31 37.59
N SER B 127 8.81 2.68 36.87
CA SER B 127 7.91 3.52 36.11
C SER B 127 7.01 4.29 37.06
N VAL B 128 6.55 3.65 38.11
CA VAL B 128 5.71 4.37 39.08
C VAL B 128 6.50 5.52 39.73
N MET B 129 7.78 5.29 40.02
CA MET B 129 8.63 6.30 40.61
C MET B 129 8.84 7.47 39.65
N MET B 130 9.18 7.17 38.40
CA MET B 130 9.39 8.24 37.43
C MET B 130 8.09 8.94 37.08
N PHE B 131 6.97 8.25 37.10
CA PHE B 131 5.71 8.93 36.85
C PHE B 131 5.50 9.93 37.98
N GLU B 132 5.71 9.51 39.24
CA GLU B 132 5.57 10.45 40.35
C GLU B 132 6.51 11.64 40.18
N HIS B 133 7.77 11.36 39.86
CA HIS B 133 8.75 12.43 39.62
C HIS B 133 8.29 13.36 38.51
N LEU B 134 7.77 12.81 37.41
CA LEU B 134 7.32 13.62 36.30
C LEU B 134 6.21 14.55 36.73
N ILE B 135 5.14 14.00 37.27
CA ILE B 135 4.05 14.87 37.66
C ILE B 135 4.38 15.81 38.81
N ASN B 136 5.38 15.53 39.63
CA ASN B 136 5.67 16.49 40.67
C ASN B 136 6.67 17.55 40.23
N SER B 137 7.52 17.24 39.27
CA SER B 137 8.53 18.19 38.83
C SER B 137 8.06 19.17 37.78
N ASN B 138 6.96 18.84 37.09
CA ASN B 138 6.42 19.64 36.02
C ASN B 138 4.99 20.06 36.30
N GLY B 139 4.66 20.23 37.56
CA GLY B 139 3.35 20.65 37.96
C GLY B 139 2.19 20.17 37.11
N ILE B 140 2.11 18.86 36.90
CA ILE B 140 1.04 18.31 36.09
C ILE B 140 -0.26 18.11 36.85
N LYS B 141 -0.23 18.09 38.19
CA LYS B 141 -1.45 17.83 38.95
C LYS B 141 -2.54 18.85 38.69
N PRO B 142 -2.24 20.14 38.61
CA PRO B 142 -3.31 21.10 38.32
C PRO B 142 -3.83 20.90 36.93
N VAL B 143 -2.97 20.51 35.99
CA VAL B 143 -3.38 20.27 34.60
C VAL B 143 -4.37 19.12 34.54
N MET B 144 -4.06 18.03 35.26
CA MET B 144 -4.98 16.89 35.33
C MET B 144 -6.34 17.38 35.81
N GLU B 145 -6.33 18.25 36.83
CA GLU B 145 -7.58 18.76 37.36
C GLU B 145 -8.30 19.63 36.33
N GLN B 146 -7.54 20.30 35.47
CA GLN B 146 -8.14 21.17 34.47
C GLN B 146 -8.94 20.39 33.44
N TYR B 147 -8.49 19.17 33.13
CA TYR B 147 -9.08 18.31 32.12
C TYR B 147 -9.97 17.21 32.70
N GLY B 148 -10.49 17.40 33.92
CA GLY B 148 -11.42 16.47 34.52
C GLY B 148 -10.88 15.41 35.44
N LEU B 149 -9.59 15.23 35.59
CA LEU B 149 -9.14 14.16 36.47
C LEU B 149 -9.17 14.56 37.95
N ILE B 150 -9.11 13.55 38.81
CA ILE B 150 -9.08 13.71 40.27
C ILE B 150 -7.71 13.22 40.71
N PRO B 151 -6.67 14.03 40.58
CA PRO B 151 -5.29 13.58 40.88
C PRO B 151 -5.14 12.48 41.90
N GLU B 152 -5.83 12.55 43.02
CA GLU B 152 -5.68 11.48 43.99
C GLU B 152 -6.05 10.16 43.35
N GLU B 153 -7.36 9.90 43.24
CA GLU B 153 -7.83 8.63 42.67
C GLU B 153 -7.17 8.26 41.36
N ASP B 154 -7.17 9.20 40.40
CA ASP B 154 -6.66 8.95 39.05
C ASP B 154 -5.17 8.62 39.01
N ILE B 155 -4.36 9.27 39.82
CA ILE B 155 -2.97 8.85 39.80
C ILE B 155 -2.91 7.44 40.39
N CYS B 156 -3.78 7.13 41.36
CA CYS B 156 -3.79 5.76 41.90
C CYS B 156 -4.16 4.75 40.83
N PHE B 157 -5.17 5.07 40.02
CA PHE B 157 -5.60 4.20 38.95
C PHE B 157 -4.46 3.97 37.96
N ILE B 158 -3.77 5.04 37.57
CA ILE B 158 -2.67 4.91 36.62
C ILE B 158 -1.54 4.06 37.20
N LYS B 159 -1.18 4.32 38.45
CA LYS B 159 -0.09 3.57 39.06
C LYS B 159 -0.44 2.09 39.21
N GLU B 160 -1.70 1.78 39.54
CA GLU B 160 -2.10 0.38 39.65
C GLU B 160 -2.11 -0.28 38.26
N GLN B 161 -2.55 0.46 37.25
CA GLN B 161 -2.53 -0.04 35.88
C GLN B 161 -1.13 -0.43 35.43
N ILE B 162 -0.09 0.15 36.01
CA ILE B 162 1.25 -0.17 35.62
C ILE B 162 1.89 -1.25 36.50
N VAL B 163 1.84 -1.08 37.80
CA VAL B 163 2.53 -2.01 38.66
C VAL B 163 1.67 -3.13 39.22
N GLY B 164 0.35 -2.98 39.24
CA GLY B 164 -0.53 -4.00 39.76
C GLY B 164 -1.15 -3.55 41.05
N PRO B 165 -1.94 -4.42 41.67
CA PRO B 165 -2.59 -4.04 42.93
C PRO B 165 -1.57 -3.51 43.93
N LEU B 166 -2.04 -2.97 45.06
CA LEU B 166 -1.15 -2.41 46.08
C LEU B 166 -1.65 -2.77 47.48
N LEU B 174 -12.84 -8.68 48.00
CA LEU B 174 -11.54 -9.17 47.57
C LEU B 174 -11.00 -8.35 46.40
N TRP B 175 -11.74 -7.34 45.98
CA TRP B 175 -11.30 -6.45 44.88
C TRP B 175 -10.06 -5.71 45.39
N PRO B 176 -8.89 -5.92 44.80
CA PRO B 176 -7.65 -5.33 45.34
C PRO B 176 -7.23 -3.97 44.79
N TYR B 177 -8.08 -3.23 44.10
CA TYR B 177 -7.69 -1.97 43.55
C TYR B 177 -8.40 -0.83 44.25
N LYS B 178 -7.65 0.24 44.50
CA LYS B 178 -8.18 1.43 45.11
C LYS B 178 -8.42 2.52 44.07
N GLY B 179 -7.76 2.42 42.91
CA GLY B 179 -7.91 3.39 41.83
C GLY B 179 -9.32 3.47 41.28
N ARG B 180 -9.85 2.36 40.79
CA ARG B 180 -11.20 2.30 40.25
C ARG B 180 -11.94 1.11 40.84
N PRO B 181 -13.28 1.16 40.93
CA PRO B 181 -14.03 0.02 41.46
C PRO B 181 -13.96 -1.23 40.60
N GLU B 182 -14.58 -2.32 41.09
CA GLU B 182 -14.59 -3.60 40.37
C GLU B 182 -15.45 -3.58 39.13
N ASN B 183 -16.56 -2.83 39.13
CA ASN B 183 -17.42 -2.75 37.95
C ASN B 183 -16.68 -2.16 36.74
N LYS B 184 -15.46 -1.64 36.90
CA LYS B 184 -14.66 -1.11 35.80
C LYS B 184 -13.37 -1.91 35.66
N SER B 185 -13.39 -3.14 36.13
CA SER B 185 -12.19 -3.98 36.08
C SER B 185 -11.61 -4.12 34.70
N PHE B 186 -12.46 -4.19 33.65
CA PHE B 186 -11.93 -4.34 32.29
C PHE B 186 -10.88 -3.28 31.97
N LEU B 187 -10.98 -2.08 32.59
CA LEU B 187 -10.01 -1.03 32.30
C LEU B 187 -8.61 -1.41 32.73
N TYR B 188 -8.47 -2.37 33.60
CA TYR B 188 -7.15 -2.76 34.06
C TYR B 188 -6.53 -3.85 33.20
N GLU B 189 -7.21 -4.25 32.12
CA GLU B 189 -6.70 -5.28 31.22
C GLU B 189 -6.25 -4.73 29.87
N ILE B 190 -6.20 -3.41 29.73
CA ILE B 190 -5.81 -2.76 28.48
C ILE B 190 -4.32 -2.56 28.37
N VAL B 191 -3.70 -1.90 29.34
CA VAL B 191 -2.26 -1.63 29.24
C VAL B 191 -1.43 -2.84 29.63
N SER B 192 -1.95 -3.74 30.45
CA SER B 192 -1.16 -4.92 30.80
C SER B 192 -2.06 -5.97 31.43
N ASN B 193 -2.36 -7.03 30.65
CA ASN B 193 -3.17 -8.17 31.11
C ASN B 193 -2.19 -9.33 31.18
N LYS B 194 -1.84 -9.73 32.39
CA LYS B 194 -0.95 -10.85 32.66
C LYS B 194 -1.67 -12.19 32.56
N ARG B 195 -3.00 -12.16 32.32
CA ARG B 195 -3.82 -13.38 32.22
C ARG B 195 -3.83 -13.94 30.80
N ASN B 196 -4.50 -13.25 29.87
CA ASN B 196 -4.59 -13.72 28.49
C ASN B 196 -3.45 -13.22 27.63
N GLY B 197 -2.46 -12.56 28.20
CA GLY B 197 -1.36 -12.07 27.38
C GLY B 197 -1.81 -11.24 26.19
N ILE B 198 -2.80 -10.38 26.39
CA ILE B 198 -3.34 -9.52 25.36
C ILE B 198 -3.54 -8.14 25.97
N ASP B 199 -2.65 -7.22 25.68
CA ASP B 199 -2.69 -5.85 26.15
C ASP B 199 -2.22 -5.03 24.96
N VAL B 200 -2.38 -3.71 25.02
CA VAL B 200 -1.93 -2.90 23.88
C VAL B 200 -0.43 -2.71 23.90
N ASP B 201 0.21 -2.96 25.04
CA ASP B 201 1.67 -2.81 25.06
C ASP B 201 2.26 -3.84 24.12
N LYS B 202 1.64 -5.01 24.09
CA LYS B 202 2.09 -6.06 23.18
C LYS B 202 1.68 -5.74 21.75
N TRP B 203 0.45 -5.27 21.52
CA TRP B 203 0.02 -4.95 20.18
C TRP B 203 0.96 -3.97 19.52
N ASP B 204 1.50 -3.04 20.29
CA ASP B 204 2.40 -2.09 19.70
C ASP B 204 3.77 -2.71 19.53
N TYR B 205 4.39 -3.14 20.62
CA TYR B 205 5.77 -3.59 20.53
C TYR B 205 5.91 -4.69 19.55
N PHE B 206 4.87 -5.52 19.35
CA PHE B 206 4.93 -6.59 18.31
C PHE B 206 5.08 -5.96 16.94
N ALA B 207 4.12 -5.14 16.54
CA ALA B 207 4.12 -4.41 15.28
C ALA B 207 5.41 -3.61 15.03
N ARG B 208 5.76 -2.71 15.95
CA ARG B 208 6.95 -1.90 15.80
C ARG B 208 8.21 -2.75 15.73
N ASP B 209 8.29 -3.79 16.55
CA ASP B 209 9.52 -4.58 16.55
C ASP B 209 9.64 -5.31 15.24
N CYS B 210 8.50 -5.84 14.75
CA CYS B 210 8.47 -6.55 13.50
C CYS B 210 8.87 -5.66 12.37
N HIS B 211 8.40 -4.41 12.41
CA HIS B 211 8.70 -3.41 11.40
C HIS B 211 10.13 -2.95 11.41
N HIS B 212 10.87 -3.14 12.46
CA HIS B 212 12.24 -2.69 12.44
C HIS B 212 13.20 -3.86 12.31
N LEU B 213 12.71 -5.06 12.57
CA LEU B 213 13.53 -6.26 12.53
C LEU B 213 13.54 -6.97 11.18
N GLY B 214 12.53 -6.76 10.36
CA GLY B 214 12.46 -7.46 9.10
C GLY B 214 11.61 -8.69 9.20
N ILE B 215 10.71 -8.75 10.17
CA ILE B 215 9.78 -9.86 10.43
C ILE B 215 8.39 -9.38 10.08
N GLN B 216 7.49 -10.32 9.81
CA GLN B 216 6.14 -9.97 9.43
C GLN B 216 5.20 -10.16 10.60
N ASN B 217 4.22 -9.26 10.72
CA ASN B 217 3.22 -9.30 11.78
C ASN B 217 1.87 -9.49 11.12
N ASN B 218 1.20 -10.61 11.44
CA ASN B 218 -0.07 -10.99 10.83
C ASN B 218 -1.29 -10.71 11.69
N PHE B 219 -1.15 -9.87 12.70
CA PHE B 219 -2.22 -9.51 13.62
C PHE B 219 -2.74 -8.13 13.22
N ASP B 220 -4.05 -8.00 13.02
CA ASP B 220 -4.61 -6.68 12.64
C ASP B 220 -5.27 -6.10 13.90
N TYR B 221 -4.47 -5.41 14.71
CA TYR B 221 -4.97 -4.85 15.97
C TYR B 221 -6.22 -4.04 15.75
N LYS B 222 -6.37 -3.45 14.58
CA LYS B 222 -7.58 -2.69 14.30
C LYS B 222 -8.79 -3.62 14.32
N ARG B 223 -8.62 -4.83 13.80
CA ARG B 223 -9.71 -5.81 13.75
C ARG B 223 -10.16 -6.19 15.15
N PHE B 224 -9.20 -6.45 16.03
CA PHE B 224 -9.54 -6.78 17.40
C PHE B 224 -10.32 -5.63 18.02
N ILE B 225 -9.72 -4.44 18.03
CA ILE B 225 -10.39 -3.27 18.59
C ILE B 225 -11.80 -3.15 18.05
N LYS B 226 -12.05 -3.61 16.83
CA LYS B 226 -13.38 -3.54 16.27
C LYS B 226 -14.32 -4.60 16.86
N PHE B 227 -14.01 -5.88 16.63
CA PHE B 227 -14.81 -6.99 17.10
C PHE B 227 -14.48 -7.38 18.53
N ALA B 228 -14.18 -6.38 19.36
CA ALA B 228 -13.86 -6.56 20.76
C ALA B 228 -14.98 -5.96 21.61
N ARG B 229 -15.39 -6.69 22.63
CA ARG B 229 -16.44 -6.23 23.53
C ARG B 229 -16.06 -6.68 24.94
N VAL B 230 -16.84 -6.27 25.92
CA VAL B 230 -16.60 -6.68 27.30
C VAL B 230 -17.69 -7.67 27.66
N CYS B 231 -17.31 -8.89 28.04
CA CYS B 231 -18.27 -9.89 28.45
C CYS B 231 -17.94 -10.41 29.84
N GLU B 232 -18.91 -11.07 30.48
CA GLU B 232 -18.72 -11.63 31.81
C GLU B 232 -18.08 -13.01 31.74
N VAL B 233 -17.26 -13.32 32.74
CA VAL B 233 -16.57 -14.59 32.86
C VAL B 233 -16.36 -14.85 34.35
N ASP B 234 -17.04 -15.88 34.90
CA ASP B 234 -16.94 -16.24 36.33
C ASP B 234 -17.27 -15.02 37.21
N ASN B 235 -18.26 -14.23 36.76
CA ASN B 235 -18.70 -13.01 37.44
C ASN B 235 -17.56 -11.99 37.55
N GLU B 236 -16.87 -11.79 36.43
CA GLU B 236 -15.76 -10.85 36.33
C GLU B 236 -15.80 -10.23 34.94
N LEU B 237 -16.08 -8.93 34.85
CA LEU B 237 -16.12 -8.27 33.55
C LEU B 237 -14.73 -8.33 32.92
N ARG B 238 -14.65 -8.86 31.71
CA ARG B 238 -13.38 -9.02 31.01
C ARG B 238 -13.53 -8.56 29.57
N ILE B 239 -12.42 -8.42 28.88
CA ILE B 239 -12.45 -8.02 27.47
C ILE B 239 -12.35 -9.31 26.68
N CYS B 240 -13.34 -9.57 25.83
CA CYS B 240 -13.36 -10.75 24.99
C CYS B 240 -13.51 -10.34 23.52
N ALA B 241 -13.14 -11.26 22.62
CA ALA B 241 -13.18 -11.08 21.18
C ALA B 241 -14.29 -11.87 20.53
N ARG B 242 -14.55 -11.57 19.25
CA ARG B 242 -15.58 -12.27 18.48
C ARG B 242 -14.99 -13.60 18.01
N ASP B 243 -15.86 -14.59 17.80
CA ASP B 243 -15.36 -15.90 17.34
C ASP B 243 -14.63 -15.75 16.02
N LYS B 244 -15.10 -14.86 15.15
CA LYS B 244 -14.48 -14.59 13.86
C LYS B 244 -13.06 -14.02 13.97
N GLU B 245 -12.57 -13.80 15.18
CA GLU B 245 -11.22 -13.28 15.37
C GLU B 245 -10.25 -14.37 15.79
N VAL B 246 -10.73 -15.59 15.99
CA VAL B 246 -9.81 -16.66 16.37
C VAL B 246 -8.64 -16.70 15.40
N GLY B 247 -8.95 -16.67 14.09
CA GLY B 247 -7.94 -16.67 13.05
C GLY B 247 -6.88 -15.66 13.39
N ASN B 248 -7.31 -14.40 13.55
CA ASN B 248 -6.40 -13.33 13.91
C ASN B 248 -5.58 -13.67 15.13
N LEU B 249 -6.24 -14.05 16.23
CA LEU B 249 -5.52 -14.34 17.46
C LEU B 249 -4.43 -15.37 17.23
N TYR B 250 -4.71 -16.42 16.44
CA TYR B 250 -3.67 -17.42 16.20
C TYR B 250 -2.44 -16.75 15.58
N ASP B 251 -2.66 -15.93 14.56
CA ASP B 251 -1.55 -15.25 13.91
C ASP B 251 -0.79 -14.44 14.94
N MET B 252 -1.51 -13.79 15.85
CA MET B 252 -0.83 -13.03 16.90
C MET B 252 0.11 -13.95 17.67
N PHE B 253 -0.41 -15.07 18.17
CA PHE B 253 0.40 -15.98 18.96
C PHE B 253 1.59 -16.55 18.18
N HIS B 254 1.59 -16.55 16.82
CA HIS B 254 2.79 -17.04 16.15
C HIS B 254 3.79 -15.90 16.06
N THR B 255 3.28 -14.68 15.84
CA THR B 255 4.11 -13.49 15.76
C THR B 255 5.00 -13.41 16.99
N ARG B 256 4.36 -13.42 18.17
CA ARG B 256 5.05 -13.46 19.44
C ARG B 256 6.17 -14.50 19.43
N ASN B 257 5.81 -15.75 19.15
CA ASN B 257 6.83 -16.78 19.15
C ASN B 257 7.96 -16.44 18.21
N SER B 258 7.62 -16.04 16.98
CA SER B 258 8.64 -15.68 16.00
C SER B 258 9.58 -14.64 16.57
N LEU B 259 9.01 -13.55 17.09
CA LEU B 259 9.82 -12.47 17.69
C LEU B 259 10.70 -12.98 18.81
N HIS B 260 10.17 -13.90 19.63
CA HIS B 260 10.91 -14.41 20.75
C HIS B 260 12.03 -15.32 20.29
N ARG B 261 11.70 -16.23 19.38
CA ARG B 261 12.68 -17.19 18.88
C ARG B 261 13.76 -16.51 18.05
N ARG B 262 13.35 -15.59 17.19
CA ARG B 262 14.25 -14.92 16.30
C ARG B 262 14.88 -13.66 16.82
N ALA B 263 14.23 -12.92 17.72
CA ALA B 263 14.83 -11.66 18.16
C ALA B 263 15.14 -11.59 19.64
N TYR B 264 14.11 -11.68 20.48
CA TYR B 264 14.33 -11.55 21.91
C TYR B 264 15.33 -12.57 22.41
N GLN B 265 15.23 -13.84 21.96
CA GLN B 265 16.12 -14.91 22.44
C GLN B 265 17.33 -15.18 21.53
N HIS B 266 17.63 -14.27 20.59
CA HIS B 266 18.78 -14.44 19.70
C HIS B 266 20.04 -14.77 20.47
N LYS B 267 20.80 -15.71 19.97
CA LYS B 267 22.00 -16.17 20.67
C LYS B 267 23.06 -15.08 20.82
N VAL B 268 23.34 -14.36 19.74
CA VAL B 268 24.37 -13.34 19.80
C VAL B 268 23.84 -12.08 20.47
N GLY B 269 22.61 -11.69 20.17
CA GLY B 269 22.06 -10.49 20.80
C GLY B 269 22.15 -10.63 22.29
N ASN B 270 21.89 -11.84 22.78
CA ASN B 270 21.97 -12.12 24.20
C ASN B 270 23.42 -12.06 24.67
N ILE B 271 24.36 -12.64 23.93
CA ILE B 271 25.75 -12.53 24.38
C ILE B 271 26.17 -11.07 24.44
N ILE B 272 25.88 -10.33 23.37
CA ILE B 272 26.23 -8.91 23.33
C ILE B 272 25.65 -8.18 24.53
N ASP B 273 24.44 -8.54 24.95
CA ASP B 273 23.88 -7.90 26.13
C ASP B 273 24.71 -8.22 27.38
N THR B 274 25.05 -9.51 27.57
CA THR B 274 25.83 -9.85 28.76
C THR B 274 27.19 -9.18 28.69
N MET B 275 27.65 -8.83 27.47
CA MET B 275 28.90 -8.09 27.33
C MET B 275 28.72 -6.65 27.80
N ILE B 276 27.60 -6.05 27.44
CA ILE B 276 27.32 -4.69 27.87
C ILE B 276 27.27 -4.65 29.41
N THR B 277 26.49 -5.55 29.99
CA THR B 277 26.40 -5.67 31.44
C THR B 277 27.77 -5.92 32.05
N ASP B 278 28.67 -6.63 31.35
CA ASP B 278 29.99 -6.81 31.90
C ASP B 278 30.77 -5.50 31.90
N ALA B 279 30.56 -4.64 30.90
CA ALA B 279 31.27 -3.35 30.90
C ALA B 279 30.68 -2.39 31.96
N PHE B 280 29.36 -2.41 32.14
CA PHE B 280 28.74 -1.57 33.15
C PHE B 280 29.20 -2.00 34.54
N LEU B 281 29.25 -3.31 34.78
CA LEU B 281 29.69 -3.77 36.08
C LEU B 281 31.14 -3.38 36.31
N LYS B 282 31.93 -3.22 35.27
CA LYS B 282 33.33 -2.84 35.44
C LYS B 282 33.53 -1.34 35.44
N ALA B 283 32.44 -0.58 35.52
CA ALA B 283 32.50 0.87 35.56
C ALA B 283 31.63 1.47 36.64
N ASP B 284 30.68 0.70 37.20
CA ASP B 284 29.75 1.20 38.21
C ASP B 284 30.49 2.02 39.26
N ASP B 285 31.46 1.38 39.92
CA ASP B 285 32.25 2.06 40.93
C ASP B 285 32.91 3.33 40.46
N TYR B 286 33.04 3.54 39.17
CA TYR B 286 33.75 4.72 38.70
C TYR B 286 32.89 5.75 37.96
N ILE B 287 31.64 5.44 37.64
CA ILE B 287 30.76 6.37 36.95
C ILE B 287 29.88 7.11 37.95
N GLU B 288 29.88 8.44 37.84
CA GLU B 288 29.13 9.32 38.71
C GLU B 288 27.92 9.90 38.00
N ILE B 289 26.76 9.86 38.64
CA ILE B 289 25.53 10.42 38.07
C ILE B 289 25.00 11.41 39.10
N THR B 290 25.09 12.69 38.79
CA THR B 290 24.64 13.70 39.73
C THR B 290 23.16 13.58 39.96
N GLY B 291 22.79 13.60 41.23
CA GLY B 291 21.40 13.44 41.59
C GLY B 291 20.81 14.58 42.38
N ALA B 292 19.85 14.24 43.22
CA ALA B 292 19.21 15.23 44.06
C ALA B 292 20.22 15.81 45.04
N GLY B 293 20.35 17.12 45.04
CA GLY B 293 21.24 17.79 45.95
C GLY B 293 22.71 17.67 45.65
N GLY B 294 23.04 17.24 44.44
CA GLY B 294 24.42 17.08 44.08
C GLY B 294 24.95 15.72 44.47
N LYS B 295 24.12 14.93 45.16
CA LYS B 295 24.52 13.59 45.54
C LYS B 295 24.98 12.84 44.31
N LYS B 296 26.21 12.34 44.34
CA LYS B 296 26.70 11.56 43.22
C LYS B 296 26.16 10.15 43.38
N TYR B 297 25.67 9.58 42.29
CA TYR B 297 25.17 8.22 42.29
C TYR B 297 26.00 7.45 41.26
N ARG B 298 25.86 6.14 41.27
CA ARG B 298 26.54 5.22 40.38
C ARG B 298 25.51 4.58 39.48
N ILE B 299 25.97 3.96 38.39
CA ILE B 299 25.03 3.33 37.47
C ILE B 299 24.07 2.44 38.23
N SER B 300 24.57 1.64 39.16
CA SER B 300 23.72 0.71 39.88
C SER B 300 22.88 1.31 41.00
N THR B 301 23.14 2.58 41.41
CA THR B 301 22.38 3.22 42.48
C THR B 301 21.46 4.34 42.01
N ALA B 302 21.52 4.73 40.74
CA ALA B 302 20.63 5.77 40.23
C ALA B 302 19.18 5.31 40.29
N ILE B 303 18.94 4.03 40.45
CA ILE B 303 17.56 3.58 40.54
C ILE B 303 16.92 4.04 41.81
N ASP B 304 17.72 4.54 42.77
CA ASP B 304 17.19 5.01 44.05
C ASP B 304 16.74 6.46 44.01
N ASP B 305 17.34 7.28 43.15
CA ASP B 305 16.99 8.70 43.05
C ASP B 305 16.63 9.03 41.61
N MET B 306 15.34 9.33 41.37
CA MET B 306 14.91 9.59 39.99
C MET B 306 15.56 10.81 39.37
N GLU B 307 16.08 11.74 40.14
CA GLU B 307 16.71 12.90 39.51
C GLU B 307 17.92 12.43 38.77
N ALA B 308 18.61 11.45 39.34
CA ALA B 308 19.78 10.89 38.71
C ALA B 308 19.33 9.93 37.61
N TYR B 309 18.43 8.99 37.96
CA TYR B 309 17.94 8.02 37.00
C TYR B 309 17.51 8.67 35.69
N THR B 310 16.82 9.82 35.78
CA THR B 310 16.39 10.53 34.58
C THR B 310 17.55 10.71 33.61
N LYS B 311 18.77 10.88 34.12
CA LYS B 311 19.93 11.07 33.25
C LYS B 311 20.66 9.77 32.94
N LEU B 312 20.13 8.62 33.33
CA LEU B 312 20.72 7.29 33.07
C LEU B 312 20.04 6.68 31.84
N THR B 313 20.72 6.75 30.70
CA THR B 313 20.17 6.26 29.45
C THR B 313 21.25 5.40 28.77
N ASP B 314 21.06 5.13 27.48
CA ASP B 314 22.05 4.33 26.78
C ASP B 314 23.33 5.12 26.57
N ASN B 315 23.27 6.44 26.76
CA ASN B 315 24.44 7.30 26.58
C ASN B 315 25.60 6.79 27.40
N ILE B 316 25.31 6.05 28.48
CA ILE B 316 26.35 5.55 29.35
C ILE B 316 27.27 4.66 28.57
N PHE B 317 26.73 3.96 27.57
CA PHE B 317 27.50 3.09 26.69
C PHE B 317 28.58 3.89 26.00
N LEU B 318 28.18 5.05 25.44
CA LEU B 318 29.14 5.91 24.76
C LEU B 318 29.98 6.72 25.76
N GLU B 319 29.58 6.80 27.04
CA GLU B 319 30.48 7.50 27.94
C GLU B 319 31.70 6.62 28.15
N ILE B 320 31.45 5.36 28.52
CA ILE B 320 32.56 4.45 28.74
C ILE B 320 33.42 4.32 27.48
N LEU B 321 32.79 4.25 26.30
CA LEU B 321 33.56 4.05 25.07
C LEU B 321 34.50 5.22 24.80
N TYR B 322 34.02 6.42 24.97
CA TYR B 322 34.83 7.61 24.73
C TYR B 322 35.63 8.06 25.98
N SER B 323 35.60 7.28 27.04
CA SER B 323 36.28 7.63 28.27
C SER B 323 37.78 7.49 28.13
N THR B 324 38.50 8.31 28.91
CA THR B 324 39.96 8.33 28.95
C THR B 324 40.46 7.94 30.32
N ASP B 325 39.63 8.09 31.34
CA ASP B 325 39.98 7.72 32.70
C ASP B 325 40.54 6.31 32.67
N PRO B 326 41.77 6.09 33.13
CA PRO B 326 42.32 4.73 33.13
C PRO B 326 41.53 3.81 34.01
N LYS B 327 40.81 4.36 35.00
CA LYS B 327 40.00 3.49 35.85
C LYS B 327 38.96 2.74 35.03
N LEU B 328 38.51 3.36 33.93
CA LEU B 328 37.52 2.78 33.06
C LEU B 328 38.11 1.94 31.93
N LYS B 329 39.43 1.94 31.75
CA LYS B 329 40.03 1.18 30.65
C LYS B 329 39.45 -0.24 30.50
N ASP B 330 39.47 -1.03 31.57
CA ASP B 330 38.91 -2.38 31.49
C ASP B 330 37.55 -2.35 30.79
N ALA B 331 36.58 -1.60 31.34
CA ALA B 331 35.26 -1.52 30.73
C ALA B 331 35.34 -1.10 29.27
N ARG B 332 36.16 -0.09 28.97
CA ARG B 332 36.33 0.35 27.59
C ARG B 332 36.66 -0.83 26.70
N GLU B 333 37.67 -1.64 27.08
CA GLU B 333 38.05 -2.80 26.28
C GLU B 333 36.87 -3.72 26.01
N ILE B 334 36.05 -4.00 27.03
CA ILE B 334 34.91 -4.88 26.78
C ILE B 334 34.11 -4.32 25.60
N LEU B 335 33.75 -3.04 25.67
CA LEU B 335 32.98 -2.45 24.58
C LEU B 335 33.77 -2.41 23.30
N LYS B 336 35.08 -2.16 23.36
CA LYS B 336 35.86 -2.15 22.14
C LYS B 336 35.73 -3.50 21.43
N GLN B 337 35.64 -4.60 22.21
CA GLN B 337 35.45 -5.92 21.60
C GLN B 337 34.13 -5.93 20.83
N ILE B 338 33.05 -5.45 21.45
CA ILE B 338 31.79 -5.44 20.72
C ILE B 338 31.93 -4.73 19.38
N GLU B 339 32.80 -3.70 19.29
CA GLU B 339 32.94 -3.01 18.01
C GLU B 339 33.70 -3.88 17.04
N TYR B 340 34.82 -4.43 17.50
CA TYR B 340 35.68 -5.30 16.76
C TYR B 340 35.09 -6.67 16.57
N ARG B 341 33.93 -6.91 17.13
CA ARG B 341 33.25 -8.20 17.03
C ARG B 341 34.10 -9.36 17.53
N ASN B 342 34.71 -9.17 18.70
CA ASN B 342 35.47 -10.19 19.36
C ASN B 342 34.62 -10.49 20.58
N LEU B 343 33.46 -11.13 20.32
CA LEU B 343 32.47 -11.40 21.33
C LEU B 343 32.71 -12.69 22.12
N PHE B 344 32.00 -12.78 23.24
CA PHE B 344 32.03 -13.97 24.09
C PHE B 344 31.51 -15.14 23.27
N LYS B 345 31.97 -16.35 23.57
CA LYS B 345 31.56 -17.51 22.77
C LYS B 345 30.49 -18.39 23.42
N TYR B 346 29.57 -18.87 22.58
CA TYR B 346 28.47 -19.70 23.06
C TYR B 346 28.90 -21.12 23.35
N VAL B 347 28.80 -21.50 24.64
CA VAL B 347 29.17 -22.83 25.15
C VAL B 347 27.99 -23.75 25.06
N GLY B 348 26.88 -23.35 25.69
CA GLY B 348 25.71 -24.21 25.63
C GLY B 348 24.49 -23.63 26.28
N GLU B 349 23.45 -24.44 26.39
CA GLU B 349 22.17 -24.03 26.96
C GLU B 349 21.62 -25.19 27.78
N THR B 350 20.66 -24.89 28.65
CA THR B 350 20.04 -25.89 29.51
C THR B 350 18.78 -25.30 30.10
N GLN B 351 18.05 -26.14 30.83
CA GLN B 351 16.80 -25.76 31.47
C GLN B 351 16.70 -26.40 32.84
N PRO B 352 15.97 -25.81 33.74
CA PRO B 352 15.83 -26.38 35.08
C PRO B 352 14.52 -27.14 35.23
N THR B 353 14.26 -28.07 34.32
CA THR B 353 13.02 -28.82 34.37
C THR B 353 12.93 -29.71 35.61
N GLY B 354 11.76 -29.69 36.24
CA GLY B 354 11.51 -30.46 37.44
C GLY B 354 12.39 -30.07 38.58
N GLN B 355 12.99 -28.89 38.51
CA GLN B 355 13.88 -28.36 39.53
C GLN B 355 13.41 -26.97 39.90
N ILE B 356 14.04 -26.42 40.93
CA ILE B 356 13.69 -25.08 41.35
C ILE B 356 14.28 -24.13 40.34
N LYS B 357 13.57 -23.07 40.03
CA LYS B 357 14.05 -22.11 39.06
C LYS B 357 15.15 -21.23 39.65
N ILE B 358 16.08 -20.80 38.79
CA ILE B 358 17.16 -19.92 39.24
C ILE B 358 16.55 -18.56 39.61
N LYS B 359 17.06 -17.96 40.67
CA LYS B 359 16.59 -16.66 41.16
C LYS B 359 17.67 -15.59 40.98
N ARG B 360 17.22 -14.37 40.69
CA ARG B 360 18.16 -13.28 40.44
C ARG B 360 19.23 -13.14 41.51
N GLU B 361 18.83 -13.27 42.79
CA GLU B 361 19.77 -13.12 43.90
C GLU B 361 20.89 -14.13 43.80
N ASP B 362 20.68 -15.19 43.04
CA ASP B 362 21.69 -16.21 42.85
C ASP B 362 22.51 -16.02 41.58
N TYR B 363 22.03 -15.19 40.63
CA TYR B 363 22.75 -15.01 39.37
C TYR B 363 24.26 -14.85 39.60
N GLU B 364 24.65 -13.83 40.36
CA GLU B 364 26.06 -13.58 40.60
C GLU B 364 26.84 -14.83 40.93
N SER B 365 26.26 -15.68 41.77
CA SER B 365 26.95 -16.87 42.25
C SER B 365 27.23 -17.91 41.19
N LEU B 366 26.41 -17.93 40.14
CA LEU B 366 26.49 -18.96 39.11
C LEU B 366 27.86 -19.11 38.47
N PRO B 367 28.47 -18.11 37.88
CA PRO B 367 29.79 -18.36 37.25
C PRO B 367 30.70 -19.22 38.10
N LYS B 368 30.90 -18.90 39.38
CA LYS B 368 31.79 -19.72 40.21
C LYS B 368 31.31 -21.17 40.27
N GLU B 369 30.00 -21.41 40.37
CA GLU B 369 29.52 -22.80 40.38
C GLU B 369 30.05 -23.53 39.16
N VAL B 370 29.88 -22.94 37.98
CA VAL B 370 30.33 -23.57 36.76
C VAL B 370 31.83 -23.84 36.83
N ALA B 371 32.62 -22.88 37.29
CA ALA B 371 34.06 -23.12 37.34
C ALA B 371 34.47 -24.06 38.46
N SER B 372 33.55 -24.39 39.37
CA SER B 372 33.84 -25.27 40.47
C SER B 372 33.63 -26.71 40.10
N ALA B 373 32.85 -26.94 39.05
CA ALA B 373 32.57 -28.29 38.58
C ALA B 373 33.88 -29.02 38.39
N LYS B 374 33.81 -30.34 38.49
CA LYS B 374 34.99 -31.21 38.39
C LYS B 374 34.81 -32.12 37.19
N PRO B 375 34.95 -31.57 35.95
CA PRO B 375 34.80 -32.43 34.77
C PRO B 375 35.43 -33.78 35.04
N LYS B 376 34.63 -34.83 34.81
CA LYS B 376 35.06 -36.21 35.03
C LYS B 376 36.42 -36.47 34.41
N VAL B 377 36.59 -36.13 33.13
CA VAL B 377 37.86 -36.29 32.45
C VAL B 377 38.63 -35.02 32.68
N LEU B 378 39.78 -35.12 33.35
CA LEU B 378 40.57 -33.94 33.63
C LEU B 378 40.94 -33.22 32.34
N LEU B 379 41.21 -31.93 32.47
CA LEU B 379 41.52 -31.06 31.36
C LEU B 379 42.96 -30.56 31.43
N ASP B 380 43.40 -29.97 30.31
CA ASP B 380 44.72 -29.35 30.20
C ASP B 380 44.59 -27.86 30.46
N VAL B 381 43.38 -27.35 30.32
CA VAL B 381 43.06 -25.96 30.55
C VAL B 381 42.13 -25.89 31.74
N LYS B 382 42.38 -24.93 32.64
CA LYS B 382 41.56 -24.73 33.84
C LYS B 382 40.96 -23.34 33.73
N LEU B 383 39.66 -23.26 33.58
CA LEU B 383 39.03 -21.95 33.49
C LEU B 383 38.59 -21.51 34.87
N LYS B 384 38.42 -20.19 35.02
CA LYS B 384 38.02 -19.55 36.26
C LYS B 384 36.60 -19.00 36.15
N ALA B 385 36.03 -18.68 37.32
CA ALA B 385 34.68 -18.12 37.36
C ALA B 385 34.62 -16.84 36.55
N GLU B 386 35.68 -16.07 36.55
CA GLU B 386 35.70 -14.84 35.76
C GLU B 386 35.59 -15.13 34.27
N ASP B 387 35.91 -16.35 33.84
CA ASP B 387 35.86 -16.70 32.43
C ASP B 387 34.48 -17.14 31.92
N PHE B 388 33.57 -17.50 32.79
CA PHE B 388 32.23 -17.91 32.40
C PHE B 388 31.23 -16.77 32.55
N ILE B 389 30.14 -16.87 31.81
CA ILE B 389 29.04 -15.92 31.82
C ILE B 389 27.78 -16.77 31.79
N VAL B 390 26.95 -16.69 32.83
CA VAL B 390 25.73 -17.47 32.94
C VAL B 390 24.57 -16.53 32.75
N ASP B 391 23.81 -16.76 31.70
CA ASP B 391 22.68 -15.93 31.28
C ASP B 391 21.40 -16.66 31.59
N VAL B 392 20.62 -16.15 32.53
CA VAL B 392 19.33 -16.76 32.87
C VAL B 392 18.28 -16.01 32.08
N ILE B 393 17.62 -16.69 31.16
CA ILE B 393 16.59 -16.14 30.31
C ILE B 393 15.25 -16.60 30.82
N ASN B 394 14.49 -15.73 31.43
CA ASN B 394 13.15 -16.10 31.90
C ASN B 394 12.14 -15.61 30.88
N MET B 395 10.94 -16.17 30.95
CA MET B 395 9.89 -15.73 30.05
C MET B 395 8.55 -16.04 30.70
N ASP B 396 7.54 -15.32 30.27
CA ASP B 396 6.19 -15.46 30.82
C ASP B 396 5.29 -16.41 30.05
N LYS B 402 1.80 -23.30 26.89
CA LYS B 402 0.38 -23.69 26.93
C LYS B 402 -0.27 -23.45 25.56
N ASN B 403 -1.59 -23.66 25.48
CA ASN B 403 -2.40 -23.43 24.29
C ASN B 403 -3.16 -22.17 24.67
N PRO B 404 -2.58 -20.99 24.45
CA PRO B 404 -3.21 -19.74 24.93
C PRO B 404 -4.59 -19.42 24.37
N ILE B 405 -4.88 -19.77 23.12
CA ILE B 405 -6.19 -19.42 22.57
C ILE B 405 -7.32 -19.80 23.51
N ASP B 406 -7.09 -20.79 24.39
CA ASP B 406 -8.11 -21.23 25.34
C ASP B 406 -8.21 -20.26 26.51
N HIS B 407 -7.06 -19.69 26.94
CA HIS B 407 -7.04 -18.72 28.05
C HIS B 407 -7.74 -17.42 27.65
N VAL B 408 -7.91 -17.18 26.38
CA VAL B 408 -8.61 -16.02 25.88
C VAL B 408 -10.10 -16.27 26.09
N SER B 409 -10.89 -15.21 26.22
CA SER B 409 -12.34 -15.33 26.34
C SER B 409 -12.89 -15.00 24.95
N PHE B 410 -14.05 -15.60 24.61
CA PHE B 410 -14.64 -15.39 23.30
C PHE B 410 -16.15 -15.21 23.41
N TYR B 411 -16.73 -14.48 22.46
CA TYR B 411 -18.16 -14.21 22.41
C TYR B 411 -18.70 -14.47 21.00
N CYS B 412 -20.04 -14.53 20.90
CA CYS B 412 -20.74 -14.75 19.64
C CYS B 412 -21.74 -13.62 19.39
N LYS B 413 -21.82 -13.16 18.14
CA LYS B 413 -22.68 -12.01 17.79
C LYS B 413 -24.14 -12.18 18.21
N THR B 414 -24.75 -13.33 17.90
CA THR B 414 -26.15 -13.55 18.25
C THR B 414 -26.47 -13.08 19.67
N ALA B 415 -25.74 -13.57 20.67
CA ALA B 415 -25.90 -13.21 22.08
C ALA B 415 -24.58 -12.61 22.53
N PRO B 416 -24.35 -11.32 22.26
CA PRO B 416 -23.06 -10.71 22.61
C PRO B 416 -22.68 -10.74 24.08
N ASN B 417 -23.64 -10.46 24.94
CA ASN B 417 -23.37 -10.40 26.38
C ASN B 417 -22.68 -11.63 26.94
N ARG B 418 -23.01 -12.80 26.42
CA ARG B 418 -22.47 -14.06 26.94
C ARG B 418 -21.16 -14.48 26.29
N ALA B 419 -20.40 -15.28 27.05
CA ALA B 419 -19.12 -15.80 26.61
C ALA B 419 -19.36 -17.08 25.81
N ILE B 420 -18.32 -17.86 25.59
CA ILE B 420 -18.44 -19.13 24.86
C ILE B 420 -17.55 -20.15 25.56
N PHE B 435 5.75 -23.32 25.66
CA PHE B 435 7.01 -22.57 25.71
C PHE B 435 7.71 -22.75 27.07
N ALA B 436 9.05 -22.82 27.06
CA ALA B 436 9.82 -23.01 28.29
C ALA B 436 9.63 -21.84 29.25
N GLU B 437 9.96 -22.07 30.52
CA GLU B 437 9.84 -21.03 31.54
C GLU B 437 11.19 -20.51 32.02
N GLN B 438 12.29 -21.23 31.75
CA GLN B 438 13.62 -20.75 32.12
C GLN B 438 14.62 -21.38 31.15
N LEU B 439 15.54 -20.56 30.65
CA LEU B 439 16.55 -20.97 29.69
C LEU B 439 17.88 -20.47 30.22
N ILE B 440 18.73 -21.36 30.73
CA ILE B 440 20.02 -20.97 31.26
C ILE B 440 21.05 -21.21 30.18
N ARG B 441 21.80 -20.19 29.79
CA ARG B 441 22.82 -20.31 28.76
C ARG B 441 24.18 -19.97 29.34
N VAL B 442 25.23 -20.56 28.80
CA VAL B 442 26.57 -20.30 29.30
C VAL B 442 27.47 -19.92 28.15
N TYR B 443 28.21 -18.83 28.32
CA TYR B 443 29.17 -18.27 27.38
C TYR B 443 30.52 -18.29 28.05
N CYS B 444 31.59 -18.31 27.25
CA CYS B 444 32.95 -18.30 27.74
C CYS B 444 33.66 -17.08 27.15
N LYS B 445 34.61 -16.52 27.91
CA LYS B 445 35.35 -15.36 27.47
C LYS B 445 36.63 -15.77 26.76
N LYS B 446 37.22 -16.89 27.15
CA LYS B 446 38.41 -17.41 26.47
C LYS B 446 37.83 -18.04 25.22
N VAL B 447 38.34 -17.66 24.04
CA VAL B 447 37.78 -18.14 22.78
C VAL B 447 38.71 -19.06 21.99
N ASP B 448 39.72 -19.64 22.62
CA ASP B 448 40.54 -20.57 21.90
C ASP B 448 39.80 -21.92 21.87
N ARG B 449 40.22 -22.81 21.00
CA ARG B 449 39.56 -24.10 20.95
C ARG B 449 39.62 -24.70 22.35
N LYS B 450 40.80 -25.14 22.75
CA LYS B 450 41.03 -25.79 24.03
C LYS B 450 40.21 -25.23 25.18
N SER B 451 40.09 -23.91 25.25
CA SER B 451 39.32 -23.28 26.33
C SER B 451 37.83 -23.53 26.17
N LEU B 452 37.30 -23.34 24.96
CA LEU B 452 35.88 -23.56 24.71
C LEU B 452 35.50 -25.01 24.97
N TYR B 453 36.44 -25.92 24.71
CA TYR B 453 36.20 -27.32 24.98
C TYR B 453 36.15 -27.55 26.49
N ALA B 454 37.11 -26.95 27.21
CA ALA B 454 37.10 -27.02 28.66
C ALA B 454 35.81 -26.45 29.21
N ALA B 455 35.33 -25.39 28.58
CA ALA B 455 34.11 -24.76 29.04
C ALA B 455 32.92 -25.67 28.86
N ARG B 456 32.85 -26.37 27.73
CA ARG B 456 31.74 -27.28 27.49
C ARG B 456 31.75 -28.41 28.51
N GLN B 457 32.94 -28.87 28.88
CA GLN B 457 33.05 -29.90 29.91
C GLN B 457 32.51 -29.39 31.24
N TYR B 458 33.06 -28.25 31.71
CA TYR B 458 32.60 -27.66 32.97
C TYR B 458 31.10 -27.49 32.98
N PHE B 459 30.56 -26.87 31.93
CA PHE B 459 29.13 -26.63 31.84
C PHE B 459 28.32 -27.91 31.89
N VAL B 460 28.78 -28.97 31.20
CA VAL B 460 28.01 -30.20 31.22
C VAL B 460 27.98 -30.77 32.63
N GLN B 461 29.14 -30.73 33.28
CA GLN B 461 29.23 -31.22 34.66
C GLN B 461 28.27 -30.46 35.53
N TRP B 462 28.35 -29.13 35.50
CA TRP B 462 27.46 -28.28 36.25
C TRP B 462 26.01 -28.67 36.01
N CYS B 463 25.61 -28.79 34.75
CA CYS B 463 24.23 -29.16 34.48
C CYS B 463 23.88 -30.46 35.19
N ALA B 464 24.79 -31.41 35.18
CA ALA B 464 24.47 -32.71 35.75
C ALA B 464 24.33 -32.66 37.24
N ASP B 465 25.34 -32.15 37.92
CA ASP B 465 25.24 -32.15 39.38
C ASP B 465 24.24 -31.05 39.91
N ARG B 466 23.49 -30.43 39.00
CA ARG B 466 22.42 -29.49 39.32
C ARG B 466 21.08 -30.05 38.83
N ASN B 467 21.09 -31.27 38.27
CA ASN B 467 19.90 -31.93 37.75
C ASN B 467 19.14 -31.05 36.75
N PHE B 468 19.90 -30.40 35.87
CA PHE B 468 19.37 -29.56 34.79
C PHE B 468 19.44 -30.38 33.50
N THR B 469 18.61 -30.03 32.51
CA THR B 469 18.57 -30.79 31.26
C THR B 469 19.97 -30.95 30.69
N LYS B 470 20.22 -32.12 30.13
CA LYS B 470 21.53 -32.42 29.57
C LYS B 470 21.82 -31.55 28.36
N PRO B 471 22.92 -30.81 28.36
CA PRO B 471 23.24 -29.95 27.23
C PRO B 471 23.23 -30.75 25.93
N GLN B 472 22.46 -30.25 24.96
CA GLN B 472 22.34 -30.86 23.65
C GLN B 472 23.70 -31.21 23.03
N MET C 5 7.50 -13.86 -21.14
CA MET C 5 7.61 -12.87 -22.22
C MET C 5 6.56 -11.76 -22.14
N LYS C 6 5.27 -12.10 -22.19
CA LYS C 6 4.25 -11.05 -22.11
C LYS C 6 4.00 -10.73 -20.65
N VAL C 7 3.54 -9.52 -20.37
CA VAL C 7 3.22 -9.11 -19.01
C VAL C 7 1.92 -8.31 -19.04
N ILE C 8 1.06 -8.58 -18.07
CA ILE C 8 -0.22 -7.92 -17.93
C ILE C 8 -0.31 -7.39 -16.52
N ASN C 9 -0.92 -6.24 -16.33
CA ASN C 9 -1.09 -5.75 -14.98
C ASN C 9 -2.51 -6.07 -14.60
N ASP C 10 -2.67 -6.71 -13.45
CA ASP C 10 -3.92 -7.09 -12.85
C ASP C 10 -4.01 -6.47 -11.46
N PRO C 11 -5.16 -5.96 -11.06
CA PRO C 11 -5.27 -5.35 -9.72
C PRO C 11 -5.09 -6.33 -8.57
N ILE C 12 -5.42 -7.60 -8.74
CA ILE C 12 -5.34 -8.56 -7.67
C ILE C 12 -3.98 -9.25 -7.60
N HIS C 13 -3.33 -9.52 -8.73
CA HIS C 13 -2.08 -10.28 -8.70
C HIS C 13 -0.87 -9.48 -9.13
N GLY C 14 -1.05 -8.27 -9.56
CA GLY C 14 0.08 -7.44 -9.94
C GLY C 14 0.54 -7.65 -11.35
N HIS C 15 1.85 -7.82 -11.52
CA HIS C 15 2.41 -8.02 -12.85
C HIS C 15 2.40 -9.51 -13.17
N ILE C 16 1.34 -9.94 -13.83
CA ILE C 16 1.22 -11.33 -14.24
C ILE C 16 2.02 -11.52 -15.53
N GLU C 17 2.99 -12.41 -15.52
CA GLU C 17 3.75 -12.73 -16.73
C GLU C 17 3.05 -13.90 -17.41
N LEU C 18 3.00 -13.91 -18.74
CA LEU C 18 2.37 -14.97 -19.51
C LEU C 18 3.34 -15.51 -20.54
N HIS C 19 3.42 -16.85 -20.57
CA HIS C 19 4.28 -17.57 -21.49
C HIS C 19 3.68 -17.49 -22.89
N PRO C 20 4.50 -17.55 -23.92
CA PRO C 20 3.97 -17.48 -25.29
C PRO C 20 2.82 -18.41 -25.62
N LEU C 21 2.91 -19.68 -25.22
CA LEU C 21 1.81 -20.62 -25.51
C LEU C 21 0.52 -20.15 -24.86
N LEU C 22 0.61 -19.58 -23.63
CA LEU C 22 -0.57 -19.09 -22.95
C LEU C 22 -1.16 -17.91 -23.72
N VAL C 23 -0.29 -17.08 -24.27
CA VAL C 23 -0.72 -15.94 -25.06
C VAL C 23 -1.45 -16.41 -26.31
N ARG C 24 -0.89 -17.41 -26.97
CA ARG C 24 -1.52 -17.98 -28.15
C ARG C 24 -2.90 -18.54 -27.82
N ILE C 25 -3.02 -19.25 -26.69
CA ILE C 25 -4.33 -19.80 -26.33
C ILE C 25 -5.31 -18.71 -25.90
N ILE C 26 -4.82 -17.55 -25.45
CA ILE C 26 -5.72 -16.49 -25.01
C ILE C 26 -6.15 -15.60 -26.17
N ASP C 27 -5.23 -15.25 -27.07
CA ASP C 27 -5.52 -14.39 -28.21
C ASP C 27 -6.30 -15.12 -29.30
N THR C 28 -7.37 -15.78 -28.91
CA THR C 28 -8.24 -16.52 -29.81
C THR C 28 -9.67 -16.13 -29.49
N PRO C 29 -10.55 -16.19 -30.49
CA PRO C 29 -11.95 -15.80 -30.25
C PRO C 29 -12.62 -16.60 -29.14
N GLN C 30 -12.26 -17.87 -28.99
CA GLN C 30 -12.88 -18.73 -27.99
C GLN C 30 -12.61 -18.22 -26.57
N PHE C 31 -11.40 -17.75 -26.33
CA PHE C 31 -11.05 -17.22 -25.03
C PHE C 31 -11.67 -15.84 -24.91
N GLN C 32 -11.30 -14.91 -25.80
CA GLN C 32 -11.81 -13.54 -25.77
C GLN C 32 -13.31 -13.48 -25.59
N ARG C 33 -14.00 -14.58 -25.83
CA ARG C 33 -15.43 -14.59 -25.59
C ARG C 33 -15.72 -14.36 -24.12
N LEU C 34 -14.85 -14.87 -23.24
CA LEU C 34 -15.03 -14.71 -21.79
C LEU C 34 -15.14 -13.23 -21.38
N ARG C 35 -14.43 -12.34 -22.07
CA ARG C 35 -14.52 -10.93 -21.75
C ARG C 35 -15.94 -10.38 -21.88
N TYR C 36 -16.88 -11.21 -22.34
CA TYR C 36 -18.25 -10.78 -22.58
C TYR C 36 -19.26 -11.54 -21.73
N ILE C 37 -18.82 -12.33 -20.77
CA ILE C 37 -19.71 -13.04 -19.87
C ILE C 37 -19.30 -12.64 -18.47
N LYS C 38 -20.17 -11.88 -17.80
CA LYS C 38 -19.89 -11.39 -16.45
C LYS C 38 -19.72 -12.53 -15.46
N GLN C 39 -18.81 -12.34 -14.50
CA GLN C 39 -18.56 -13.38 -13.51
C GLN C 39 -19.80 -13.59 -12.62
N LEU C 40 -20.36 -12.51 -12.10
CA LEU C 40 -21.54 -12.60 -11.27
C LEU C 40 -22.82 -12.41 -12.08
N GLY C 41 -22.78 -11.64 -13.17
CA GLY C 41 -23.92 -11.41 -14.03
C GLY C 41 -25.01 -10.57 -13.42
N GLY C 42 -26.05 -11.22 -12.89
CA GLY C 42 -27.14 -10.49 -12.26
C GLY C 42 -26.67 -9.63 -11.10
N GLY C 43 -25.58 -10.05 -10.47
CA GLY C 43 -25.05 -9.28 -9.37
C GLY C 43 -24.77 -7.84 -9.77
N TYR C 44 -24.28 -7.62 -10.99
CA TYR C 44 -23.98 -6.25 -11.39
C TYR C 44 -25.16 -5.30 -11.17
N TYR C 45 -26.39 -5.79 -11.27
CA TYR C 45 -27.57 -4.94 -11.10
C TYR C 45 -27.88 -4.62 -9.65
N VAL C 46 -27.14 -5.23 -8.74
CA VAL C 46 -27.26 -4.98 -7.31
C VAL C 46 -26.01 -4.29 -6.79
N PHE C 47 -24.83 -4.82 -7.12
CA PHE C 47 -23.55 -4.28 -6.68
C PHE C 47 -22.94 -3.42 -7.76
N PRO C 48 -22.86 -2.12 -7.58
CA PRO C 48 -22.37 -1.23 -8.63
C PRO C 48 -20.94 -1.38 -9.10
N GLY C 49 -20.18 -2.31 -8.54
CA GLY C 49 -18.81 -2.46 -9.00
C GLY C 49 -18.56 -3.83 -9.57
N ALA C 50 -19.57 -4.68 -9.48
CA ALA C 50 -19.48 -6.06 -9.95
C ALA C 50 -19.60 -6.22 -11.47
N SER C 51 -18.76 -5.49 -12.19
CA SER C 51 -18.71 -5.58 -13.64
C SER C 51 -17.61 -6.52 -14.10
N HIS C 52 -17.07 -7.36 -13.19
CA HIS C 52 -15.99 -8.26 -13.56
C HIS C 52 -16.53 -9.45 -14.34
N ASN C 53 -15.89 -9.74 -15.46
CA ASN C 53 -16.26 -10.83 -16.34
C ASN C 53 -15.38 -12.05 -16.01
N ARG C 54 -15.30 -13.00 -16.93
CA ARG C 54 -14.54 -14.21 -16.68
C ARG C 54 -13.17 -14.18 -17.31
N PHE C 55 -12.91 -13.22 -18.19
CA PHE C 55 -11.59 -13.08 -18.79
C PHE C 55 -10.55 -12.92 -17.70
N GLU C 56 -10.77 -11.96 -16.80
CA GLU C 56 -9.87 -11.70 -15.70
C GLU C 56 -9.71 -12.93 -14.81
N HIS C 57 -10.79 -13.35 -14.18
CA HIS C 57 -10.76 -14.55 -13.38
C HIS C 57 -9.85 -15.61 -14.00
N SER C 58 -10.15 -15.96 -15.26
CA SER C 58 -9.38 -16.98 -15.97
C SER C 58 -7.89 -16.68 -15.94
N LEU C 59 -7.50 -15.50 -16.40
CA LEU C 59 -6.07 -15.20 -16.44
C LEU C 59 -5.45 -15.42 -15.08
N GLY C 60 -6.05 -14.82 -14.06
CA GLY C 60 -5.50 -14.95 -12.72
C GLY C 60 -5.39 -16.39 -12.25
N VAL C 61 -6.41 -17.20 -12.54
CA VAL C 61 -6.36 -18.60 -12.15
C VAL C 61 -5.15 -19.27 -12.78
N GLY C 62 -4.84 -18.91 -14.04
CA GLY C 62 -3.66 -19.46 -14.69
C GLY C 62 -2.37 -18.98 -14.03
N TYR C 63 -2.33 -17.69 -13.66
CA TYR C 63 -1.16 -17.15 -12.98
C TYR C 63 -0.92 -17.90 -11.68
N LEU C 64 -1.97 -18.02 -10.85
CA LEU C 64 -1.84 -18.69 -9.55
C LEU C 64 -1.42 -20.15 -9.72
N ALA C 65 -2.02 -20.85 -10.67
CA ALA C 65 -1.62 -22.22 -10.90
C ALA C 65 -0.11 -22.28 -11.14
N GLY C 66 0.38 -21.52 -12.13
CA GLY C 66 1.80 -21.55 -12.40
C GLY C 66 2.62 -21.23 -11.18
N CYS C 67 2.20 -20.19 -10.43
CA CYS C 67 2.89 -19.76 -9.22
C CYS C 67 3.10 -20.92 -8.26
N LEU C 68 2.01 -21.64 -7.96
CA LEU C 68 2.03 -22.76 -7.02
C LEU C 68 2.87 -23.94 -7.52
N VAL C 69 2.69 -24.34 -8.79
CA VAL C 69 3.48 -25.47 -9.26
C VAL C 69 4.97 -25.11 -9.27
N HIS C 70 5.32 -23.94 -9.82
CA HIS C 70 6.72 -23.57 -9.85
C HIS C 70 7.30 -23.59 -8.44
N ALA C 71 6.61 -22.95 -7.50
CA ALA C 71 7.07 -22.92 -6.12
C ALA C 71 7.32 -24.30 -5.54
N LEU C 72 6.33 -25.19 -5.69
CA LEU C 72 6.47 -26.54 -5.16
C LEU C 72 7.68 -27.24 -5.76
N GLY C 73 7.76 -27.27 -7.09
CA GLY C 73 8.86 -27.91 -7.77
C GLY C 73 10.21 -27.36 -7.43
N GLU C 74 10.27 -26.12 -6.95
CA GLU C 74 11.57 -25.56 -6.57
C GLU C 74 11.88 -25.89 -5.11
N LYS C 75 10.85 -26.03 -4.25
CA LYS C 75 11.10 -26.41 -2.87
C LYS C 75 11.29 -27.92 -2.74
N GLN C 76 10.64 -28.70 -3.61
CA GLN C 76 10.72 -30.16 -3.58
C GLN C 76 11.09 -30.68 -4.97
N PRO C 77 12.37 -30.61 -5.34
CA PRO C 77 12.77 -31.13 -6.66
C PRO C 77 12.41 -32.60 -6.82
N GLU C 78 12.32 -33.32 -5.71
CA GLU C 78 11.96 -34.73 -5.72
C GLU C 78 10.67 -34.96 -6.51
N LEU C 79 9.67 -34.09 -6.32
CA LEU C 79 8.40 -34.21 -7.03
C LEU C 79 8.63 -34.36 -8.54
N GLN C 80 9.75 -33.81 -9.03
CA GLN C 80 10.14 -33.88 -10.44
C GLN C 80 9.15 -33.15 -11.34
N ILE C 81 8.68 -32.00 -10.85
CA ILE C 81 7.73 -31.16 -11.57
C ILE C 81 8.51 -30.44 -12.66
N SER C 82 8.13 -30.69 -13.91
CA SER C 82 8.82 -30.11 -15.06
C SER C 82 8.13 -28.85 -15.57
N GLU C 83 8.87 -28.13 -16.40
CA GLU C 83 8.33 -26.93 -17.01
C GLU C 83 7.11 -27.29 -17.84
N ARG C 84 7.13 -28.48 -18.47
CA ARG C 84 6.00 -28.93 -19.28
C ARG C 84 4.77 -29.09 -18.39
N ASP C 85 4.93 -29.64 -17.18
CA ASP C 85 3.80 -29.74 -16.26
C ASP C 85 3.32 -28.35 -15.85
N VAL C 86 4.27 -27.42 -15.64
CA VAL C 86 3.90 -26.05 -15.27
C VAL C 86 2.96 -25.49 -16.32
N LEU C 87 3.40 -25.50 -17.59
CA LEU C 87 2.59 -24.99 -18.70
C LEU C 87 1.25 -25.71 -18.82
N CYS C 88 1.22 -27.02 -18.60
CA CYS C 88 -0.04 -27.76 -18.70
C CYS C 88 -1.03 -27.30 -17.64
N VAL C 89 -0.57 -27.18 -16.37
CA VAL C 89 -1.44 -26.75 -15.26
C VAL C 89 -1.81 -25.26 -15.42
N GLN C 90 -0.90 -24.45 -15.98
CA GLN C 90 -1.23 -23.07 -16.26
C GLN C 90 -2.38 -23.03 -17.25
N ILE C 91 -2.23 -23.72 -18.39
CA ILE C 91 -3.27 -23.77 -19.39
C ILE C 91 -4.57 -24.28 -18.77
N ALA C 92 -4.46 -25.29 -17.91
CA ALA C 92 -5.64 -25.85 -17.29
C ALA C 92 -6.43 -24.77 -16.56
N GLY C 93 -5.76 -24.02 -15.68
CA GLY C 93 -6.45 -22.96 -14.98
C GLY C 93 -6.92 -21.85 -15.90
N LEU C 94 -6.19 -21.61 -16.99
CA LEU C 94 -6.53 -20.57 -17.96
C LEU C 94 -7.86 -20.89 -18.67
N CYS C 95 -8.07 -22.15 -19.08
CA CYS C 95 -9.31 -22.53 -19.78
C CYS C 95 -10.40 -23.04 -18.85
N HIS C 96 -10.14 -23.09 -17.58
CA HIS C 96 -11.09 -23.43 -16.55
C HIS C 96 -12.56 -23.16 -16.83
N ASP C 97 -12.95 -21.94 -17.29
CA ASP C 97 -14.35 -21.61 -17.52
C ASP C 97 -14.63 -21.18 -18.95
N LEU C 98 -13.83 -21.70 -19.88
CA LEU C 98 -14.01 -21.36 -21.29
C LEU C 98 -15.43 -21.63 -21.75
N GLY C 99 -16.11 -22.57 -21.09
CA GLY C 99 -17.45 -22.91 -21.45
C GLY C 99 -18.47 -22.42 -20.45
N HIS C 100 -18.33 -21.20 -20.01
CA HIS C 100 -19.27 -20.62 -19.07
C HIS C 100 -20.27 -19.88 -19.95
N GLY C 101 -21.55 -19.96 -19.60
CA GLY C 101 -22.58 -19.35 -20.40
C GLY C 101 -23.15 -18.04 -19.90
N PRO C 102 -23.76 -17.25 -20.82
CA PRO C 102 -24.34 -15.96 -20.48
C PRO C 102 -24.85 -15.74 -19.05
N PHE C 103 -24.39 -14.64 -18.45
CA PHE C 103 -24.70 -14.27 -17.07
C PHE C 103 -24.16 -15.30 -16.11
N SER C 104 -23.14 -16.00 -16.59
CA SER C 104 -22.40 -17.04 -15.89
C SER C 104 -23.25 -18.16 -15.30
N HIS C 105 -23.19 -18.38 -14.00
CA HIS C 105 -23.89 -19.50 -13.40
C HIS C 105 -25.35 -19.58 -13.80
N MET C 106 -26.03 -18.44 -13.90
CA MET C 106 -27.43 -18.46 -14.33
C MET C 106 -27.58 -19.45 -15.49
N PHE C 107 -26.81 -19.22 -16.57
CA PHE C 107 -26.88 -20.06 -17.74
C PHE C 107 -26.95 -21.55 -17.44
N ASP C 108 -25.97 -22.09 -16.74
CA ASP C 108 -25.95 -23.52 -16.50
C ASP C 108 -26.55 -23.93 -15.16
N GLY C 109 -27.39 -23.08 -14.56
CA GLY C 109 -28.02 -23.42 -13.29
C GLY C 109 -29.53 -23.25 -13.30
N ARG C 110 -30.03 -22.60 -14.36
CA ARG C 110 -31.46 -22.34 -14.50
C ARG C 110 -31.94 -22.42 -15.95
N PHE C 111 -31.43 -21.53 -16.81
CA PHE C 111 -31.88 -21.52 -18.21
C PHE C 111 -31.79 -22.89 -18.88
N ILE C 112 -30.59 -23.33 -19.26
CA ILE C 112 -30.43 -24.63 -19.92
C ILE C 112 -31.15 -25.72 -19.12
N PRO C 113 -31.12 -25.68 -17.79
CA PRO C 113 -31.86 -26.71 -17.04
C PRO C 113 -33.37 -26.63 -17.20
N LEU C 114 -33.92 -25.45 -17.50
CA LEU C 114 -35.37 -25.31 -17.68
C LEU C 114 -35.78 -25.48 -19.14
N ALA C 115 -35.21 -24.65 -20.02
CA ALA C 115 -35.52 -24.73 -21.45
C ALA C 115 -35.42 -26.16 -21.97
N ARG C 116 -34.36 -26.87 -21.57
CA ARG C 116 -34.11 -28.24 -22.01
C ARG C 116 -33.78 -29.12 -20.81
N PRO C 117 -34.78 -29.53 -20.03
CA PRO C 117 -34.49 -30.37 -18.86
C PRO C 117 -33.87 -31.72 -19.18
N GLU C 118 -34.13 -32.28 -20.36
CA GLU C 118 -33.57 -33.57 -20.70
C GLU C 118 -32.06 -33.53 -20.85
N VAL C 119 -31.48 -32.34 -20.96
CA VAL C 119 -30.06 -32.21 -21.18
C VAL C 119 -29.26 -32.43 -19.90
N LYS C 120 -27.97 -32.71 -20.10
CA LYS C 120 -26.97 -32.91 -19.05
C LYS C 120 -25.85 -31.99 -19.51
N TRP C 121 -25.82 -30.78 -18.95
CA TRP C 121 -24.87 -29.76 -19.36
C TRP C 121 -24.29 -29.02 -18.17
N THR C 122 -22.97 -29.11 -18.00
CA THR C 122 -22.21 -28.44 -16.96
C THR C 122 -21.25 -27.50 -17.69
N HIS C 123 -21.04 -26.30 -17.15
CA HIS C 123 -20.12 -25.37 -17.81
C HIS C 123 -18.75 -26.03 -18.00
N GLU C 124 -18.41 -27.01 -17.14
CA GLU C 124 -17.13 -27.74 -17.21
C GLU C 124 -17.02 -28.59 -18.47
N GLN C 125 -18.06 -29.40 -18.72
CA GLN C 125 -18.06 -30.19 -19.94
C GLN C 125 -17.81 -29.24 -21.11
N GLY C 126 -18.62 -28.17 -21.16
CA GLY C 126 -18.48 -27.18 -22.22
C GLY C 126 -17.09 -26.57 -22.29
N SER C 127 -16.40 -26.46 -21.16
CA SER C 127 -15.05 -25.91 -21.19
C SER C 127 -14.10 -26.85 -21.90
N VAL C 128 -14.11 -28.12 -21.51
CA VAL C 128 -13.24 -29.07 -22.20
C VAL C 128 -13.55 -29.07 -23.71
N MET C 129 -14.84 -29.02 -24.06
CA MET C 129 -15.21 -28.96 -25.47
C MET C 129 -14.60 -27.72 -26.11
N MET C 130 -14.89 -26.53 -25.57
CA MET C 130 -14.37 -25.28 -26.13
C MET C 130 -12.85 -25.28 -26.18
N PHE C 131 -12.20 -26.03 -25.31
CA PHE C 131 -10.76 -26.14 -25.35
C PHE C 131 -10.37 -26.86 -26.62
N GLU C 132 -11.05 -27.98 -26.90
CA GLU C 132 -10.77 -28.69 -28.16
C GLU C 132 -11.00 -27.75 -29.34
N HIS C 133 -12.17 -27.11 -29.35
CA HIS C 133 -12.50 -26.17 -30.42
C HIS C 133 -11.38 -25.16 -30.61
N LEU C 134 -10.91 -24.56 -29.51
CA LEU C 134 -9.87 -23.55 -29.57
C LEU C 134 -8.55 -24.05 -30.14
N ILE C 135 -8.08 -25.22 -29.68
CA ILE C 135 -6.80 -25.70 -30.17
C ILE C 135 -6.88 -26.16 -31.63
N ASN C 136 -7.96 -26.84 -32.00
CA ASN C 136 -8.03 -27.29 -33.37
C ASN C 136 -8.45 -26.17 -34.30
N SER C 137 -8.94 -25.05 -33.77
CA SER C 137 -9.37 -23.94 -34.61
C SER C 137 -8.29 -22.89 -34.76
N ASN C 138 -7.21 -22.99 -33.99
CA ASN C 138 -6.13 -22.00 -34.05
C ASN C 138 -4.77 -22.68 -34.06
N GLY C 139 -4.72 -23.89 -34.60
CA GLY C 139 -3.51 -24.66 -34.72
C GLY C 139 -2.58 -24.57 -33.55
N ILE C 140 -3.10 -24.91 -32.37
CA ILE C 140 -2.32 -24.85 -31.15
C ILE C 140 -1.43 -26.06 -31.01
N LYS C 141 -1.79 -27.19 -31.61
CA LYS C 141 -0.98 -28.39 -31.48
C LYS C 141 0.47 -28.17 -31.91
N PRO C 142 0.72 -27.60 -33.09
CA PRO C 142 2.12 -27.34 -33.48
C PRO C 142 2.84 -26.40 -32.51
N VAL C 143 2.16 -25.38 -31.97
CA VAL C 143 2.82 -24.48 -31.03
C VAL C 143 3.14 -25.19 -29.73
N MET C 144 2.22 -26.04 -29.27
CA MET C 144 2.48 -26.82 -28.05
C MET C 144 3.72 -27.64 -28.26
N GLU C 145 3.78 -28.32 -29.41
CA GLU C 145 4.95 -29.12 -29.78
C GLU C 145 6.20 -28.24 -29.77
N GLN C 146 6.04 -26.97 -30.13
CA GLN C 146 7.17 -26.06 -30.16
C GLN C 146 7.73 -25.74 -28.77
N TYR C 147 6.88 -25.67 -27.75
CA TYR C 147 7.35 -25.31 -26.41
C TYR C 147 7.59 -26.50 -25.50
N GLY C 148 7.59 -27.71 -26.02
CA GLY C 148 7.87 -28.86 -25.20
C GLY C 148 6.69 -29.74 -24.85
N LEU C 149 5.47 -29.36 -25.21
CA LEU C 149 4.34 -30.19 -24.85
C LEU C 149 4.15 -31.33 -25.84
N ILE C 150 3.50 -32.39 -25.36
CA ILE C 150 3.17 -33.64 -26.08
C ILE C 150 1.65 -33.66 -26.20
N PRO C 151 1.09 -32.95 -27.18
CA PRO C 151 -0.37 -32.79 -27.26
C PRO C 151 -1.25 -33.97 -26.93
N GLU C 152 -0.98 -35.14 -27.51
CA GLU C 152 -1.82 -36.30 -27.23
C GLU C 152 -2.11 -36.49 -25.76
N GLU C 153 -1.06 -36.48 -24.95
CA GLU C 153 -1.18 -36.68 -23.52
C GLU C 153 -1.61 -35.41 -22.79
N ASP C 154 -0.83 -34.35 -22.96
CA ASP C 154 -1.09 -33.10 -22.27
C ASP C 154 -2.49 -32.58 -22.47
N ILE C 155 -3.06 -32.73 -23.66
CA ILE C 155 -4.42 -32.23 -23.82
C ILE C 155 -5.34 -33.04 -22.92
N CYS C 156 -5.04 -34.33 -22.74
CA CYS C 156 -5.85 -35.15 -21.85
C CYS C 156 -5.69 -34.68 -20.41
N PHE C 157 -4.43 -34.44 -20.00
CA PHE C 157 -4.14 -33.97 -18.66
C PHE C 157 -4.93 -32.71 -18.35
N ILE C 158 -4.89 -31.74 -19.28
CA ILE C 158 -5.60 -30.47 -19.11
C ILE C 158 -7.10 -30.69 -19.03
N LYS C 159 -7.65 -31.52 -19.92
CA LYS C 159 -9.09 -31.78 -19.90
C LYS C 159 -9.52 -32.44 -18.59
N GLU C 160 -8.67 -33.34 -18.06
CA GLU C 160 -8.96 -33.99 -16.79
C GLU C 160 -8.93 -32.97 -15.66
N GLN C 161 -7.85 -32.20 -15.60
CA GLN C 161 -7.73 -31.14 -14.62
C GLN C 161 -8.99 -30.29 -14.59
N ILE C 162 -9.60 -30.12 -15.74
CA ILE C 162 -10.77 -29.26 -15.75
C ILE C 162 -12.03 -29.97 -15.28
N VAL C 163 -12.53 -30.90 -16.09
CA VAL C 163 -13.79 -31.55 -15.75
C VAL C 163 -13.67 -32.71 -14.78
N GLY C 164 -12.53 -33.38 -14.73
CA GLY C 164 -12.35 -34.47 -13.81
C GLY C 164 -12.11 -35.82 -14.47
N PRO C 165 -12.38 -36.90 -13.73
CA PRO C 165 -12.19 -38.24 -14.30
C PRO C 165 -13.15 -38.44 -15.47
N LEU C 166 -12.67 -39.16 -16.49
CA LEU C 166 -13.45 -39.41 -17.71
C LEU C 166 -13.86 -40.87 -17.89
N ASP C 172 -14.67 -50.67 -11.90
CA ASP C 172 -13.43 -49.99 -12.26
C ASP C 172 -12.35 -50.27 -11.20
N SER C 173 -11.09 -50.05 -11.58
CA SER C 173 -9.96 -50.26 -10.69
C SER C 173 -9.72 -49.04 -9.79
N LEU C 174 -8.72 -48.23 -10.11
CA LEU C 174 -8.46 -47.07 -9.27
C LEU C 174 -8.03 -45.81 -10.00
N TRP C 175 -6.71 -45.52 -10.06
CA TRP C 175 -6.17 -44.30 -10.71
C TRP C 175 -6.98 -43.97 -11.97
N PRO C 176 -7.91 -43.03 -11.88
CA PRO C 176 -8.77 -42.68 -13.02
C PRO C 176 -8.20 -41.69 -14.03
N TYR C 177 -6.94 -41.31 -13.91
CA TYR C 177 -6.38 -40.31 -14.80
C TYR C 177 -5.35 -40.90 -15.73
N LYS C 178 -5.49 -40.57 -17.02
CA LYS C 178 -4.59 -41.00 -18.06
C LYS C 178 -3.67 -39.87 -18.50
N GLY C 179 -4.00 -38.62 -18.14
CA GLY C 179 -3.20 -37.48 -18.50
C GLY C 179 -1.84 -37.53 -17.85
N ARG C 180 -1.82 -37.63 -16.53
CA ARG C 180 -0.61 -37.71 -15.73
C ARG C 180 -0.72 -38.87 -14.76
N PRO C 181 0.43 -39.45 -14.32
CA PRO C 181 0.38 -40.60 -13.40
C PRO C 181 -0.04 -40.22 -11.99
N GLU C 182 -0.01 -41.17 -11.06
CA GLU C 182 -0.38 -40.90 -9.67
C GLU C 182 0.78 -40.37 -8.85
N ASN C 183 2.02 -40.46 -9.36
CA ASN C 183 3.18 -39.91 -8.66
C ASN C 183 3.18 -38.38 -8.74
N LYS C 184 2.22 -37.81 -9.49
CA LYS C 184 2.01 -36.39 -9.64
C LYS C 184 0.57 -36.04 -9.30
N SER C 185 -0.10 -36.91 -8.53
CA SER C 185 -1.50 -36.71 -8.17
C SER C 185 -1.78 -35.31 -7.70
N PHE C 186 -0.89 -34.75 -6.89
CA PHE C 186 -1.08 -33.40 -6.36
C PHE C 186 -1.43 -32.39 -7.45
N LEU C 187 -0.90 -32.58 -8.66
CA LEU C 187 -1.14 -31.66 -9.76
C LEU C 187 -2.62 -31.53 -10.10
N TYR C 188 -3.43 -32.53 -9.77
CA TYR C 188 -4.85 -32.47 -10.09
C TYR C 188 -5.64 -31.70 -9.05
N GLU C 189 -5.02 -31.38 -7.92
CA GLU C 189 -5.67 -30.63 -6.86
C GLU C 189 -5.49 -29.13 -6.99
N ILE C 190 -4.57 -28.67 -7.84
CA ILE C 190 -4.24 -27.26 -7.98
C ILE C 190 -5.40 -26.44 -8.53
N VAL C 191 -5.84 -26.72 -9.76
CA VAL C 191 -6.88 -25.92 -10.37
C VAL C 191 -8.21 -26.11 -9.68
N SER C 192 -8.79 -27.29 -9.75
CA SER C 192 -10.07 -27.50 -9.07
C SER C 192 -10.01 -28.73 -8.17
N ASN C 193 -10.37 -28.52 -6.90
CA ASN C 193 -10.36 -29.55 -5.86
C ASN C 193 -11.63 -29.39 -5.03
N LYS C 194 -12.35 -30.50 -4.84
CA LYS C 194 -13.59 -30.53 -4.07
C LYS C 194 -13.44 -31.14 -2.69
N ARG C 195 -12.26 -31.68 -2.37
CA ARG C 195 -11.98 -32.29 -1.06
C ARG C 195 -11.94 -31.23 0.03
N ASN C 196 -10.84 -30.50 0.13
CA ASN C 196 -10.65 -29.46 1.13
C ASN C 196 -11.03 -28.07 0.60
N GLY C 197 -11.62 -27.99 -0.58
CA GLY C 197 -12.02 -26.72 -1.15
C GLY C 197 -10.91 -25.71 -1.35
N ILE C 198 -9.66 -26.09 -1.15
CA ILE C 198 -8.54 -25.18 -1.34
C ILE C 198 -8.00 -25.41 -2.74
N ASP C 199 -8.38 -24.52 -3.66
CA ASP C 199 -7.98 -24.54 -5.06
C ASP C 199 -7.81 -23.09 -5.51
N VAL C 200 -6.92 -22.86 -6.47
CA VAL C 200 -6.67 -21.49 -6.91
C VAL C 200 -7.87 -20.85 -7.58
N ASP C 201 -8.78 -21.62 -8.17
CA ASP C 201 -9.97 -20.96 -8.73
C ASP C 201 -10.68 -20.29 -7.56
N LYS C 202 -10.69 -20.96 -6.41
CA LYS C 202 -11.31 -20.39 -5.23
C LYS C 202 -10.52 -19.15 -4.78
N TRP C 203 -9.19 -19.21 -4.79
CA TRP C 203 -8.37 -18.07 -4.37
C TRP C 203 -8.70 -16.83 -5.19
N ASP C 204 -8.58 -16.93 -6.51
CA ASP C 204 -8.84 -15.77 -7.34
C ASP C 204 -10.30 -15.32 -7.28
N TYR C 205 -11.28 -16.22 -7.46
CA TYR C 205 -12.64 -15.69 -7.43
C TYR C 205 -12.95 -15.06 -6.07
N PHE C 206 -12.37 -15.56 -4.95
CA PHE C 206 -12.62 -14.93 -3.64
C PHE C 206 -12.08 -13.49 -3.64
N ALA C 207 -10.77 -13.35 -3.90
CA ALA C 207 -10.14 -12.04 -3.89
C ALA C 207 -10.78 -11.04 -4.83
N ARG C 208 -10.91 -11.39 -6.10
CA ARG C 208 -11.49 -10.46 -7.07
C ARG C 208 -12.95 -10.13 -6.76
N ASP C 209 -13.76 -11.15 -6.41
CA ASP C 209 -15.15 -10.88 -6.09
C ASP C 209 -15.23 -9.88 -4.94
N CYS C 210 -14.37 -10.04 -3.94
CA CYS C 210 -14.38 -9.08 -2.85
C CYS C 210 -14.01 -7.70 -3.37
N HIS C 211 -12.94 -7.64 -4.17
CA HIS C 211 -12.44 -6.37 -4.68
C HIS C 211 -13.50 -5.57 -5.41
N HIS C 212 -14.46 -6.24 -6.00
CA HIS C 212 -15.51 -5.51 -6.71
C HIS C 212 -16.76 -5.35 -5.87
N LEU C 213 -17.03 -6.28 -4.97
CA LEU C 213 -18.23 -6.23 -4.14
C LEU C 213 -18.10 -5.31 -2.93
N GLY C 214 -16.94 -4.73 -2.66
CA GLY C 214 -16.83 -3.90 -1.48
C GLY C 214 -16.78 -4.70 -0.20
N ILE C 215 -16.16 -5.87 -0.25
CA ILE C 215 -16.01 -6.77 0.87
C ILE C 215 -14.52 -6.85 1.17
N GLN C 216 -14.21 -7.26 2.38
CA GLN C 216 -12.84 -7.35 2.85
C GLN C 216 -12.38 -8.78 2.95
N ASN C 217 -11.43 -9.14 2.10
CA ASN C 217 -10.86 -10.48 2.11
C ASN C 217 -9.64 -10.45 2.99
N ASN C 218 -9.53 -11.44 3.90
CA ASN C 218 -8.44 -11.53 4.85
C ASN C 218 -7.62 -12.81 4.72
N PHE C 219 -7.44 -13.29 3.50
CA PHE C 219 -6.66 -14.49 3.22
C PHE C 219 -5.49 -14.08 2.33
N ASP C 220 -4.27 -14.45 2.73
CA ASP C 220 -3.11 -14.10 1.92
C ASP C 220 -2.67 -15.31 1.10
N TYR C 221 -3.28 -15.43 -0.08
CA TYR C 221 -2.92 -16.51 -0.97
C TYR C 221 -1.40 -16.58 -1.13
N LYS C 222 -0.74 -15.41 -1.17
CA LYS C 222 0.71 -15.37 -1.34
C LYS C 222 1.39 -16.12 -0.22
N ARG C 223 0.91 -15.92 1.00
CA ARG C 223 1.47 -16.63 2.14
C ARG C 223 1.32 -18.15 1.96
N PHE C 224 0.08 -18.60 1.77
CA PHE C 224 -0.17 -20.02 1.58
C PHE C 224 0.76 -20.65 0.56
N ILE C 225 0.95 -19.99 -0.57
CA ILE C 225 1.85 -20.60 -1.54
C ILE C 225 3.25 -20.70 -0.97
N LYS C 226 3.73 -19.65 -0.30
CA LYS C 226 5.08 -19.71 0.25
C LYS C 226 5.23 -20.88 1.22
N PHE C 227 4.20 -21.11 2.04
CA PHE C 227 4.22 -22.16 3.04
C PHE C 227 3.28 -23.31 2.69
N ALA C 228 3.41 -23.82 1.48
CA ALA C 228 2.61 -24.92 1.01
C ALA C 228 3.59 -25.94 0.48
N ARG C 229 3.41 -27.18 0.88
CA ARG C 229 4.27 -28.29 0.48
C ARG C 229 3.36 -29.50 0.27
N VAL C 230 3.83 -30.46 -0.51
CA VAL C 230 3.04 -31.67 -0.74
C VAL C 230 3.43 -32.67 0.34
N CYS C 231 2.45 -33.30 0.98
CA CYS C 231 2.71 -34.32 1.99
C CYS C 231 1.77 -35.52 1.77
N GLU C 232 2.09 -36.59 2.49
CA GLU C 232 1.34 -37.84 2.40
C GLU C 232 0.14 -37.82 3.33
N VAL C 233 -1.05 -37.97 2.73
CA VAL C 233 -2.33 -37.99 3.43
C VAL C 233 -3.04 -39.25 2.93
N ASP C 234 -3.15 -40.25 3.80
CA ASP C 234 -3.77 -41.54 3.43
C ASP C 234 -3.02 -42.14 2.23
N ASN C 235 -1.70 -41.97 2.22
CA ASN C 235 -0.82 -42.46 1.15
C ASN C 235 -1.09 -41.77 -0.19
N GLU C 236 -1.75 -40.62 -0.16
CA GLU C 236 -2.06 -39.82 -1.34
C GLU C 236 -1.23 -38.56 -1.26
N LEU C 237 -0.50 -38.23 -2.32
CA LEU C 237 0.31 -37.02 -2.31
C LEU C 237 -0.62 -35.84 -2.49
N ARG C 238 -1.01 -35.23 -1.39
CA ARG C 238 -1.88 -34.06 -1.47
C ARG C 238 -1.06 -32.83 -1.11
N ILE C 239 -1.63 -31.64 -1.33
CA ILE C 239 -0.95 -30.40 -1.00
C ILE C 239 -1.45 -29.96 0.37
N CYS C 240 -0.52 -29.79 1.30
CA CYS C 240 -0.79 -29.36 2.65
C CYS C 240 -0.07 -28.04 2.96
N ALA C 241 -0.38 -27.47 4.13
CA ALA C 241 0.20 -26.19 4.54
C ALA C 241 0.93 -26.30 5.88
N ARG C 242 1.78 -25.30 6.14
CA ARG C 242 2.54 -25.25 7.38
C ARG C 242 1.58 -24.81 8.48
N ASP C 243 1.59 -25.51 9.60
CA ASP C 243 0.72 -25.21 10.73
C ASP C 243 0.40 -23.74 10.86
N LYS C 244 1.41 -22.89 10.90
CA LYS C 244 1.21 -21.46 11.05
C LYS C 244 0.06 -20.87 10.26
N GLU C 245 -0.20 -21.41 9.08
CA GLU C 245 -1.24 -20.86 8.21
C GLU C 245 -2.65 -21.08 8.71
N VAL C 246 -2.84 -21.72 9.87
CA VAL C 246 -4.20 -21.93 10.32
C VAL C 246 -4.98 -20.62 10.33
N GLY C 247 -4.37 -19.57 10.86
CA GLY C 247 -5.02 -18.28 10.89
C GLY C 247 -5.56 -17.96 9.51
N ASN C 248 -4.64 -17.92 8.54
CA ASN C 248 -4.98 -17.63 7.14
C ASN C 248 -6.17 -18.47 6.68
N LEU C 249 -6.09 -19.78 6.87
CA LEU C 249 -7.19 -20.65 6.45
C LEU C 249 -8.46 -20.24 7.17
N TYR C 250 -8.39 -20.07 8.49
CA TYR C 250 -9.56 -19.66 9.24
C TYR C 250 -10.19 -18.43 8.60
N ASP C 251 -9.37 -17.47 8.18
CA ASP C 251 -9.97 -16.30 7.55
C ASP C 251 -10.42 -16.60 6.13
N MET C 252 -9.64 -17.37 5.37
CA MET C 252 -10.06 -17.70 4.00
C MET C 252 -11.50 -18.20 4.01
N PHE C 253 -11.74 -19.25 4.79
CA PHE C 253 -13.08 -19.81 4.88
C PHE C 253 -14.09 -18.71 5.19
N HIS C 254 -13.82 -17.87 6.20
CA HIS C 254 -14.78 -16.82 6.52
C HIS C 254 -15.13 -16.04 5.25
N THR C 255 -14.11 -15.60 4.51
CA THR C 255 -14.37 -14.87 3.27
C THR C 255 -15.42 -15.62 2.46
N ARG C 256 -15.13 -16.86 2.12
CA ARG C 256 -16.06 -17.67 1.37
C ARG C 256 -17.46 -17.44 1.89
N ASN C 257 -17.68 -17.85 3.14
CA ASN C 257 -19.00 -17.76 3.75
C ASN C 257 -19.61 -16.37 3.62
N SER C 258 -18.84 -15.34 3.94
CA SER C 258 -19.39 -14.00 3.83
C SER C 258 -19.82 -13.76 2.38
N LEU C 259 -18.92 -14.04 1.44
CA LEU C 259 -19.24 -13.87 0.01
C LEU C 259 -20.54 -14.56 -0.35
N HIS C 260 -20.86 -15.66 0.33
CA HIS C 260 -22.13 -16.33 0.06
C HIS C 260 -23.26 -15.55 0.70
N ARG C 261 -23.20 -15.40 2.02
CA ARG C 261 -24.23 -14.70 2.79
C ARG C 261 -24.58 -13.34 2.22
N ARG C 262 -23.58 -12.61 1.75
CA ARG C 262 -23.79 -11.27 1.26
C ARG C 262 -24.29 -11.20 -0.18
N ALA C 263 -23.47 -11.66 -1.14
CA ALA C 263 -23.78 -11.56 -2.56
C ALA C 263 -24.25 -12.82 -3.29
N TYR C 264 -23.46 -13.90 -3.26
CA TYR C 264 -23.86 -15.10 -3.98
C TYR C 264 -25.30 -15.50 -3.67
N GLN C 265 -25.70 -15.47 -2.40
CA GLN C 265 -27.05 -15.85 -2.01
C GLN C 265 -27.97 -14.67 -1.76
N HIS C 266 -27.60 -13.46 -2.20
CA HIS C 266 -28.43 -12.28 -2.02
C HIS C 266 -29.81 -12.50 -2.63
N LYS C 267 -30.79 -11.71 -2.18
CA LYS C 267 -32.15 -11.87 -2.66
C LYS C 267 -32.40 -11.11 -3.96
N VAL C 268 -32.22 -9.78 -3.93
CA VAL C 268 -32.49 -8.96 -5.11
C VAL C 268 -31.72 -9.45 -6.33
N GLY C 269 -30.45 -9.84 -6.15
CA GLY C 269 -29.67 -10.34 -7.27
C GLY C 269 -30.27 -11.59 -7.89
N ASN C 270 -30.77 -12.49 -7.05
CA ASN C 270 -31.40 -13.69 -7.57
C ASN C 270 -32.68 -13.32 -8.30
N ILE C 271 -33.45 -12.39 -7.76
CA ILE C 271 -34.69 -11.94 -8.40
C ILE C 271 -34.37 -11.44 -9.81
N ILE C 272 -33.35 -10.58 -9.91
CA ILE C 272 -32.94 -10.04 -11.19
C ILE C 272 -32.50 -11.16 -12.12
N ASP C 273 -31.82 -12.18 -11.57
CA ASP C 273 -31.38 -13.31 -12.39
C ASP C 273 -32.57 -14.09 -12.94
N THR C 274 -33.59 -14.33 -12.10
CA THR C 274 -34.77 -15.06 -12.56
C THR C 274 -35.48 -14.26 -13.64
N MET C 275 -35.54 -12.93 -13.48
CA MET C 275 -36.19 -12.10 -14.49
C MET C 275 -35.47 -12.26 -15.84
N ILE C 276 -34.13 -12.22 -15.80
CA ILE C 276 -33.37 -12.40 -17.02
C ILE C 276 -33.68 -13.78 -17.62
N THR C 277 -33.85 -14.80 -16.76
CA THR C 277 -34.18 -16.13 -17.27
C THR C 277 -35.54 -16.15 -17.94
N ASP C 278 -36.52 -15.49 -17.31
CA ASP C 278 -37.86 -15.40 -17.88
C ASP C 278 -37.78 -14.88 -19.29
N ALA C 279 -37.05 -13.77 -19.46
CA ALA C 279 -36.88 -13.17 -20.78
C ALA C 279 -36.16 -14.14 -21.71
N PHE C 280 -35.03 -14.69 -21.26
CA PHE C 280 -34.24 -15.62 -22.06
C PHE C 280 -35.10 -16.73 -22.64
N LEU C 281 -36.04 -17.27 -21.86
CA LEU C 281 -36.90 -18.33 -22.37
C LEU C 281 -37.95 -17.78 -23.32
N LYS C 282 -38.52 -16.61 -22.99
CA LYS C 282 -39.54 -15.98 -23.82
C LYS C 282 -38.99 -15.55 -25.18
N ALA C 283 -37.68 -15.67 -25.39
CA ALA C 283 -37.03 -15.29 -26.65
C ALA C 283 -36.09 -16.38 -27.18
N ASP C 284 -36.07 -17.56 -26.56
CA ASP C 284 -35.23 -18.66 -27.02
C ASP C 284 -35.61 -19.12 -28.42
N ASP C 285 -36.85 -18.83 -28.83
CA ASP C 285 -37.36 -19.24 -30.13
C ASP C 285 -36.98 -18.26 -31.24
N TYR C 286 -37.29 -16.98 -31.08
CA TYR C 286 -37.01 -15.99 -32.11
C TYR C 286 -35.54 -15.60 -32.23
N ILE C 287 -34.74 -15.76 -31.19
CA ILE C 287 -33.32 -15.42 -31.28
C ILE C 287 -32.60 -16.47 -32.12
N GLU C 288 -31.60 -16.02 -32.88
CA GLU C 288 -30.88 -16.93 -33.76
C GLU C 288 -29.39 -16.67 -33.71
N ILE C 289 -28.61 -17.75 -33.63
CA ILE C 289 -27.15 -17.67 -33.58
C ILE C 289 -26.59 -18.58 -34.66
N THR C 290 -25.99 -18.00 -35.68
CA THR C 290 -25.40 -18.82 -36.74
C THR C 290 -24.35 -19.71 -36.12
N GLY C 291 -24.31 -20.97 -36.54
CA GLY C 291 -23.34 -21.89 -36.00
C GLY C 291 -22.62 -22.76 -37.02
N ALA C 292 -22.70 -24.08 -36.86
CA ALA C 292 -22.05 -25.03 -37.75
C ALA C 292 -22.94 -25.32 -38.95
N GLY C 293 -22.33 -25.39 -40.12
CA GLY C 293 -23.13 -25.60 -41.32
C GLY C 293 -24.15 -24.49 -41.44
N GLY C 294 -23.79 -23.29 -40.99
CA GLY C 294 -24.68 -22.16 -41.02
C GLY C 294 -25.98 -22.47 -40.29
N LYS C 295 -26.02 -23.58 -39.55
CA LYS C 295 -27.23 -23.97 -38.83
C LYS C 295 -27.63 -22.85 -37.88
N LYS C 296 -28.82 -22.32 -38.06
CA LYS C 296 -29.27 -21.27 -37.16
C LYS C 296 -29.57 -21.94 -35.84
N TYR C 297 -28.61 -21.88 -34.94
CA TYR C 297 -28.72 -22.42 -33.59
C TYR C 297 -29.37 -21.34 -32.75
N ARG C 298 -30.42 -21.70 -32.02
CA ARG C 298 -31.05 -20.74 -31.13
C ARG C 298 -30.20 -20.70 -29.86
N ILE C 299 -30.60 -19.90 -28.88
CA ILE C 299 -29.79 -19.82 -27.67
C ILE C 299 -29.59 -21.20 -27.05
N SER C 300 -30.61 -21.71 -26.36
CA SER C 300 -30.51 -23.00 -25.69
C SER C 300 -29.83 -24.09 -26.51
N THR C 301 -29.89 -23.99 -27.83
CA THR C 301 -29.30 -25.00 -28.69
C THR C 301 -27.83 -24.76 -29.04
N ALA C 302 -27.34 -23.52 -28.90
CA ALA C 302 -25.95 -23.22 -29.27
C ALA C 302 -24.94 -23.96 -28.42
N ILE C 303 -25.39 -24.67 -27.38
CA ILE C 303 -24.48 -25.41 -26.52
C ILE C 303 -23.98 -26.66 -27.25
N ASP C 304 -24.77 -27.18 -28.16
CA ASP C 304 -24.43 -28.38 -28.90
C ASP C 304 -23.47 -28.14 -30.05
N ASP C 305 -23.24 -26.89 -30.44
CA ASP C 305 -22.31 -26.54 -31.50
C ASP C 305 -21.43 -25.45 -30.92
N MET C 306 -20.18 -25.79 -30.63
CA MET C 306 -19.26 -24.83 -30.02
C MET C 306 -19.17 -23.55 -30.84
N GLU C 307 -19.23 -23.65 -32.16
CA GLU C 307 -19.16 -22.44 -32.97
C GLU C 307 -20.28 -21.49 -32.60
N ALA C 308 -21.45 -22.03 -32.27
CA ALA C 308 -22.57 -21.19 -31.87
C ALA C 308 -22.33 -20.62 -30.49
N TYR C 309 -21.82 -21.47 -29.57
CA TYR C 309 -21.55 -21.03 -28.20
C TYR C 309 -20.60 -19.83 -28.19
N THR C 310 -19.47 -19.93 -28.90
CA THR C 310 -18.48 -18.88 -28.97
C THR C 310 -19.07 -17.48 -29.12
N LYS C 311 -20.28 -17.37 -29.69
CA LYS C 311 -20.96 -16.09 -29.87
C LYS C 311 -22.10 -15.90 -28.89
N LEU C 312 -22.41 -16.92 -28.09
CA LEU C 312 -23.45 -16.85 -27.06
C LEU C 312 -22.85 -16.23 -25.81
N THR C 313 -23.25 -15.01 -25.49
CA THR C 313 -22.72 -14.33 -24.31
C THR C 313 -23.81 -13.45 -23.69
N ASP C 314 -23.39 -12.56 -22.80
CA ASP C 314 -24.32 -11.64 -22.17
C ASP C 314 -24.89 -10.67 -23.21
N ASN C 315 -24.21 -10.51 -24.35
CA ASN C 315 -24.70 -9.63 -25.39
C ASN C 315 -26.14 -9.94 -25.74
N ILE C 316 -26.52 -11.22 -25.62
CA ILE C 316 -27.89 -11.66 -25.91
C ILE C 316 -28.91 -10.73 -25.26
N PHE C 317 -28.63 -10.29 -24.04
CA PHE C 317 -29.48 -9.34 -23.32
C PHE C 317 -29.89 -8.18 -24.23
N LEU C 318 -28.88 -7.50 -24.78
CA LEU C 318 -29.10 -6.35 -25.65
C LEU C 318 -29.92 -6.71 -26.88
N GLU C 319 -29.73 -7.92 -27.42
CA GLU C 319 -30.53 -8.35 -28.57
C GLU C 319 -32.01 -8.37 -28.18
N ILE C 320 -32.31 -8.87 -26.98
CA ILE C 320 -33.68 -8.90 -26.49
C ILE C 320 -34.18 -7.49 -26.22
N LEU C 321 -33.25 -6.55 -26.05
CA LEU C 321 -33.53 -5.17 -25.74
C LEU C 321 -33.73 -4.31 -26.99
N TYR C 322 -32.71 -4.20 -27.83
CA TYR C 322 -32.78 -3.40 -29.04
C TYR C 322 -33.47 -4.09 -30.21
N SER C 323 -34.24 -5.13 -29.94
CA SER C 323 -34.91 -5.91 -30.97
C SER C 323 -36.07 -5.16 -31.58
N THR C 324 -35.84 -4.50 -32.72
CA THR C 324 -36.93 -3.81 -33.40
C THR C 324 -38.10 -4.79 -33.58
N ASP C 325 -37.78 -6.06 -33.79
CA ASP C 325 -38.77 -7.12 -33.99
C ASP C 325 -39.83 -7.13 -32.90
N PRO C 326 -41.13 -7.11 -33.27
CA PRO C 326 -42.18 -7.22 -32.24
C PRO C 326 -42.28 -8.64 -31.71
N LYS C 327 -41.57 -9.55 -32.38
CA LYS C 327 -41.51 -10.95 -31.96
C LYS C 327 -41.07 -11.03 -30.51
N LEU C 328 -39.90 -10.46 -30.23
CA LEU C 328 -39.27 -10.48 -28.93
C LEU C 328 -39.96 -9.62 -27.88
N LYS C 329 -40.87 -8.74 -28.27
CA LYS C 329 -41.54 -7.85 -27.33
C LYS C 329 -41.80 -8.46 -25.96
N ASP C 330 -42.42 -9.64 -25.93
CA ASP C 330 -42.73 -10.33 -24.69
C ASP C 330 -41.55 -10.28 -23.72
N ALA C 331 -40.42 -10.86 -24.13
CA ALA C 331 -39.22 -10.87 -23.29
C ALA C 331 -38.69 -9.47 -23.04
N ARG C 332 -38.65 -8.65 -24.09
CA ARG C 332 -38.16 -7.28 -23.97
C ARG C 332 -38.83 -6.56 -22.80
N GLU C 333 -40.12 -6.81 -22.57
CA GLU C 333 -40.82 -6.18 -21.46
C GLU C 333 -40.18 -6.60 -20.13
N ILE C 334 -39.87 -7.90 -19.99
CA ILE C 334 -39.23 -8.38 -18.78
C ILE C 334 -37.98 -7.56 -18.49
N LEU C 335 -37.13 -7.40 -19.50
CA LEU C 335 -35.90 -6.61 -19.30
C LEU C 335 -36.24 -5.18 -18.84
N LYS C 336 -37.16 -4.53 -19.56
CA LYS C 336 -37.55 -3.17 -19.21
C LYS C 336 -37.99 -3.05 -17.76
N GLN C 337 -38.59 -4.10 -17.21
CA GLN C 337 -39.03 -4.07 -15.82
C GLN C 337 -37.86 -3.74 -14.89
N ILE C 338 -36.74 -4.45 -15.07
CA ILE C 338 -35.58 -4.19 -14.24
C ILE C 338 -35.07 -2.79 -14.48
N GLU C 339 -34.94 -2.42 -15.78
CA GLU C 339 -34.48 -1.06 -16.04
C GLU C 339 -35.26 -0.04 -15.23
N TYR C 340 -36.55 -0.29 -15.00
CA TYR C 340 -37.38 0.58 -14.18
C TYR C 340 -37.38 0.15 -12.72
N ARG C 341 -36.70 -0.95 -12.40
CA ARG C 341 -36.59 -1.50 -11.06
C ARG C 341 -37.91 -2.09 -10.56
N ASN C 342 -38.81 -2.47 -11.46
CA ASN C 342 -40.08 -3.09 -11.09
C ASN C 342 -39.85 -4.58 -11.23
N LEU C 343 -39.14 -5.13 -10.25
CA LEU C 343 -38.78 -6.54 -10.26
C LEU C 343 -39.88 -7.41 -9.65
N PHE C 344 -39.59 -8.71 -9.48
CA PHE C 344 -40.54 -9.64 -8.90
C PHE C 344 -40.76 -9.31 -7.43
N LYS C 345 -41.21 -10.29 -6.64
CA LYS C 345 -41.48 -10.05 -5.22
C LYS C 345 -41.10 -11.29 -4.41
N TYR C 346 -40.23 -11.11 -3.42
CA TYR C 346 -39.80 -12.24 -2.60
C TYR C 346 -40.93 -12.86 -1.78
N VAL C 347 -41.54 -13.93 -2.28
CA VAL C 347 -42.63 -14.59 -1.57
C VAL C 347 -42.07 -15.27 -0.33
N GLY C 348 -41.26 -16.30 -0.52
CA GLY C 348 -40.72 -16.98 0.64
C GLY C 348 -39.53 -17.84 0.32
N GLU C 349 -39.01 -18.51 1.35
CA GLU C 349 -37.85 -19.38 1.24
C GLU C 349 -38.06 -20.64 2.08
N THR C 350 -37.53 -21.76 1.60
CA THR C 350 -37.66 -23.04 2.30
C THR C 350 -36.42 -23.91 2.06
N GLN C 351 -36.37 -25.04 2.75
CA GLN C 351 -35.25 -25.96 2.65
C GLN C 351 -35.73 -27.40 2.61
N PRO C 352 -34.88 -28.32 2.13
CA PRO C 352 -35.23 -29.74 2.10
C PRO C 352 -35.03 -30.35 3.49
N THR C 353 -35.28 -31.65 3.59
CA THR C 353 -35.13 -32.37 4.85
C THR C 353 -34.63 -33.77 4.52
N GLY C 354 -33.33 -34.01 4.73
CA GLY C 354 -32.75 -35.32 4.48
C GLY C 354 -31.91 -35.47 3.23
N GLN C 355 -31.15 -34.43 2.88
CA GLN C 355 -30.28 -34.42 1.72
C GLN C 355 -31.03 -34.28 0.38
N ILE C 356 -31.65 -35.37 -0.11
CA ILE C 356 -32.38 -35.41 -1.39
C ILE C 356 -32.89 -34.01 -1.72
N LYS C 357 -32.38 -33.44 -2.80
CA LYS C 357 -32.70 -32.07 -3.20
C LYS C 357 -33.38 -31.99 -4.55
N ILE C 358 -34.13 -30.90 -4.73
CA ILE C 358 -34.81 -30.69 -6.00
C ILE C 358 -33.74 -30.76 -7.10
N LYS C 359 -34.06 -31.47 -8.17
CA LYS C 359 -33.17 -31.64 -9.31
C LYS C 359 -33.49 -30.62 -10.38
N ARG C 360 -32.47 -30.26 -11.16
CA ARG C 360 -32.67 -29.26 -12.21
C ARG C 360 -33.84 -29.62 -13.12
N GLU C 361 -33.99 -30.89 -13.44
CA GLU C 361 -35.09 -31.30 -14.30
C GLU C 361 -36.43 -30.84 -13.72
N ASP C 362 -36.66 -31.09 -12.44
CA ASP C 362 -37.93 -30.70 -11.84
C ASP C 362 -38.10 -29.18 -11.72
N TYR C 363 -37.06 -28.40 -12.00
CA TYR C 363 -37.19 -26.95 -11.88
C TYR C 363 -38.36 -26.45 -12.73
N GLU C 364 -38.57 -27.07 -13.90
CA GLU C 364 -39.66 -26.66 -14.77
C GLU C 364 -41.02 -27.02 -14.20
N SER C 365 -41.10 -28.10 -13.42
CA SER C 365 -42.36 -28.52 -12.85
C SER C 365 -42.74 -27.75 -11.59
N LEU C 366 -41.74 -27.40 -10.76
CA LEU C 366 -42.01 -26.70 -9.51
C LEU C 366 -43.01 -25.55 -9.61
N PRO C 367 -42.85 -24.55 -10.50
CA PRO C 367 -43.85 -23.47 -10.54
C PRO C 367 -45.28 -24.00 -10.53
N LYS C 368 -45.55 -25.01 -11.36
CA LYS C 368 -46.88 -25.59 -11.40
C LYS C 368 -47.31 -26.03 -10.00
N GLU C 369 -46.52 -26.92 -9.39
CA GLU C 369 -46.86 -27.41 -8.05
C GLU C 369 -47.20 -26.28 -7.09
N VAL C 370 -46.59 -25.11 -7.27
CA VAL C 370 -46.88 -23.99 -6.36
C VAL C 370 -48.27 -23.43 -6.65
N ALA C 371 -48.53 -23.11 -7.92
CA ALA C 371 -49.82 -22.55 -8.30
C ALA C 371 -50.95 -23.48 -7.89
N SER C 372 -50.83 -24.77 -8.20
CA SER C 372 -51.87 -25.73 -7.84
C SER C 372 -51.92 -26.05 -6.34
N ALA C 373 -51.06 -25.43 -5.52
CA ALA C 373 -51.06 -25.69 -4.08
C ALA C 373 -52.47 -25.60 -3.55
N LYS C 374 -52.80 -26.47 -2.58
CA LYS C 374 -54.13 -26.50 -2.01
C LYS C 374 -54.17 -25.93 -0.58
N PRO C 375 -53.98 -24.62 -0.42
CA PRO C 375 -54.06 -24.05 0.94
C PRO C 375 -55.41 -24.39 1.54
N LYS C 376 -55.39 -24.86 2.79
CA LYS C 376 -56.65 -25.22 3.46
C LYS C 376 -57.75 -24.22 3.15
N VAL C 377 -57.47 -22.93 3.35
CA VAL C 377 -58.42 -21.86 3.10
C VAL C 377 -58.27 -21.39 1.66
N LEU C 378 -59.40 -21.21 0.96
CA LEU C 378 -59.37 -20.74 -0.43
C LEU C 378 -59.03 -19.25 -0.43
N LEU C 379 -58.44 -18.80 -1.53
CA LEU C 379 -57.99 -17.43 -1.64
C LEU C 379 -59.03 -16.48 -2.23
N ASP C 380 -58.71 -15.18 -2.14
CA ASP C 380 -59.50 -14.09 -2.68
C ASP C 380 -59.02 -13.71 -4.08
N VAL C 381 -58.50 -14.69 -4.84
CA VAL C 381 -57.97 -14.56 -6.21
C VAL C 381 -56.97 -15.70 -6.40
N LYS C 382 -57.35 -16.74 -7.15
CA LYS C 382 -56.45 -17.86 -7.41
C LYS C 382 -55.19 -17.34 -8.11
N LEU C 383 -54.14 -18.14 -8.07
CA LEU C 383 -52.87 -17.76 -8.67
C LEU C 383 -52.37 -18.86 -9.60
N LYS C 384 -51.80 -18.45 -10.73
CA LYS C 384 -51.26 -19.36 -11.74
C LYS C 384 -49.74 -19.46 -11.55
N ALA C 385 -49.13 -20.51 -12.14
CA ALA C 385 -47.69 -20.71 -11.99
C ALA C 385 -46.88 -19.79 -12.90
N GLU C 386 -47.44 -19.43 -14.06
CA GLU C 386 -46.75 -18.50 -14.96
C GLU C 386 -46.28 -17.28 -14.16
N ASP C 387 -46.97 -16.99 -13.06
CA ASP C 387 -46.63 -15.91 -12.16
C ASP C 387 -45.67 -16.38 -11.06
N PHE C 388 -45.81 -17.62 -10.63
CA PHE C 388 -44.97 -18.17 -9.57
C PHE C 388 -43.56 -18.46 -10.08
N ILE C 389 -42.57 -17.84 -9.44
CA ILE C 389 -41.16 -17.99 -9.75
C ILE C 389 -40.57 -18.93 -8.70
N VAL C 390 -39.78 -19.91 -9.14
CA VAL C 390 -39.12 -20.86 -8.25
C VAL C 390 -37.63 -20.79 -8.57
N ASP C 391 -36.82 -20.37 -7.59
CA ASP C 391 -35.36 -20.22 -7.72
C ASP C 391 -34.69 -21.11 -6.69
N VAL C 392 -34.15 -22.25 -7.14
CA VAL C 392 -33.50 -23.22 -6.27
C VAL C 392 -32.00 -22.97 -6.29
N ILE C 393 -31.47 -22.45 -5.17
CA ILE C 393 -30.05 -22.15 -4.99
C ILE C 393 -29.47 -23.15 -4.01
N ASN C 394 -28.52 -23.95 -4.49
CA ASN C 394 -27.86 -25.02 -3.73
C ASN C 394 -26.43 -24.62 -3.39
N MET C 395 -25.78 -25.46 -2.59
CA MET C 395 -24.39 -25.20 -2.22
C MET C 395 -23.76 -26.50 -1.69
N ASP C 396 -22.54 -26.37 -1.15
CA ASP C 396 -21.79 -27.49 -0.58
C ASP C 396 -21.04 -27.03 0.69
N LYS C 402 -19.66 -29.08 7.05
CA LYS C 402 -18.55 -29.83 7.64
C LYS C 402 -17.44 -28.87 8.12
N ASN C 403 -16.95 -29.03 9.38
CA ASN C 403 -15.88 -28.16 9.91
C ASN C 403 -14.86 -27.97 8.79
N PRO C 404 -14.32 -26.78 8.60
CA PRO C 404 -13.38 -26.59 7.49
C PRO C 404 -12.00 -27.16 7.69
N ILE C 405 -11.23 -26.56 8.60
CA ILE C 405 -9.86 -26.95 8.85
C ILE C 405 -9.71 -28.45 9.08
N ASP C 406 -10.82 -29.12 9.34
CA ASP C 406 -10.77 -30.56 9.54
C ASP C 406 -10.55 -31.31 8.22
N HIS C 407 -11.00 -30.76 7.09
CA HIS C 407 -10.82 -31.40 5.78
C HIS C 407 -9.46 -31.06 5.12
N VAL C 408 -8.70 -30.12 5.71
CA VAL C 408 -7.41 -29.70 5.16
C VAL C 408 -6.30 -30.50 5.82
N SER C 409 -5.17 -30.63 5.10
CA SER C 409 -4.01 -31.35 5.57
C SER C 409 -2.91 -30.34 5.90
N PHE C 410 -2.16 -30.61 6.99
CA PHE C 410 -1.09 -29.75 7.46
C PHE C 410 0.20 -30.51 7.71
N TYR C 411 1.28 -29.75 7.88
CA TYR C 411 2.58 -30.33 8.15
C TYR C 411 3.30 -29.48 9.18
N CYS C 412 4.43 -29.96 9.66
CA CYS C 412 5.25 -29.25 10.64
C CYS C 412 6.64 -29.07 10.07
N LYS C 413 7.24 -27.91 10.31
CA LYS C 413 8.57 -27.62 9.77
C LYS C 413 9.62 -28.66 10.18
N THR C 414 9.52 -29.22 11.41
CA THR C 414 10.49 -30.21 11.84
C THR C 414 10.24 -31.58 11.20
N ALA C 415 8.98 -31.91 10.88
CA ALA C 415 8.59 -33.17 10.27
C ALA C 415 7.69 -32.87 9.08
N PRO C 416 8.27 -32.60 7.91
CA PRO C 416 7.44 -32.24 6.75
C PRO C 416 6.78 -33.37 5.97
N ASN C 417 7.58 -34.31 5.47
CA ASN C 417 7.08 -35.40 4.64
C ASN C 417 5.71 -35.93 5.03
N ARG C 418 5.49 -36.18 6.31
CA ARG C 418 4.23 -36.71 6.80
C ARG C 418 3.28 -35.61 7.24
N ALA C 419 1.99 -35.83 6.98
CA ALA C 419 0.95 -34.86 7.33
C ALA C 419 0.61 -34.95 8.80
N ILE C 420 -0.36 -34.14 9.23
CA ILE C 420 -0.77 -34.11 10.63
C ILE C 420 -2.26 -34.38 10.82
N GLU C 437 -29.08 -29.33 1.81
CA GLU C 437 -28.06 -28.37 1.37
C GLU C 437 -28.68 -27.54 0.26
N GLN C 438 -29.79 -26.88 0.55
CA GLN C 438 -30.46 -26.12 -0.50
C GLN C 438 -31.44 -25.12 0.05
N LEU C 439 -31.71 -24.10 -0.74
CA LEU C 439 -32.66 -23.04 -0.39
C LEU C 439 -33.52 -22.77 -1.62
N ILE C 440 -34.84 -22.83 -1.45
CA ILE C 440 -35.79 -22.63 -2.54
C ILE C 440 -36.50 -21.31 -2.28
N ARG C 441 -36.26 -20.32 -3.16
CA ARG C 441 -36.85 -18.99 -3.06
C ARG C 441 -37.95 -18.80 -4.10
N VAL C 442 -39.16 -18.59 -3.64
CA VAL C 442 -40.32 -18.40 -4.52
C VAL C 442 -40.69 -16.92 -4.53
N TYR C 443 -41.06 -16.44 -5.72
CA TYR C 443 -41.48 -15.06 -5.95
C TYR C 443 -42.79 -15.08 -6.76
N CYS C 444 -43.36 -13.89 -7.01
CA CYS C 444 -44.59 -13.71 -7.77
C CYS C 444 -44.42 -12.52 -8.71
N LYS C 445 -44.69 -12.71 -10.00
CA LYS C 445 -44.49 -11.65 -10.99
C LYS C 445 -45.31 -10.40 -10.72
N LYS C 446 -46.44 -10.52 -10.04
CA LYS C 446 -47.31 -9.38 -9.75
C LYS C 446 -46.95 -8.75 -8.41
N VAL C 447 -47.34 -7.49 -8.24
CA VAL C 447 -47.09 -6.75 -7.00
C VAL C 447 -48.38 -6.30 -6.31
N ASP C 448 -49.55 -6.58 -6.89
CA ASP C 448 -50.83 -6.23 -6.25
C ASP C 448 -50.93 -7.07 -4.98
N ARG C 449 -50.80 -6.41 -3.83
CA ARG C 449 -50.82 -7.07 -2.53
C ARG C 449 -51.76 -8.27 -2.47
N LYS C 450 -52.93 -8.16 -3.09
CA LYS C 450 -53.85 -9.29 -3.11
C LYS C 450 -53.09 -10.55 -3.52
N SER C 451 -52.49 -10.48 -4.71
CA SER C 451 -51.70 -11.59 -5.23
C SER C 451 -50.63 -11.98 -4.22
N LEU C 452 -49.73 -11.06 -3.87
CA LEU C 452 -48.67 -11.35 -2.92
C LEU C 452 -49.13 -12.19 -1.73
N TYR C 453 -50.25 -11.81 -1.11
CA TYR C 453 -50.76 -12.56 0.03
C TYR C 453 -51.12 -13.98 -0.38
N ALA C 454 -52.00 -14.13 -1.38
CA ALA C 454 -52.36 -15.48 -1.82
C ALA C 454 -51.13 -16.28 -2.21
N ALA C 455 -50.09 -15.61 -2.70
CA ALA C 455 -48.84 -16.26 -3.08
C ALA C 455 -48.16 -16.83 -1.85
N ARG C 456 -48.09 -16.05 -0.77
CA ARG C 456 -47.49 -16.56 0.46
C ARG C 456 -48.29 -17.74 0.98
N GLN C 457 -49.62 -17.71 0.81
CA GLN C 457 -50.45 -18.82 1.27
C GLN C 457 -50.11 -20.08 0.47
N TYR C 458 -50.13 -19.97 -0.86
CA TYR C 458 -49.79 -21.10 -1.71
C TYR C 458 -48.39 -21.61 -1.39
N PHE C 459 -47.47 -20.71 -1.03
CA PHE C 459 -46.09 -21.08 -0.72
C PHE C 459 -46.01 -21.86 0.58
N VAL C 460 -46.64 -21.35 1.63
CA VAL C 460 -46.65 -22.06 2.91
C VAL C 460 -47.23 -23.46 2.69
N GLN C 461 -48.29 -23.54 1.89
CA GLN C 461 -48.90 -24.82 1.60
C GLN C 461 -47.99 -25.70 0.74
N TRP C 462 -47.21 -25.10 -0.15
CA TRP C 462 -46.28 -25.82 -0.99
C TRP C 462 -45.37 -26.59 -0.05
N CYS C 463 -44.58 -25.84 0.75
CA CYS C 463 -43.65 -26.48 1.67
C CYS C 463 -44.36 -27.43 2.64
N ALA C 464 -45.62 -27.15 2.98
CA ALA C 464 -46.33 -28.04 3.89
C ALA C 464 -46.59 -29.39 3.25
N ASP C 465 -47.20 -29.40 2.06
CA ASP C 465 -47.50 -30.65 1.35
C ASP C 465 -46.23 -31.40 0.97
N ARG C 466 -45.16 -30.66 0.67
CA ARG C 466 -43.88 -31.23 0.27
C ARG C 466 -42.99 -31.62 1.44
N ASN C 467 -43.53 -31.68 2.66
CA ASN C 467 -42.76 -32.05 3.84
C ASN C 467 -41.46 -31.25 3.92
N PHE C 468 -41.50 -30.01 3.45
CA PHE C 468 -40.37 -29.11 3.49
C PHE C 468 -40.35 -28.37 4.83
N THR C 469 -39.37 -27.48 5.01
CA THR C 469 -39.29 -26.68 6.23
C THR C 469 -40.38 -25.60 6.20
N LYS C 470 -40.79 -25.15 7.36
CA LYS C 470 -41.83 -24.13 7.46
C LYS C 470 -41.26 -22.75 7.13
N PRO C 471 -42.05 -21.86 6.52
CA PRO C 471 -41.53 -20.52 6.21
C PRO C 471 -41.18 -19.75 7.47
N GLN C 472 -40.22 -18.84 7.34
CA GLN C 472 -39.75 -18.04 8.48
C GLN C 472 -40.84 -17.23 9.20
N MET D 5 -34.21 6.77 1.95
CA MET D 5 -33.24 6.67 0.88
C MET D 5 -32.71 5.25 0.70
N LYS D 6 -32.13 4.98 -0.48
CA LYS D 6 -31.57 3.67 -0.82
C LYS D 6 -30.06 3.70 -0.58
N VAL D 7 -29.55 2.72 0.17
CA VAL D 7 -28.12 2.63 0.49
C VAL D 7 -27.54 1.40 -0.19
N ILE D 8 -26.61 1.64 -1.13
CA ILE D 8 -25.91 0.64 -1.93
C ILE D 8 -24.58 0.28 -1.29
N ASN D 9 -23.71 -0.45 -2.01
CA ASN D 9 -22.40 -0.82 -1.49
C ASN D 9 -21.35 -0.67 -2.60
N ASP D 10 -20.73 0.52 -2.67
CA ASP D 10 -19.72 0.81 -3.66
C ASP D 10 -18.37 0.24 -3.26
N PRO D 11 -17.62 -0.32 -4.20
CA PRO D 11 -16.29 -0.80 -3.82
C PRO D 11 -15.47 0.32 -3.20
N ILE D 12 -15.53 1.50 -3.83
CA ILE D 12 -14.74 2.64 -3.40
C ILE D 12 -15.36 3.39 -2.23
N HIS D 13 -16.40 4.15 -2.52
CA HIS D 13 -17.05 4.98 -1.52
C HIS D 13 -17.86 4.25 -0.46
N GLY D 14 -17.54 2.98 -0.19
CA GLY D 14 -18.24 2.22 0.83
C GLY D 14 -19.75 2.24 0.66
N HIS D 15 -20.46 2.18 1.79
CA HIS D 15 -21.92 2.19 1.77
C HIS D 15 -22.49 3.54 1.34
N ILE D 16 -22.77 3.73 0.05
CA ILE D 16 -23.34 4.98 -0.46
C ILE D 16 -24.84 5.00 -0.16
N GLU D 17 -25.42 6.19 0.03
CA GLU D 17 -26.85 6.37 0.29
C GLU D 17 -27.41 7.30 -0.79
N LEU D 18 -28.72 7.20 -1.03
CA LEU D 18 -29.31 8.03 -2.08
C LEU D 18 -30.75 8.44 -1.83
N HIS D 19 -30.96 9.75 -1.77
CA HIS D 19 -32.29 10.30 -1.60
C HIS D 19 -33.21 9.66 -2.64
N PRO D 20 -34.48 9.38 -2.29
CA PRO D 20 -35.36 8.70 -3.26
C PRO D 20 -35.52 9.37 -4.63
N LEU D 21 -35.48 10.70 -4.74
CA LEU D 21 -35.62 11.35 -6.04
C LEU D 21 -34.57 10.84 -7.03
N LEU D 22 -33.30 10.94 -6.66
CA LEU D 22 -32.24 10.44 -7.55
C LEU D 22 -32.48 8.96 -7.84
N VAL D 23 -33.01 8.23 -6.87
CA VAL D 23 -33.31 6.81 -7.07
C VAL D 23 -34.24 6.66 -8.26
N ARG D 24 -35.25 7.53 -8.34
CA ARG D 24 -36.19 7.47 -9.46
C ARG D 24 -35.53 7.91 -10.75
N ILE D 25 -34.50 8.75 -10.65
CA ILE D 25 -33.82 9.21 -11.86
C ILE D 25 -32.91 8.12 -12.43
N ILE D 26 -32.39 7.23 -11.57
CA ILE D 26 -31.47 6.18 -12.01
C ILE D 26 -32.21 4.95 -12.51
N ASP D 27 -33.27 4.54 -11.82
CA ASP D 27 -34.03 3.39 -12.26
C ASP D 27 -34.83 3.82 -13.48
N THR D 28 -34.12 4.22 -14.53
CA THR D 28 -34.77 4.65 -15.76
C THR D 28 -34.01 4.08 -16.97
N PRO D 29 -34.58 4.13 -18.15
CA PRO D 29 -33.86 3.64 -19.33
C PRO D 29 -32.62 4.48 -19.61
N GLN D 30 -32.84 5.80 -19.68
CA GLN D 30 -31.77 6.74 -19.98
C GLN D 30 -30.55 6.56 -19.09
N PHE D 31 -30.74 6.17 -17.83
CA PHE D 31 -29.61 6.01 -16.92
C PHE D 31 -29.08 4.58 -16.85
N GLN D 32 -29.95 3.57 -16.74
CA GLN D 32 -29.42 2.20 -16.74
C GLN D 32 -28.60 1.96 -18.02
N ARG D 33 -28.71 2.88 -19.00
CA ARG D 33 -27.91 2.78 -20.22
C ARG D 33 -26.41 2.92 -19.93
N LEU D 34 -26.03 3.74 -18.95
CA LEU D 34 -24.62 3.95 -18.62
C LEU D 34 -23.92 2.69 -18.11
N ARG D 35 -24.65 1.60 -17.89
CA ARG D 35 -24.07 0.35 -17.42
C ARG D 35 -23.42 -0.43 -18.55
N TYR D 36 -23.51 0.03 -19.80
CA TYR D 36 -22.95 -0.68 -20.93
C TYR D 36 -21.99 0.17 -21.74
N ILE D 37 -21.33 1.14 -21.12
CA ILE D 37 -20.35 1.97 -21.84
C ILE D 37 -19.11 2.15 -20.98
N LYS D 38 -18.27 1.10 -20.97
CA LYS D 38 -17.02 1.06 -20.20
C LYS D 38 -16.32 2.41 -20.16
N GLN D 39 -15.94 2.80 -18.94
CA GLN D 39 -15.28 4.09 -18.75
C GLN D 39 -14.01 4.23 -19.54
N LEU D 40 -13.16 3.21 -19.50
CA LEU D 40 -11.91 3.24 -20.24
C LEU D 40 -12.04 2.62 -21.59
N GLY D 41 -13.15 1.92 -21.85
CA GLY D 41 -13.41 1.25 -23.12
C GLY D 41 -12.25 0.41 -23.59
N GLY D 42 -11.47 0.97 -24.54
CA GLY D 42 -10.33 0.25 -25.04
C GLY D 42 -9.41 -0.25 -23.94
N GLY D 43 -9.42 0.43 -22.79
CA GLY D 43 -8.57 0.01 -21.68
C GLY D 43 -8.75 -1.45 -21.30
N TYR D 44 -10.01 -1.89 -21.19
CA TYR D 44 -10.25 -3.28 -20.80
C TYR D 44 -9.46 -4.28 -21.62
N TYR D 45 -8.89 -3.86 -22.76
CA TYR D 45 -8.09 -4.75 -23.61
C TYR D 45 -6.61 -4.67 -23.30
N VAL D 46 -6.19 -3.71 -22.47
CA VAL D 46 -4.81 -3.57 -22.05
C VAL D 46 -4.68 -3.90 -20.57
N PHE D 47 -5.68 -3.53 -19.79
CA PHE D 47 -5.73 -3.79 -18.35
C PHE D 47 -6.94 -4.66 -18.12
N PRO D 48 -6.74 -5.92 -17.74
CA PRO D 48 -7.90 -6.80 -17.49
C PRO D 48 -8.82 -6.34 -16.37
N GLY D 49 -8.37 -5.46 -15.48
CA GLY D 49 -9.25 -5.02 -14.41
C GLY D 49 -10.25 -3.99 -14.87
N ALA D 50 -9.88 -3.19 -15.85
CA ALA D 50 -10.73 -2.12 -16.37
C ALA D 50 -12.05 -2.54 -16.97
N SER D 51 -12.85 -3.29 -16.21
CA SER D 51 -14.16 -3.73 -16.64
C SER D 51 -15.27 -2.82 -16.13
N HIS D 52 -14.91 -1.70 -15.48
CA HIS D 52 -15.89 -0.78 -14.91
C HIS D 52 -16.50 0.12 -15.97
N ASN D 53 -17.82 0.34 -15.85
CA ASN D 53 -18.60 1.15 -16.77
C ASN D 53 -18.98 2.48 -16.13
N ARG D 54 -19.27 3.47 -16.99
CA ARG D 54 -19.59 4.82 -16.52
C ARG D 54 -20.71 4.87 -15.51
N PHE D 55 -21.52 3.82 -15.43
CA PHE D 55 -22.62 3.79 -14.49
C PHE D 55 -22.18 4.10 -13.06
N GLU D 56 -21.29 3.26 -12.52
CA GLU D 56 -20.81 3.46 -11.15
C GLU D 56 -20.01 4.76 -11.02
N HIS D 57 -19.32 5.20 -12.07
CA HIS D 57 -18.62 6.47 -11.94
C HIS D 57 -19.60 7.57 -11.60
N SER D 58 -20.74 7.60 -12.28
CA SER D 58 -21.75 8.62 -11.98
C SER D 58 -22.33 8.38 -10.60
N LEU D 59 -22.56 7.12 -10.25
CA LEU D 59 -23.09 6.81 -8.93
C LEU D 59 -22.20 7.43 -7.86
N GLY D 60 -20.90 7.46 -8.11
CA GLY D 60 -19.97 8.05 -7.18
C GLY D 60 -20.04 9.56 -7.27
N VAL D 61 -19.73 10.11 -8.46
CA VAL D 61 -19.73 11.55 -8.69
C VAL D 61 -20.88 12.23 -7.94
N GLY D 62 -22.08 11.66 -8.02
CA GLY D 62 -23.19 12.25 -7.29
C GLY D 62 -23.02 12.17 -5.78
N TYR D 63 -22.60 10.99 -5.29
CA TYR D 63 -22.38 10.81 -3.86
C TYR D 63 -21.33 11.79 -3.34
N LEU D 64 -20.29 12.03 -4.13
CA LEU D 64 -19.24 12.97 -3.74
C LEU D 64 -19.77 14.40 -3.69
N ALA D 65 -20.41 14.86 -4.78
CA ALA D 65 -20.97 16.22 -4.78
C ALA D 65 -21.90 16.41 -3.60
N GLY D 66 -22.69 15.38 -3.27
CA GLY D 66 -23.60 15.48 -2.13
C GLY D 66 -22.88 15.53 -0.79
N CYS D 67 -21.96 14.59 -0.57
CA CYS D 67 -21.19 14.59 0.67
C CYS D 67 -20.59 15.96 0.89
N LEU D 68 -20.00 16.51 -0.18
CA LEU D 68 -19.40 17.83 -0.16
C LEU D 68 -20.42 18.87 0.27
N VAL D 69 -21.38 19.24 -0.60
CA VAL D 69 -22.36 20.27 -0.20
C VAL D 69 -22.78 20.03 1.25
N HIS D 70 -23.53 18.95 1.50
CA HIS D 70 -23.99 18.71 2.86
C HIS D 70 -22.97 19.06 3.95
N ALA D 71 -21.72 18.59 3.82
CA ALA D 71 -20.72 18.89 4.85
C ALA D 71 -20.30 20.36 4.85
N LEU D 72 -19.97 20.91 3.69
CA LEU D 72 -19.58 22.30 3.58
C LEU D 72 -20.61 23.22 4.24
N GLY D 73 -21.88 22.94 3.99
CA GLY D 73 -22.95 23.73 4.59
C GLY D 73 -23.13 23.43 6.06
N GLU D 74 -22.94 22.17 6.47
CA GLU D 74 -23.04 21.82 7.87
C GLU D 74 -22.05 22.66 8.67
N LYS D 75 -20.86 22.90 8.08
CA LYS D 75 -19.85 23.74 8.73
C LYS D 75 -20.08 25.23 8.48
N GLN D 76 -20.82 25.58 7.41
CA GLN D 76 -21.09 26.97 7.03
C GLN D 76 -22.59 27.16 6.79
N PRO D 77 -23.39 27.25 7.86
CA PRO D 77 -24.84 27.42 7.66
C PRO D 77 -25.23 28.74 7.04
N GLU D 78 -24.31 29.71 6.98
CA GLU D 78 -24.60 31.00 6.38
C GLU D 78 -25.21 30.86 4.98
N LEU D 79 -24.73 29.88 4.21
CA LEU D 79 -25.22 29.67 2.85
C LEU D 79 -26.63 29.11 2.82
N GLN D 80 -27.08 28.47 3.90
CA GLN D 80 -28.41 27.87 3.98
C GLN D 80 -28.63 26.91 2.81
N ILE D 81 -27.58 26.20 2.40
CA ILE D 81 -27.67 25.22 1.32
C ILE D 81 -28.68 24.18 1.80
N SER D 82 -29.92 24.28 1.35
CA SER D 82 -30.96 23.36 1.77
C SER D 82 -30.75 21.98 1.16
N GLU D 83 -31.55 21.02 1.63
CA GLU D 83 -31.46 19.68 1.05
C GLU D 83 -31.84 19.75 -0.43
N ARG D 84 -32.69 20.72 -0.79
CA ARG D 84 -33.09 20.92 -2.19
C ARG D 84 -31.91 21.46 -3.00
N ASP D 85 -31.21 22.46 -2.44
CA ASP D 85 -30.01 22.98 -3.09
C ASP D 85 -29.00 21.87 -3.28
N VAL D 86 -29.03 20.88 -2.37
CA VAL D 86 -28.13 19.73 -2.45
C VAL D 86 -28.57 18.82 -3.60
N LEU D 87 -29.78 18.29 -3.53
CA LEU D 87 -30.30 17.42 -4.58
C LEU D 87 -30.00 17.99 -5.95
N CYS D 88 -30.08 19.31 -6.11
CA CYS D 88 -29.77 19.88 -7.42
C CYS D 88 -28.38 19.47 -7.89
N VAL D 89 -27.38 19.80 -7.08
CA VAL D 89 -26.00 19.46 -7.43
C VAL D 89 -25.84 17.96 -7.55
N GLN D 90 -26.47 17.20 -6.63
CA GLN D 90 -26.38 15.75 -6.67
C GLN D 90 -26.80 15.21 -8.03
N ILE D 91 -27.97 15.64 -8.51
CA ILE D 91 -28.46 15.20 -9.81
C ILE D 91 -27.47 15.61 -10.89
N ALA D 92 -27.06 16.89 -10.88
CA ALA D 92 -26.11 17.39 -11.87
C ALA D 92 -24.93 16.43 -12.01
N GLY D 93 -24.32 16.08 -10.88
CA GLY D 93 -23.18 15.15 -10.92
C GLY D 93 -23.62 13.77 -11.38
N LEU D 94 -24.77 13.32 -10.90
CA LEU D 94 -25.29 12.02 -11.27
C LEU D 94 -25.33 11.85 -12.79
N CYS D 95 -25.48 12.95 -13.52
CA CYS D 95 -25.51 12.94 -14.98
C CYS D 95 -24.18 13.41 -15.57
N HIS D 96 -23.09 13.24 -14.84
CA HIS D 96 -21.76 13.67 -15.26
C HIS D 96 -21.57 13.63 -16.78
N ASP D 97 -21.86 12.47 -17.37
CA ASP D 97 -21.72 12.22 -18.79
C ASP D 97 -22.82 11.25 -19.25
N LEU D 98 -24.09 11.61 -19.02
CA LEU D 98 -25.19 10.75 -19.44
C LEU D 98 -25.22 10.56 -20.95
N GLY D 99 -24.56 11.43 -21.69
CA GLY D 99 -24.52 11.35 -23.12
C GLY D 99 -23.15 11.00 -23.66
N HIS D 100 -22.36 10.29 -22.86
CA HIS D 100 -21.04 9.88 -23.31
C HIS D 100 -21.23 8.77 -24.34
N GLY D 101 -20.56 8.90 -25.48
CA GLY D 101 -20.68 7.96 -26.57
C GLY D 101 -20.14 6.57 -26.35
N PRO D 102 -20.40 5.67 -27.31
CA PRO D 102 -19.88 4.29 -27.21
C PRO D 102 -18.38 4.28 -26.97
N PHE D 103 -17.94 3.55 -25.94
CA PHE D 103 -16.52 3.46 -25.59
C PHE D 103 -16.04 4.82 -25.07
N SER D 104 -16.90 5.46 -24.27
CA SER D 104 -16.65 6.75 -23.64
C SER D 104 -16.02 7.81 -24.53
N HIS D 105 -14.77 8.17 -24.29
CA HIS D 105 -14.15 9.25 -25.08
C HIS D 105 -13.83 8.87 -26.50
N MET D 106 -14.17 7.66 -26.91
CA MET D 106 -13.93 7.25 -28.29
C MET D 106 -14.87 7.99 -29.24
N PHE D 107 -16.15 7.71 -29.09
CA PHE D 107 -17.19 8.28 -29.93
C PHE D 107 -17.19 9.80 -29.89
N ASP D 108 -17.45 10.38 -28.71
CA ASP D 108 -17.51 11.83 -28.67
C ASP D 108 -16.18 12.52 -29.00
N GLY D 109 -15.07 11.78 -29.07
CA GLY D 109 -13.80 12.38 -29.35
C GLY D 109 -13.12 11.89 -30.61
N ARG D 110 -13.68 10.84 -31.21
CA ARG D 110 -13.12 10.30 -32.43
C ARG D 110 -14.20 9.97 -33.46
N PHE D 111 -15.18 9.14 -33.09
CA PHE D 111 -16.22 8.76 -34.04
C PHE D 111 -16.95 9.94 -34.67
N ILE D 112 -17.85 10.60 -33.94
CA ILE D 112 -18.60 11.74 -34.48
C ILE D 112 -17.64 12.65 -35.22
N PRO D 113 -16.52 13.05 -34.62
CA PRO D 113 -15.58 13.93 -35.33
C PRO D 113 -15.12 13.40 -36.68
N LEU D 114 -15.11 12.09 -36.87
CA LEU D 114 -14.67 11.47 -38.12
C LEU D 114 -15.81 11.16 -39.07
N ALA D 115 -16.99 10.83 -38.54
CA ALA D 115 -18.14 10.50 -39.37
C ALA D 115 -18.83 11.76 -39.89
N ARG D 116 -19.10 12.72 -39.01
CA ARG D 116 -19.76 13.97 -39.34
C ARG D 116 -18.88 15.15 -38.95
N PRO D 117 -17.71 15.31 -39.58
CA PRO D 117 -16.85 16.44 -39.21
C PRO D 117 -17.61 17.75 -39.08
N GLU D 118 -18.61 17.96 -39.93
CA GLU D 118 -19.40 19.20 -39.88
C GLU D 118 -20.13 19.36 -38.55
N VAL D 119 -20.66 18.26 -38.00
CA VAL D 119 -21.39 18.32 -36.74
C VAL D 119 -20.41 18.45 -35.59
N LYS D 120 -20.78 19.26 -34.61
CA LYS D 120 -19.96 19.50 -33.42
C LYS D 120 -20.74 19.01 -32.21
N TRP D 121 -20.30 17.86 -31.69
CA TRP D 121 -20.89 17.20 -30.55
C TRP D 121 -19.86 17.07 -29.45
N THR D 122 -20.34 17.07 -28.19
CA THR D 122 -19.50 16.91 -27.00
C THR D 122 -20.28 16.01 -26.05
N HIS D 123 -19.58 15.12 -25.32
CA HIS D 123 -20.29 14.21 -24.43
C HIS D 123 -21.13 14.97 -23.39
N GLU D 124 -20.64 16.12 -22.91
CA GLU D 124 -21.43 16.90 -21.96
C GLU D 124 -22.69 17.46 -22.65
N GLN D 125 -22.52 17.97 -23.87
CA GLN D 125 -23.64 18.48 -24.67
C GLN D 125 -24.77 17.45 -24.70
N GLY D 126 -24.44 16.21 -25.10
CA GLY D 126 -25.43 15.16 -25.15
C GLY D 126 -25.94 14.76 -23.78
N SER D 127 -25.08 14.85 -22.76
CA SER D 127 -25.52 14.53 -21.42
C SER D 127 -26.78 15.32 -21.14
N VAL D 128 -26.74 16.61 -21.46
CA VAL D 128 -27.90 17.47 -21.24
C VAL D 128 -29.03 17.12 -22.21
N MET D 129 -28.72 16.96 -23.50
CA MET D 129 -29.76 16.61 -24.46
C MET D 129 -30.65 15.48 -23.92
N MET D 130 -30.04 14.48 -23.27
CA MET D 130 -30.77 13.35 -22.69
C MET D 130 -31.27 13.60 -21.28
N PHE D 131 -30.68 14.56 -20.57
CA PHE D 131 -31.12 14.85 -19.22
C PHE D 131 -32.62 15.11 -19.17
N GLU D 132 -33.12 15.98 -20.04
CA GLU D 132 -34.55 16.25 -20.02
C GLU D 132 -35.34 15.02 -20.47
N HIS D 133 -34.89 14.35 -21.54
CA HIS D 133 -35.58 13.15 -22.01
C HIS D 133 -35.83 12.17 -20.87
N LEU D 134 -34.88 12.11 -19.92
CA LEU D 134 -35.06 11.21 -18.78
C LEU D 134 -36.27 11.59 -17.95
N ILE D 135 -36.35 12.85 -17.53
CA ILE D 135 -37.47 13.31 -16.71
C ILE D 135 -38.75 13.50 -17.50
N ASN D 136 -38.69 13.44 -18.84
CA ASN D 136 -39.90 13.57 -19.67
C ASN D 136 -40.51 12.19 -19.90
N SER D 137 -39.73 11.27 -20.50
CA SER D 137 -40.22 9.92 -20.74
C SER D 137 -40.59 9.23 -19.46
N ASN D 138 -39.81 9.46 -18.41
CA ASN D 138 -40.04 8.84 -17.11
C ASN D 138 -40.80 9.74 -16.15
N GLY D 139 -41.28 10.90 -16.62
CA GLY D 139 -42.04 11.85 -15.81
C GLY D 139 -41.52 12.13 -14.41
N ILE D 140 -40.31 12.66 -14.33
CA ILE D 140 -39.70 12.97 -13.03
C ILE D 140 -40.03 14.37 -12.51
N LYS D 141 -40.35 15.31 -13.39
CA LYS D 141 -40.69 16.67 -12.95
C LYS D 141 -41.73 16.67 -11.83
N PRO D 142 -42.80 15.85 -11.90
CA PRO D 142 -43.75 15.81 -10.78
C PRO D 142 -43.02 15.56 -9.47
N VAL D 143 -42.17 14.52 -9.44
CA VAL D 143 -41.39 14.22 -8.24
C VAL D 143 -40.51 15.40 -7.88
N MET D 144 -39.88 16.02 -8.89
CA MET D 144 -39.02 17.18 -8.67
C MET D 144 -39.74 18.20 -7.80
N GLU D 145 -41.04 18.34 -8.01
CA GLU D 145 -41.78 19.24 -7.14
C GLU D 145 -42.15 18.55 -5.83
N GLN D 146 -42.56 17.29 -5.91
CA GLN D 146 -42.96 16.50 -4.74
C GLN D 146 -42.02 16.66 -3.55
N TYR D 147 -40.72 16.46 -3.75
CA TYR D 147 -39.81 16.57 -2.62
C TYR D 147 -39.45 18.01 -2.26
N GLY D 148 -39.56 18.95 -3.19
CA GLY D 148 -39.25 20.32 -2.85
C GLY D 148 -38.54 21.11 -3.91
N LEU D 149 -37.81 20.43 -4.78
CA LEU D 149 -37.08 21.14 -5.83
C LEU D 149 -38.06 21.89 -6.74
N ILE D 150 -37.60 23.04 -7.21
CA ILE D 150 -38.37 23.90 -8.11
C ILE D 150 -37.96 23.56 -9.53
N PRO D 151 -38.72 22.74 -10.25
CA PRO D 151 -38.35 22.37 -11.62
C PRO D 151 -37.82 23.52 -12.45
N GLU D 152 -38.68 24.53 -12.64
CA GLU D 152 -38.40 25.73 -13.42
C GLU D 152 -36.91 25.92 -13.69
N GLU D 153 -36.17 26.42 -12.69
CA GLU D 153 -34.75 26.65 -12.86
C GLU D 153 -33.86 25.66 -12.13
N ASP D 154 -34.38 24.83 -11.23
CA ASP D 154 -33.50 23.83 -10.61
C ASP D 154 -32.95 22.94 -11.71
N ILE D 155 -33.80 22.68 -12.71
CA ILE D 155 -33.40 21.87 -13.85
C ILE D 155 -32.35 22.62 -14.67
N CYS D 156 -32.66 23.87 -15.03
CA CYS D 156 -31.71 24.69 -15.80
C CYS D 156 -30.39 24.79 -15.07
N PHE D 157 -30.42 24.78 -13.73
CA PHE D 157 -29.20 24.86 -12.94
C PHE D 157 -28.42 23.57 -13.02
N ILE D 158 -29.11 22.43 -12.95
CA ILE D 158 -28.43 21.14 -13.09
C ILE D 158 -27.71 21.10 -14.43
N LYS D 159 -28.44 21.47 -15.49
CA LYS D 159 -27.87 21.47 -16.82
C LYS D 159 -26.70 22.45 -16.91
N GLU D 160 -26.88 23.66 -16.36
CA GLU D 160 -25.81 24.67 -16.36
C GLU D 160 -24.59 24.17 -15.60
N GLN D 161 -24.80 23.30 -14.62
CA GLN D 161 -23.71 22.71 -13.86
C GLN D 161 -22.93 21.74 -14.73
N ILE D 162 -23.64 21.09 -15.64
CA ILE D 162 -23.01 20.12 -16.51
C ILE D 162 -22.24 20.77 -17.66
N VAL D 163 -22.69 21.93 -18.16
CA VAL D 163 -22.01 22.55 -19.30
C VAL D 163 -21.74 24.04 -19.17
N GLY D 164 -22.68 24.80 -18.60
CA GLY D 164 -22.52 26.22 -18.45
C GLY D 164 -23.81 26.93 -18.83
N PRO D 165 -23.79 28.28 -18.92
CA PRO D 165 -25.02 29.02 -19.27
C PRO D 165 -25.76 28.50 -20.49
N LEU D 166 -27.02 28.11 -20.31
CA LEU D 166 -27.84 27.57 -21.41
C LEU D 166 -28.00 28.63 -22.50
N ASP D 172 -20.35 42.00 -20.78
CA ASP D 172 -21.12 40.88 -20.25
C ASP D 172 -21.06 40.85 -18.72
N SER D 173 -22.22 40.79 -18.07
CA SER D 173 -22.27 40.71 -16.62
C SER D 173 -21.50 39.49 -16.12
N LEU D 174 -21.07 39.54 -14.86
CA LEU D 174 -20.31 38.44 -14.26
C LEU D 174 -21.21 37.34 -13.70
N TRP D 175 -22.29 37.01 -14.42
CA TRP D 175 -23.16 35.95 -13.96
C TRP D 175 -24.10 35.46 -15.07
N PRO D 176 -23.57 34.85 -16.14
CA PRO D 176 -24.46 34.31 -17.19
C PRO D 176 -25.30 33.19 -16.65
N TYR D 177 -24.92 32.63 -15.50
CA TYR D 177 -25.66 31.56 -14.85
C TYR D 177 -27.04 32.10 -14.49
N LYS D 178 -28.00 31.20 -14.40
CA LYS D 178 -29.37 31.61 -14.11
C LYS D 178 -29.97 30.82 -12.96
N GLY D 179 -29.96 29.49 -13.08
CA GLY D 179 -30.49 28.59 -12.06
C GLY D 179 -30.42 29.14 -10.65
N ARG D 180 -29.24 29.28 -10.09
CA ARG D 180 -29.06 29.81 -8.77
C ARG D 180 -28.23 31.09 -8.92
N PRO D 181 -28.22 31.97 -7.91
CA PRO D 181 -27.57 33.28 -8.04
C PRO D 181 -26.06 33.33 -7.85
N GLU D 182 -25.49 34.47 -8.28
CA GLU D 182 -24.05 34.68 -8.14
C GLU D 182 -23.63 34.61 -6.68
N ASN D 183 -24.52 35.02 -5.76
CA ASN D 183 -24.18 34.90 -4.34
C ASN D 183 -23.95 33.44 -3.98
N LYS D 184 -24.34 32.50 -4.85
CA LYS D 184 -24.15 31.07 -4.67
C LYS D 184 -23.25 30.53 -5.80
N SER D 185 -22.25 31.34 -6.23
CA SER D 185 -21.31 31.00 -7.30
C SER D 185 -20.28 29.95 -6.90
N PHE D 186 -20.46 29.27 -5.78
CA PHE D 186 -19.56 28.23 -5.33
C PHE D 186 -20.12 26.83 -5.61
N LEU D 187 -21.42 26.66 -5.39
CA LEU D 187 -22.07 25.36 -5.62
C LEU D 187 -21.82 24.87 -7.05
N TYR D 188 -21.93 25.76 -8.03
CA TYR D 188 -21.71 25.38 -9.42
C TYR D 188 -20.41 24.61 -9.59
N GLU D 189 -19.31 25.20 -9.12
CA GLU D 189 -18.00 24.61 -9.25
C GLU D 189 -17.91 23.16 -8.84
N ILE D 190 -18.76 22.73 -7.91
CA ILE D 190 -18.68 21.38 -7.40
C ILE D 190 -18.58 20.27 -8.45
N VAL D 191 -19.62 20.07 -9.27
CA VAL D 191 -19.56 18.98 -10.25
C VAL D 191 -18.60 19.22 -11.40
N SER D 192 -18.03 20.41 -11.51
CA SER D 192 -17.06 20.69 -12.57
C SER D 192 -16.33 21.96 -12.19
N ASN D 193 -15.03 21.84 -11.89
CA ASN D 193 -14.22 23.00 -11.52
C ASN D 193 -13.12 23.15 -12.56
N LYS D 194 -13.50 23.17 -13.84
CA LYS D 194 -12.55 23.32 -14.93
C LYS D 194 -11.61 24.51 -14.73
N ARG D 195 -11.86 25.28 -13.68
CA ARG D 195 -11.02 26.42 -13.30
C ARG D 195 -9.72 25.83 -12.75
N ASN D 196 -9.79 25.14 -11.60
CA ASN D 196 -8.63 24.53 -10.98
C ASN D 196 -8.57 23.02 -11.20
N GLY D 197 -9.39 22.47 -12.09
CA GLY D 197 -9.39 21.04 -12.35
C GLY D 197 -10.17 20.30 -11.28
N ILE D 198 -9.60 20.28 -10.07
CA ILE D 198 -10.18 19.65 -8.89
C ILE D 198 -11.71 19.69 -8.88
N ASP D 199 -12.34 18.57 -9.20
CA ASP D 199 -13.80 18.49 -9.19
C ASP D 199 -14.18 17.08 -8.75
N VAL D 200 -15.44 16.89 -8.36
CA VAL D 200 -15.87 15.56 -7.91
C VAL D 200 -15.75 14.54 -9.03
N ASP D 201 -16.03 14.96 -10.28
CA ASP D 201 -15.88 14.03 -11.40
C ASP D 201 -14.46 13.50 -11.24
N LYS D 202 -13.45 14.36 -11.45
CA LYS D 202 -12.05 13.98 -11.33
C LYS D 202 -11.77 13.10 -10.10
N TRP D 203 -12.37 13.42 -8.95
CA TRP D 203 -12.13 12.62 -7.75
C TRP D 203 -12.44 11.15 -7.99
N ASP D 204 -13.68 10.86 -8.40
CA ASP D 204 -14.02 9.46 -8.64
C ASP D 204 -13.31 8.94 -9.90
N TYR D 205 -13.25 9.77 -10.95
CA TYR D 205 -12.56 9.47 -12.20
C TYR D 205 -11.13 9.03 -11.96
N PHE D 206 -10.58 9.30 -10.76
CA PHE D 206 -9.23 8.90 -10.38
C PHE D 206 -9.26 7.70 -9.42
N ALA D 207 -10.08 7.78 -8.38
CA ALA D 207 -10.15 6.72 -7.40
C ALA D 207 -10.59 5.41 -8.01
N ARG D 208 -11.69 5.41 -8.76
CA ARG D 208 -12.21 4.17 -9.35
C ARG D 208 -11.22 3.59 -10.35
N ASP D 209 -10.76 4.42 -11.27
CA ASP D 209 -9.80 3.95 -12.25
C ASP D 209 -8.65 3.28 -11.54
N CYS D 210 -8.06 3.96 -10.57
CA CYS D 210 -6.95 3.36 -9.83
C CYS D 210 -7.29 1.99 -9.25
N HIS D 211 -8.45 1.91 -8.59
CA HIS D 211 -8.85 0.66 -7.97
C HIS D 211 -8.83 -0.49 -8.96
N HIS D 212 -9.42 -0.26 -10.13
CA HIS D 212 -9.46 -1.36 -11.09
C HIS D 212 -8.14 -1.53 -11.84
N LEU D 213 -7.73 -0.54 -12.60
CA LEU D 213 -6.50 -0.66 -13.38
C LEU D 213 -5.34 -1.31 -12.65
N GLY D 214 -5.28 -1.14 -11.34
CA GLY D 214 -4.19 -1.68 -10.56
C GLY D 214 -3.14 -0.66 -10.23
N ILE D 215 -3.48 0.63 -10.24
CA ILE D 215 -2.58 1.74 -9.91
C ILE D 215 -2.84 2.19 -8.49
N GLN D 216 -1.89 2.93 -7.91
CA GLN D 216 -1.99 3.40 -6.54
C GLN D 216 -2.49 4.84 -6.48
N ASN D 217 -3.47 5.08 -5.61
CA ASN D 217 -4.04 6.39 -5.38
C ASN D 217 -3.69 6.79 -3.96
N ASN D 218 -3.55 8.09 -3.74
CA ASN D 218 -3.22 8.65 -2.44
C ASN D 218 -4.31 9.59 -1.96
N PHE D 219 -4.77 10.49 -2.82
CA PHE D 219 -5.81 11.45 -2.49
C PHE D 219 -6.88 10.85 -1.59
N ASP D 220 -6.95 11.34 -0.34
CA ASP D 220 -7.94 10.92 0.64
C ASP D 220 -9.03 11.98 0.50
N TYR D 221 -9.90 11.77 -0.48
CA TYR D 221 -10.98 12.74 -0.77
C TYR D 221 -11.80 13.01 0.49
N LYS D 222 -12.07 11.96 1.26
CA LYS D 222 -12.83 12.08 2.52
C LYS D 222 -12.31 13.25 3.37
N ARG D 223 -11.01 13.26 3.64
CA ARG D 223 -10.43 14.34 4.41
C ARG D 223 -10.63 15.66 3.69
N PHE D 224 -10.18 15.75 2.44
CA PHE D 224 -10.33 16.98 1.68
C PHE D 224 -11.71 17.61 1.94
N ILE D 225 -12.76 16.79 2.02
CA ILE D 225 -14.08 17.35 2.31
C ILE D 225 -14.15 17.78 3.78
N LYS D 226 -13.71 16.89 4.69
CA LYS D 226 -13.71 17.21 6.12
C LYS D 226 -13.05 18.58 6.38
N PHE D 227 -11.98 18.87 5.66
CA PHE D 227 -11.25 20.14 5.79
C PHE D 227 -11.55 21.06 4.61
N ALA D 228 -12.79 21.05 4.15
CA ALA D 228 -13.24 21.88 3.05
C ALA D 228 -14.01 23.06 3.64
N ARG D 229 -13.94 24.19 2.95
CA ARG D 229 -14.62 25.40 3.41
C ARG D 229 -14.62 26.41 2.28
N VAL D 230 -15.76 27.08 2.08
CA VAL D 230 -15.86 28.07 1.00
C VAL D 230 -15.38 29.40 1.54
N CYS D 231 -14.63 30.15 0.73
CA CYS D 231 -14.11 31.43 1.19
C CYS D 231 -13.99 32.42 0.04
N GLU D 232 -13.55 33.63 0.40
CA GLU D 232 -13.38 34.70 -0.59
C GLU D 232 -12.16 34.43 -1.45
N VAL D 233 -12.27 34.80 -2.72
CA VAL D 233 -11.23 34.61 -3.73
C VAL D 233 -11.33 35.73 -4.74
N ASP D 234 -10.59 36.82 -4.51
CA ASP D 234 -10.62 37.99 -5.39
C ASP D 234 -12.06 38.43 -5.61
N ASN D 235 -12.83 38.46 -4.51
CA ASN D 235 -14.24 38.87 -4.52
C ASN D 235 -15.12 37.88 -5.30
N GLU D 236 -15.06 36.61 -4.93
CA GLU D 236 -15.87 35.58 -5.58
C GLU D 236 -15.91 34.43 -4.60
N LEU D 237 -17.04 33.73 -4.57
CA LEU D 237 -17.26 32.61 -3.66
C LEU D 237 -16.63 31.34 -4.22
N ARG D 238 -15.41 31.00 -3.79
CA ARG D 238 -14.78 29.79 -4.32
C ARG D 238 -14.48 28.82 -3.19
N ILE D 239 -14.60 27.52 -3.49
CA ILE D 239 -14.34 26.49 -2.49
C ILE D 239 -12.84 26.40 -2.23
N CYS D 240 -12.48 26.23 -0.97
CA CYS D 240 -11.10 26.16 -0.54
C CYS D 240 -10.94 25.00 0.44
N ALA D 241 -9.69 24.77 0.84
CA ALA D 241 -9.36 23.74 1.80
C ALA D 241 -8.18 24.26 2.61
N ARG D 242 -7.94 23.63 3.74
CA ARG D 242 -6.84 24.03 4.61
C ARG D 242 -5.52 23.99 3.87
N ASP D 243 -4.53 24.71 4.40
CA ASP D 243 -3.19 24.73 3.81
C ASP D 243 -2.39 23.50 4.22
N LYS D 244 -2.99 22.62 5.01
CA LYS D 244 -2.41 21.35 5.43
C LYS D 244 -2.81 20.28 4.43
N GLU D 245 -3.76 20.60 3.55
CA GLU D 245 -4.22 19.72 2.50
C GLU D 245 -3.35 19.87 1.26
N VAL D 246 -2.33 20.74 1.32
CA VAL D 246 -1.45 20.95 0.17
C VAL D 246 -0.78 19.65 -0.24
N GLY D 247 -0.42 18.80 0.74
CA GLY D 247 0.17 17.52 0.40
C GLY D 247 -0.86 16.61 -0.29
N ASN D 248 -2.07 16.54 0.28
CA ASN D 248 -3.12 15.75 -0.34
C ASN D 248 -3.30 16.19 -1.78
N LEU D 249 -3.16 17.48 -2.05
CA LEU D 249 -3.31 17.96 -3.40
C LEU D 249 -2.18 17.45 -4.27
N TYR D 250 -0.92 17.74 -3.91
CA TYR D 250 0.19 17.26 -4.73
C TYR D 250 0.05 15.76 -5.00
N ASP D 251 -0.40 15.01 -4.00
CA ASP D 251 -0.58 13.57 -4.16
C ASP D 251 -1.65 13.29 -5.22
N MET D 252 -2.85 13.86 -5.05
CA MET D 252 -3.90 13.65 -6.04
C MET D 252 -3.44 13.98 -7.45
N PHE D 253 -2.71 15.07 -7.62
CA PHE D 253 -2.23 15.39 -8.96
C PHE D 253 -1.24 14.33 -9.43
N HIS D 254 -0.48 13.73 -8.51
CA HIS D 254 0.40 12.65 -8.95
C HIS D 254 -0.45 11.51 -9.50
N THR D 255 -1.53 11.18 -8.80
CA THR D 255 -2.43 10.13 -9.26
C THR D 255 -3.04 10.49 -10.61
N ARG D 256 -3.39 11.76 -10.79
CA ARG D 256 -3.99 12.19 -12.06
C ARG D 256 -2.99 12.00 -13.20
N ASN D 257 -1.79 12.57 -13.03
CA ASN D 257 -0.76 12.46 -14.06
C ASN D 257 -0.41 11.00 -14.33
N SER D 258 -0.41 10.14 -13.31
CA SER D 258 -0.09 8.73 -13.54
C SER D 258 -1.21 8.02 -14.31
N LEU D 259 -2.46 8.25 -13.91
CA LEU D 259 -3.56 7.63 -14.65
C LEU D 259 -3.53 8.06 -16.10
N HIS D 260 -2.92 9.20 -16.42
CA HIS D 260 -2.83 9.58 -17.84
C HIS D 260 -1.67 8.84 -18.50
N ARG D 261 -0.48 9.00 -17.94
CA ARG D 261 0.72 8.38 -18.51
C ARG D 261 0.61 6.87 -18.65
N ARG D 262 -0.10 6.20 -17.75
CA ARG D 262 -0.17 4.75 -17.78
C ARG D 262 -1.34 4.20 -18.58
N ALA D 263 -2.54 4.68 -18.33
CA ALA D 263 -3.75 4.15 -18.93
C ALA D 263 -4.51 5.03 -19.91
N TYR D 264 -4.86 6.26 -19.54
CA TYR D 264 -5.63 7.09 -20.46
C TYR D 264 -4.90 7.28 -21.78
N GLN D 265 -3.59 7.49 -21.71
CA GLN D 265 -2.77 7.75 -22.88
C GLN D 265 -1.92 6.55 -23.24
N HIS D 266 -2.32 5.34 -22.81
CA HIS D 266 -1.57 4.14 -23.12
C HIS D 266 -1.48 4.00 -24.63
N LYS D 267 -0.35 3.51 -25.10
CA LYS D 267 -0.19 3.32 -26.54
C LYS D 267 -1.22 2.29 -27.03
N VAL D 268 -0.97 1.02 -26.71
CA VAL D 268 -1.83 -0.07 -27.17
C VAL D 268 -3.30 0.22 -26.93
N GLY D 269 -3.66 0.67 -25.75
CA GLY D 269 -5.06 0.96 -25.48
C GLY D 269 -5.64 1.91 -26.48
N ASN D 270 -4.90 2.97 -26.82
CA ASN D 270 -5.41 3.93 -27.79
C ASN D 270 -5.51 3.30 -29.16
N ILE D 271 -4.47 2.59 -29.61
CA ILE D 271 -4.56 1.92 -30.90
C ILE D 271 -5.84 1.11 -30.95
N ILE D 272 -6.03 0.22 -29.97
CA ILE D 272 -7.22 -0.62 -29.98
C ILE D 272 -8.47 0.25 -30.06
N ASP D 273 -8.42 1.45 -29.47
CA ASP D 273 -9.57 2.36 -29.55
C ASP D 273 -9.82 2.82 -30.97
N THR D 274 -8.76 3.14 -31.71
CA THR D 274 -8.95 3.57 -33.09
C THR D 274 -9.47 2.40 -33.92
N MET D 275 -9.03 1.18 -33.60
CA MET D 275 -9.50 0.01 -34.34
C MET D 275 -11.00 -0.13 -34.19
N ILE D 276 -11.47 0.00 -32.95
CA ILE D 276 -12.90 -0.09 -32.69
C ILE D 276 -13.64 1.03 -33.44
N THR D 277 -13.07 2.24 -33.46
CA THR D 277 -13.70 3.35 -34.18
C THR D 277 -13.84 3.04 -35.66
N ASP D 278 -12.74 2.58 -36.27
CA ASP D 278 -12.74 2.20 -37.68
C ASP D 278 -13.88 1.23 -37.95
N ALA D 279 -13.94 0.15 -37.19
CA ALA D 279 -14.99 -0.84 -37.42
C ALA D 279 -16.38 -0.22 -37.30
N PHE D 280 -16.62 0.48 -36.20
CA PHE D 280 -17.90 1.12 -35.98
C PHE D 280 -18.33 1.96 -37.17
N LEU D 281 -17.39 2.71 -37.74
CA LEU D 281 -17.69 3.59 -38.88
C LEU D 281 -17.96 2.79 -40.14
N LYS D 282 -17.30 1.64 -40.30
CA LYS D 282 -17.53 0.78 -41.44
C LYS D 282 -18.86 0.05 -41.33
N ALA D 283 -19.49 0.12 -40.17
CA ALA D 283 -20.81 -0.50 -40.00
C ALA D 283 -21.95 0.53 -40.11
N ASP D 284 -21.74 1.74 -39.58
CA ASP D 284 -22.74 2.80 -39.52
C ASP D 284 -23.72 2.78 -40.69
N ASP D 285 -23.22 2.74 -41.93
CA ASP D 285 -24.11 2.72 -43.09
C ASP D 285 -25.16 1.62 -42.96
N TYR D 286 -24.70 0.40 -42.67
CA TYR D 286 -25.53 -0.79 -42.56
C TYR D 286 -26.06 -1.05 -41.15
N ILE D 287 -26.00 -0.08 -40.28
CA ILE D 287 -26.50 -0.23 -38.93
C ILE D 287 -27.86 0.45 -38.86
N GLU D 288 -28.73 -0.04 -37.98
CA GLU D 288 -30.06 0.50 -37.81
C GLU D 288 -30.27 0.83 -36.33
N ILE D 289 -30.76 2.03 -36.07
CA ILE D 289 -31.03 2.53 -34.72
C ILE D 289 -32.36 3.27 -34.77
N THR D 290 -33.34 2.81 -33.99
CA THR D 290 -34.67 3.41 -33.96
C THR D 290 -34.84 4.34 -32.77
N GLY D 291 -35.30 5.57 -33.04
CA GLY D 291 -35.53 6.57 -32.01
C GLY D 291 -36.96 7.01 -31.83
N ALA D 292 -37.38 8.05 -32.55
CA ALA D 292 -38.74 8.57 -32.45
C ALA D 292 -39.72 7.60 -33.11
N GLY D 293 -40.06 6.54 -32.37
CA GLY D 293 -40.98 5.52 -32.85
C GLY D 293 -40.98 5.18 -34.32
N GLY D 294 -40.01 4.37 -34.75
CA GLY D 294 -39.93 3.97 -36.15
C GLY D 294 -38.84 4.71 -36.91
N LYS D 295 -38.75 6.02 -36.70
CA LYS D 295 -37.76 6.87 -37.34
C LYS D 295 -36.42 6.15 -37.35
N LYS D 296 -35.77 6.10 -38.51
CA LYS D 296 -34.50 5.42 -38.66
C LYS D 296 -33.31 6.36 -38.41
N TYR D 297 -32.22 5.77 -37.90
CA TYR D 297 -31.00 6.52 -37.60
C TYR D 297 -29.79 5.59 -37.66
N ARG D 298 -28.71 6.03 -38.33
CA ARG D 298 -27.46 5.26 -38.37
C ARG D 298 -26.66 5.69 -37.14
N ILE D 299 -25.47 5.11 -36.93
CA ILE D 299 -24.69 5.46 -35.75
C ILE D 299 -24.43 6.96 -35.66
N SER D 300 -23.59 7.48 -36.57
CA SER D 300 -23.26 8.90 -36.58
C SER D 300 -24.48 9.82 -36.45
N THR D 301 -25.68 9.29 -36.66
CA THR D 301 -26.90 10.09 -36.57
C THR D 301 -27.75 9.82 -35.35
N ALA D 302 -27.58 8.68 -34.66
CA ALA D 302 -28.41 8.39 -33.49
C ALA D 302 -28.28 9.45 -32.40
N ILE D 303 -27.17 10.19 -32.39
CA ILE D 303 -26.98 11.22 -31.38
C ILE D 303 -28.12 12.22 -31.41
N ASP D 304 -28.59 12.58 -32.60
CA ASP D 304 -29.65 13.56 -32.76
C ASP D 304 -30.93 13.18 -32.03
N ASP D 305 -31.12 11.91 -31.70
CA ASP D 305 -32.31 11.46 -30.99
C ASP D 305 -31.97 11.05 -29.56
N MET D 306 -32.91 11.32 -28.64
CA MET D 306 -32.76 10.98 -27.23
C MET D 306 -33.50 9.68 -26.91
N GLU D 307 -33.88 8.93 -27.94
CA GLU D 307 -34.49 7.62 -27.85
C GLU D 307 -33.67 6.63 -28.66
N ALA D 308 -32.82 7.11 -29.58
CA ALA D 308 -31.91 6.31 -30.39
C ALA D 308 -30.52 6.27 -29.78
N TYR D 309 -30.11 7.35 -29.13
CA TYR D 309 -28.81 7.41 -28.45
C TYR D 309 -28.90 6.67 -27.13
N THR D 310 -30.11 6.46 -26.61
CA THR D 310 -30.30 5.71 -25.38
C THR D 310 -30.01 4.23 -25.59
N LYS D 311 -29.83 3.83 -26.84
CA LYS D 311 -29.56 2.45 -27.23
C LYS D 311 -28.11 2.24 -27.67
N LEU D 312 -27.51 3.22 -28.34
CA LEU D 312 -26.14 3.14 -28.84
C LEU D 312 -25.17 3.14 -27.66
N THR D 313 -25.05 1.97 -27.02
CA THR D 313 -24.16 1.75 -25.88
C THR D 313 -22.88 1.13 -26.41
N ASP D 314 -22.55 -0.07 -25.94
CA ASP D 314 -21.38 -0.79 -26.41
C ASP D 314 -21.75 -2.10 -27.09
N ASN D 315 -23.03 -2.51 -27.04
CA ASN D 315 -23.41 -3.74 -27.71
C ASN D 315 -22.90 -3.72 -29.14
N ILE D 316 -23.03 -2.58 -29.80
CA ILE D 316 -22.61 -2.35 -31.18
C ILE D 316 -21.35 -3.13 -31.49
N PHE D 317 -20.45 -3.26 -30.52
CA PHE D 317 -19.24 -4.05 -30.73
C PHE D 317 -19.60 -5.51 -31.00
N LEU D 318 -20.20 -6.16 -30.00
CA LEU D 318 -20.62 -7.54 -30.13
C LEU D 318 -21.67 -7.72 -31.23
N GLU D 319 -22.31 -6.62 -31.66
CA GLU D 319 -23.26 -6.69 -32.76
C GLU D 319 -22.46 -6.90 -34.03
N ILE D 320 -21.59 -5.94 -34.34
CA ILE D 320 -20.72 -6.02 -35.49
C ILE D 320 -19.88 -7.28 -35.45
N LEU D 321 -19.77 -7.94 -34.29
CA LEU D 321 -18.97 -9.15 -34.12
C LEU D 321 -19.78 -10.44 -34.22
N TYR D 322 -20.93 -10.50 -33.57
CA TYR D 322 -21.78 -11.68 -33.59
C TYR D 322 -22.85 -11.52 -34.68
N SER D 323 -22.40 -11.57 -35.94
CA SER D 323 -23.32 -11.39 -37.06
C SER D 323 -22.82 -12.10 -38.30
N THR D 324 -23.68 -12.07 -39.37
CA THR D 324 -23.51 -12.74 -40.67
C THR D 324 -23.69 -11.89 -41.91
N ASP D 325 -24.61 -10.93 -41.90
CA ASP D 325 -24.86 -10.00 -43.00
C ASP D 325 -23.53 -9.60 -43.63
N PRO D 326 -23.21 -10.05 -44.84
CA PRO D 326 -21.91 -9.67 -45.43
C PRO D 326 -21.69 -8.19 -45.55
N LYS D 327 -22.74 -7.37 -45.38
CA LYS D 327 -22.57 -5.93 -45.48
C LYS D 327 -21.51 -5.42 -44.51
N LEU D 328 -21.70 -5.72 -43.21
CA LEU D 328 -20.78 -5.26 -42.17
C LEU D 328 -19.42 -5.92 -42.27
N LYS D 329 -19.40 -7.25 -42.40
CA LYS D 329 -18.23 -8.10 -42.45
C LYS D 329 -16.89 -7.38 -42.28
N ASP D 330 -16.40 -6.66 -43.29
CA ASP D 330 -15.11 -5.97 -43.18
C ASP D 330 -14.92 -5.38 -41.79
N ALA D 331 -15.96 -4.71 -41.26
CA ALA D 331 -15.88 -4.18 -39.91
C ALA D 331 -15.71 -5.32 -38.91
N ARG D 332 -16.60 -6.31 -39.00
CA ARG D 332 -16.50 -7.50 -38.17
C ARG D 332 -15.07 -8.05 -38.22
N GLU D 333 -14.45 -8.02 -39.39
CA GLU D 333 -13.09 -8.53 -39.48
C GLU D 333 -12.13 -7.68 -38.68
N ILE D 334 -12.36 -6.37 -38.64
CA ILE D 334 -11.50 -5.49 -37.83
C ILE D 334 -11.56 -5.92 -36.35
N LEU D 335 -12.77 -6.11 -35.85
CA LEU D 335 -12.93 -6.59 -34.49
C LEU D 335 -12.18 -7.92 -34.30
N LYS D 336 -12.30 -8.84 -35.26
CA LYS D 336 -11.60 -10.11 -35.16
C LYS D 336 -10.10 -9.93 -35.12
N GLN D 337 -9.61 -8.83 -35.71
CA GLN D 337 -8.18 -8.53 -35.64
C GLN D 337 -7.83 -8.13 -34.21
N ILE D 338 -8.78 -7.51 -33.51
CA ILE D 338 -8.52 -7.20 -32.11
C ILE D 338 -8.46 -8.50 -31.31
N GLU D 339 -9.40 -9.40 -31.58
CA GLU D 339 -9.47 -10.66 -30.84
C GLU D 339 -8.21 -11.52 -31.03
N TYR D 340 -7.61 -11.49 -32.20
CA TYR D 340 -6.41 -12.26 -32.48
C TYR D 340 -5.15 -11.48 -32.14
N ARG D 341 -5.32 -10.25 -31.68
CA ARG D 341 -4.23 -9.37 -31.32
C ARG D 341 -3.30 -9.09 -32.49
N ASN D 342 -3.88 -8.75 -33.62
CA ASN D 342 -3.14 -8.34 -34.82
C ASN D 342 -3.48 -6.87 -34.99
N LEU D 343 -3.09 -6.09 -33.99
CA LEU D 343 -3.42 -4.67 -33.90
C LEU D 343 -2.67 -3.81 -34.92
N PHE D 344 -3.27 -2.65 -35.20
CA PHE D 344 -2.66 -1.69 -36.10
C PHE D 344 -1.25 -1.39 -35.59
N LYS D 345 -0.23 -1.58 -36.43
CA LYS D 345 1.12 -1.29 -35.97
C LYS D 345 1.24 0.21 -35.74
N TYR D 346 2.05 0.59 -34.77
CA TYR D 346 2.21 1.99 -34.39
C TYR D 346 3.40 2.62 -35.08
N VAL D 347 3.13 3.63 -35.89
CA VAL D 347 4.19 4.33 -36.59
C VAL D 347 4.84 5.30 -35.65
N GLY D 348 4.18 6.43 -35.40
CA GLY D 348 4.75 7.42 -34.51
C GLY D 348 3.71 8.32 -33.88
N GLU D 349 4.19 9.20 -33.01
CA GLU D 349 3.32 10.14 -32.31
C GLU D 349 4.02 11.49 -32.30
N THR D 350 3.24 12.55 -32.58
CA THR D 350 3.76 13.90 -32.70
C THR D 350 2.99 14.89 -31.84
N GLN D 351 3.63 16.07 -31.67
CA GLN D 351 3.16 17.24 -30.92
C GLN D 351 3.09 18.48 -31.80
N PRO D 352 2.00 19.24 -31.77
CA PRO D 352 1.91 20.42 -32.62
C PRO D 352 2.83 21.57 -32.23
N THR D 353 3.96 21.74 -32.93
CA THR D 353 4.87 22.85 -32.66
C THR D 353 4.19 24.12 -33.15
N GLY D 354 3.68 24.91 -32.22
CA GLY D 354 2.93 26.11 -32.49
C GLY D 354 1.59 26.04 -31.80
N GLN D 355 0.94 27.21 -31.76
CA GLN D 355 -0.35 27.28 -31.09
C GLN D 355 -1.47 26.68 -31.96
N ILE D 356 -1.31 26.70 -33.29
CA ILE D 356 -2.30 26.08 -34.15
C ILE D 356 -2.41 24.61 -33.75
N LYS D 357 -3.64 24.14 -33.54
CA LYS D 357 -3.88 22.76 -33.11
C LYS D 357 -5.00 22.12 -33.90
N ILE D 358 -4.78 20.88 -34.36
CA ILE D 358 -5.78 20.17 -35.14
C ILE D 358 -7.08 20.02 -34.36
N LYS D 359 -8.20 20.19 -35.04
CA LYS D 359 -9.52 20.11 -34.43
C LYS D 359 -10.36 18.95 -34.95
N ARG D 360 -11.38 18.62 -34.14
CA ARG D 360 -12.31 17.54 -34.47
C ARG D 360 -12.83 17.64 -35.90
N GLU D 361 -13.07 18.86 -36.39
CA GLU D 361 -13.56 19.01 -37.75
C GLU D 361 -12.54 18.56 -38.78
N ASP D 362 -11.28 18.92 -38.60
CA ASP D 362 -10.19 18.60 -39.51
C ASP D 362 -9.64 17.19 -39.33
N TYR D 363 -10.31 16.36 -38.54
CA TYR D 363 -9.81 15.01 -38.29
C TYR D 363 -9.87 14.12 -39.52
N GLU D 364 -11.08 13.90 -40.05
CA GLU D 364 -11.25 13.02 -41.19
C GLU D 364 -10.24 13.28 -42.29
N SER D 365 -9.61 14.44 -42.31
CA SER D 365 -8.61 14.76 -43.32
C SER D 365 -7.22 14.27 -42.96
N LEU D 366 -6.93 14.05 -41.68
CA LEU D 366 -5.59 13.59 -41.29
C LEU D 366 -5.10 12.37 -42.05
N PRO D 367 -5.90 11.32 -42.28
CA PRO D 367 -5.38 10.15 -43.04
C PRO D 367 -5.03 10.49 -44.48
N LYS D 368 -5.98 11.08 -45.21
CA LYS D 368 -5.73 11.47 -46.60
C LYS D 368 -4.53 12.40 -46.65
N GLU D 369 -4.39 13.29 -45.66
CA GLU D 369 -3.26 14.21 -45.61
C GLU D 369 -1.94 13.44 -45.53
N VAL D 370 -1.84 12.53 -44.56
CA VAL D 370 -0.61 11.74 -44.45
C VAL D 370 -0.33 11.07 -45.79
N ALA D 371 -1.35 10.44 -46.37
CA ALA D 371 -1.20 9.76 -47.66
C ALA D 371 -0.83 10.71 -48.79
N SER D 372 -1.12 12.00 -48.64
CA SER D 372 -0.77 12.98 -49.65
C SER D 372 0.71 13.32 -49.59
N ALA D 373 1.35 13.12 -48.43
CA ALA D 373 2.77 13.41 -48.24
C ALA D 373 3.60 12.88 -49.40
N LYS D 374 4.80 13.44 -49.57
CA LYS D 374 5.69 13.05 -50.66
C LYS D 374 7.10 12.88 -50.11
N PRO D 375 7.34 11.78 -49.38
CA PRO D 375 8.70 11.53 -48.84
C PRO D 375 9.75 11.74 -49.91
N LYS D 376 10.62 12.76 -49.74
CA LYS D 376 11.67 13.02 -50.72
C LYS D 376 12.27 11.70 -51.18
N VAL D 377 12.57 10.81 -50.22
CA VAL D 377 13.10 9.51 -50.56
C VAL D 377 12.02 8.74 -51.31
N LEU D 378 12.39 8.08 -52.41
CA LEU D 378 11.42 7.31 -53.20
C LEU D 378 11.00 6.08 -52.40
N LEU D 379 9.69 5.92 -52.20
CA LEU D 379 9.14 4.85 -51.40
C LEU D 379 9.11 3.51 -52.15
N ASP D 380 9.11 2.44 -51.36
CA ASP D 380 9.04 1.08 -51.87
C ASP D 380 7.61 0.59 -52.00
N VAL D 381 6.66 1.24 -51.32
CA VAL D 381 5.26 0.86 -51.37
C VAL D 381 4.44 2.13 -51.22
N LYS D 382 3.29 2.16 -51.88
CA LYS D 382 2.39 3.31 -51.84
C LYS D 382 1.14 2.95 -51.06
N LEU D 383 0.82 3.78 -50.05
CA LEU D 383 -0.32 3.59 -49.17
C LEU D 383 -1.34 4.71 -49.37
N LYS D 384 -2.43 4.64 -48.59
CA LYS D 384 -3.52 5.62 -48.69
C LYS D 384 -4.35 5.54 -47.43
N ALA D 385 -5.25 6.52 -47.29
CA ALA D 385 -6.13 6.66 -46.14
C ALA D 385 -6.46 5.38 -45.39
N GLU D 386 -7.33 4.54 -45.92
CA GLU D 386 -7.69 3.30 -45.22
C GLU D 386 -6.47 2.60 -44.64
N ASP D 387 -5.29 2.82 -45.22
CA ASP D 387 -4.03 2.28 -44.71
C ASP D 387 -3.35 3.48 -44.03
N PHE D 388 -3.74 3.79 -42.79
CA PHE D 388 -3.22 4.91 -42.01
C PHE D 388 -4.28 5.44 -41.05
N ILE D 389 -4.08 5.35 -39.74
CA ILE D 389 -5.04 5.83 -38.75
C ILE D 389 -4.37 6.93 -37.91
N VAL D 390 -5.15 7.96 -37.56
CA VAL D 390 -4.70 9.12 -36.79
C VAL D 390 -5.56 9.30 -35.54
N ASP D 391 -4.92 9.23 -34.37
CA ASP D 391 -5.57 9.36 -33.08
C ASP D 391 -5.26 10.72 -32.46
N VAL D 392 -6.22 11.35 -31.83
CA VAL D 392 -5.99 12.65 -31.19
C VAL D 392 -6.23 12.51 -29.70
N ILE D 393 -5.16 12.68 -28.92
CA ILE D 393 -5.16 12.60 -27.47
C ILE D 393 -4.85 14.00 -26.98
N ASN D 394 -5.79 14.63 -26.29
CA ASN D 394 -5.59 15.97 -25.76
C ASN D 394 -5.53 15.94 -24.24
N MET D 395 -4.49 16.54 -23.67
CA MET D 395 -4.34 16.62 -22.22
C MET D 395 -5.61 17.26 -21.65
N ASP D 396 -6.47 16.46 -21.01
CA ASP D 396 -7.73 16.97 -20.47
C ASP D 396 -7.50 18.22 -19.61
N TYR D 397 -8.55 19.06 -19.52
CA TYR D 397 -8.53 20.32 -18.76
C TYR D 397 -7.15 20.98 -18.90
N GLY D 398 -6.58 20.94 -20.10
CA GLY D 398 -5.28 21.54 -20.34
C GLY D 398 -4.31 21.23 -19.22
N MET D 399 -4.04 19.94 -19.01
CA MET D 399 -3.16 19.52 -17.96
C MET D 399 -1.74 20.02 -18.14
N GLN D 400 -1.48 21.24 -17.70
CA GLN D 400 -0.17 21.83 -17.79
C GLN D 400 0.17 22.22 -16.35
N GLU D 401 -0.41 23.34 -15.89
CA GLU D 401 -0.21 23.86 -14.54
C GLU D 401 0.92 23.11 -13.84
N LYS D 402 2.16 23.30 -14.32
CA LYS D 402 3.33 22.61 -13.78
C LYS D 402 3.17 22.43 -12.28
N ASN D 403 2.66 23.46 -11.62
CA ASN D 403 2.39 23.39 -10.19
C ASN D 403 0.86 23.36 -10.11
N PRO D 404 0.24 22.21 -9.85
CA PRO D 404 -1.23 22.17 -9.80
C PRO D 404 -1.85 22.97 -8.66
N ILE D 405 -1.13 23.13 -7.54
CA ILE D 405 -1.64 23.88 -6.40
C ILE D 405 -1.94 25.33 -6.78
N ASP D 406 -1.44 25.78 -7.92
CA ASP D 406 -1.64 27.12 -8.44
C ASP D 406 -3.08 27.30 -8.87
N HIS D 407 -4.04 27.00 -7.98
CA HIS D 407 -5.46 27.12 -8.31
C HIS D 407 -6.38 26.53 -7.24
N VAL D 408 -5.82 25.84 -6.24
CA VAL D 408 -6.65 25.23 -5.20
C VAL D 408 -7.18 26.27 -4.23
N SER D 409 -6.33 27.22 -3.80
CA SER D 409 -6.75 28.24 -2.85
C SER D 409 -6.88 27.62 -1.46
N PHE D 410 -6.19 28.20 -0.47
CA PHE D 410 -6.16 27.69 0.89
C PHE D 410 -6.68 28.68 1.93
N TYR D 411 -6.96 28.15 3.12
CA TYR D 411 -7.48 28.89 4.26
C TYR D 411 -6.84 28.34 5.52
N CYS D 412 -6.58 29.22 6.49
CA CYS D 412 -5.92 28.86 7.74
C CYS D 412 -6.89 28.64 8.89
N LYS D 413 -6.40 27.94 9.93
CA LYS D 413 -7.22 27.65 11.10
C LYS D 413 -7.45 28.88 11.95
N THR D 414 -6.43 29.73 12.09
CA THR D 414 -6.55 30.95 12.87
C THR D 414 -7.22 32.07 12.07
N ALA D 415 -7.31 31.91 10.75
CA ALA D 415 -7.93 32.87 9.84
C ALA D 415 -8.79 32.06 8.87
N PRO D 416 -10.02 31.72 9.28
CA PRO D 416 -10.87 30.88 8.42
C PRO D 416 -11.49 31.49 7.17
N ASN D 417 -12.21 32.59 7.27
CA ASN D 417 -12.89 33.13 6.10
C ASN D 417 -11.95 33.80 5.08
N ARG D 418 -10.89 34.45 5.53
CA ARG D 418 -9.99 35.09 4.59
C ARG D 418 -9.23 34.05 3.76
N ALA D 419 -8.47 34.55 2.77
CA ALA D 419 -7.69 33.68 1.88
C ALA D 419 -6.22 33.74 2.25
N ILE D 420 -5.61 32.57 2.43
CA ILE D 420 -4.19 32.47 2.79
C ILE D 420 -3.37 33.17 1.71
N GLU D 437 0.59 20.18 -25.48
CA GLU D 437 -0.68 19.99 -24.77
C GLU D 437 -1.66 19.14 -25.57
N GLN D 438 -1.28 18.85 -26.81
CA GLN D 438 -2.05 18.04 -27.75
C GLN D 438 -1.08 17.00 -28.30
N LEU D 439 -1.51 15.73 -28.36
CA LEU D 439 -0.71 14.62 -28.85
C LEU D 439 -1.48 13.83 -29.89
N ILE D 440 -0.94 13.75 -31.11
CA ILE D 440 -1.60 13.00 -32.16
C ILE D 440 -0.73 11.80 -32.48
N ARG D 441 -1.38 10.71 -32.84
CA ARG D 441 -0.74 9.45 -33.12
C ARG D 441 -1.05 9.00 -34.54
N VAL D 442 -0.12 8.23 -35.10
CA VAL D 442 -0.22 7.67 -36.45
C VAL D 442 0.16 6.18 -36.38
N TYR D 443 -0.79 5.32 -36.77
CA TYR D 443 -0.59 3.88 -36.80
C TYR D 443 -0.83 3.41 -38.23
N CYS D 444 -0.10 2.37 -38.65
CA CYS D 444 -0.24 1.80 -40.00
C CYS D 444 -1.10 0.54 -39.92
N LYS D 445 -2.12 0.46 -40.78
CA LYS D 445 -3.01 -0.70 -40.80
C LYS D 445 -2.33 -1.93 -41.41
N LYS D 446 -1.20 -1.74 -42.10
CA LYS D 446 -0.40 -2.78 -42.73
C LYS D 446 0.81 -3.03 -41.81
N VAL D 447 1.25 -4.28 -41.74
CA VAL D 447 2.34 -4.61 -40.82
C VAL D 447 3.56 -5.24 -41.46
N ASP D 448 3.56 -5.53 -42.76
CA ASP D 448 4.79 -6.08 -43.32
C ASP D 448 5.88 -5.07 -43.05
N ARG D 449 6.99 -5.50 -42.42
CA ARG D 449 8.08 -4.58 -42.10
C ARG D 449 8.34 -3.54 -43.20
N LYS D 450 8.37 -3.99 -44.47
CA LYS D 450 8.57 -3.09 -45.59
C LYS D 450 7.64 -1.87 -45.48
N SER D 451 6.34 -2.12 -45.49
CA SER D 451 5.37 -1.03 -45.40
C SER D 451 5.49 -0.22 -44.11
N LEU D 452 5.99 -0.81 -43.02
CA LEU D 452 6.14 -0.01 -41.81
C LEU D 452 7.21 1.03 -42.03
N TYR D 453 8.33 0.65 -42.64
CA TYR D 453 9.36 1.64 -42.94
C TYR D 453 8.74 2.71 -43.84
N ALA D 454 7.85 2.28 -44.73
CA ALA D 454 7.15 3.21 -45.62
C ALA D 454 6.43 4.28 -44.82
N ALA D 455 5.52 3.85 -43.94
CA ALA D 455 4.78 4.80 -43.12
C ALA D 455 5.74 5.64 -42.29
N ARG D 456 6.94 5.12 -41.96
CA ARG D 456 7.87 5.97 -41.21
C ARG D 456 8.29 7.15 -42.09
N GLN D 457 8.55 6.89 -43.37
CA GLN D 457 8.89 7.99 -44.29
C GLN D 457 7.72 8.97 -44.36
N TYR D 458 6.53 8.43 -44.65
CA TYR D 458 5.31 9.23 -44.74
C TYR D 458 5.15 10.12 -43.50
N PHE D 459 5.51 9.60 -42.33
CA PHE D 459 5.38 10.32 -41.08
C PHE D 459 6.42 11.41 -40.95
N VAL D 460 7.70 11.01 -40.92
CA VAL D 460 8.82 11.94 -40.82
C VAL D 460 8.48 13.16 -41.67
N GLN D 461 7.91 12.93 -42.86
CA GLN D 461 7.54 14.05 -43.71
C GLN D 461 6.28 14.74 -43.18
N TRP D 462 5.09 14.14 -43.37
CA TRP D 462 3.84 14.77 -42.94
C TRP D 462 3.97 15.63 -41.70
N CYS D 463 4.64 15.12 -40.67
CA CYS D 463 4.83 15.89 -39.44
C CYS D 463 5.53 17.21 -39.74
N ALA D 464 6.75 17.13 -40.26
CA ALA D 464 7.49 18.34 -40.60
C ALA D 464 6.71 19.23 -41.56
N ASP D 465 5.95 18.62 -42.46
CA ASP D 465 5.13 19.35 -43.42
C ASP D 465 4.09 20.22 -42.69
N ARG D 466 3.28 19.59 -41.83
CA ARG D 466 2.29 20.33 -41.05
C ARG D 466 2.94 21.13 -39.93
N ASN D 467 4.28 21.14 -39.87
CA ASN D 467 5.05 21.89 -38.88
C ASN D 467 4.83 21.34 -37.49
N PHE D 468 5.20 20.08 -37.29
CA PHE D 468 5.05 19.41 -36.01
C PHE D 468 6.43 19.01 -35.51
N THR D 469 6.43 18.46 -34.28
CA THR D 469 7.66 18.04 -33.64
C THR D 469 8.36 16.93 -34.42
N LYS D 470 9.62 17.16 -34.77
CA LYS D 470 10.39 16.15 -35.48
C LYS D 470 10.37 14.90 -34.58
N PRO D 471 10.10 13.73 -35.12
CA PRO D 471 9.99 12.55 -34.26
C PRO D 471 11.29 11.78 -34.02
N GLN D 472 11.17 10.78 -33.14
CA GLN D 472 12.27 9.91 -32.77
C GLN D 472 11.63 8.53 -32.57
#